data_4LQR
# 
_entry.id   4LQR 
# 
_audit_conform.dict_name       mmcif_pdbx.dic 
_audit_conform.dict_version    5.379 
_audit_conform.dict_location   http://mmcif.pdb.org/dictionaries/ascii/mmcif_pdbx.dic 
# 
loop_
_database_2.database_id 
_database_2.database_code 
_database_2.pdbx_database_accession 
_database_2.pdbx_DOI 
PDB   4LQR         pdb_00004lqr 10.2210/pdb4lqr/pdb 
RCSB  RCSB080967   ?            ?                   
WWPDB D_1000080967 ?            ?                   
# 
loop_
_pdbx_database_related.db_name 
_pdbx_database_related.db_id 
_pdbx_database_related.details 
_pdbx_database_related.content_type 
PDB 4LKS 'galactose-bound structure of CBM32-3' unspecified 
PDB 4LPL 'CBM32-1 from same enzyme'             unspecified 
# 
_pdbx_database_status.entry_id                        4LQR 
_pdbx_database_status.deposit_site                    RCSB 
_pdbx_database_status.process_site                    RCSB 
_pdbx_database_status.recvd_initial_deposition_date   2013-07-19 
_pdbx_database_status.status_code                     REL 
_pdbx_database_status.status_code_sf                  REL 
_pdbx_database_status.status_code_mr                  ? 
_pdbx_database_status.SG_entry                        ? 
_pdbx_database_status.status_code_cs                  ? 
_pdbx_database_status.methods_development_category    ? 
_pdbx_database_status.pdb_format_compatible           Y 
_pdbx_database_status.status_code_nmr_data            ? 
# 
loop_
_audit_author.name 
_audit_author.pdbx_ordinal 
'Grondin, J.M.'   1 
'Furness, H.S.'   2 
'Duan, D.'        3 
'Spencer, C.A.'   4 
'Allingham, J.S.' 5 
'Smith, S.P.'     6 
# 
_citation.id                        primary 
_citation.title                     
'Diverse modes of galacto-specific carbohydrate recognition by a family 31 glycoside hydrolase from Clostridium perfringens.' 
_citation.journal_abbrev            'Plos One' 
_citation.journal_volume            12 
_citation.page_first                e0171606 
_citation.page_last                 e0171606 
_citation.year                      2017 
_citation.journal_id_ASTM           ? 
_citation.country                   US 
_citation.journal_id_ISSN           1932-6203 
_citation.journal_id_CSD            ? 
_citation.book_publisher            ? 
_citation.pdbx_database_id_PubMed   28158290 
_citation.pdbx_database_id_DOI      10.1371/journal.pone.0171606 
# 
loop_
_citation_author.citation_id 
_citation_author.name 
_citation_author.ordinal 
_citation_author.identifier_ORCID 
primary 'Grondin, J.M.'    1  ? 
primary 'Duan, D.'         2  ? 
primary 'Kirlin, A.C.'     3  ? 
primary 'Abe, K.T.'        4  ? 
primary 'Chitayat, S.'     5  ? 
primary 'Spencer, H.L.'    6  ? 
primary 'Spencer, C.'      7  ? 
primary 'Campigotto, A.'   8  ? 
primary 'Houliston, S.'    9  ? 
primary 'Arrowsmith, C.H.' 10 ? 
primary 'Allingham, J.S.'  11 ? 
primary 'Boraston, A.B.'   12 ? 
primary 'Smith, S.P.'      13 ? 
# 
_cell.length_a           38.766 
_cell.length_b           52.562 
_cell.length_c           70.169 
_cell.angle_alpha        90.000 
_cell.angle_beta         90.000 
_cell.angle_gamma        90.000 
_cell.entry_id           4LQR 
_cell.pdbx_unique_axis   ? 
_cell.Z_PDB              4 
_cell.length_a_esd       ? 
_cell.length_b_esd       ? 
_cell.length_c_esd       ? 
_cell.angle_alpha_esd    ? 
_cell.angle_beta_esd     ? 
_cell.angle_gamma_esd    ? 
# 
_symmetry.space_group_name_H-M             'P 21 21 21' 
_symmetry.entry_id                         4LQR 
_symmetry.pdbx_full_space_group_name_H-M   ? 
_symmetry.Int_Tables_number                19 
_symmetry.cell_setting                     ? 
_symmetry.space_group_name_Hall            ? 
# 
loop_
_entity.id 
_entity.type 
_entity.src_method 
_entity.pdbx_description 
_entity.formula_weight 
_entity.pdbx_number_of_molecules 
_entity.pdbx_ec 
_entity.pdbx_mutation 
_entity.pdbx_fragment 
_entity.details 
1 polymer     man 'Glycosyl hydrolase, family 31/fibronectin type III domain protein' 18993.844 1   ? ? 
'CBM32-3, UNP residues 1640-1785' ? 
2 non-polymer syn 'CALCIUM ION'                                                       40.078    2   ? ? ? ? 
3 water       nat water                                                               18.015    193 ? ? ? ? 
# 
_entity_poly.entity_id                      1 
_entity_poly.type                           'polypeptide(L)' 
_entity_poly.nstd_linkage                   no 
_entity_poly.nstd_monomer                   no 
_entity_poly.pdbx_seq_one_letter_code       
;MHHHHHHITSLYKKAGSEFALDSSKLEAIYATSEADRDYKENAVDGDENTIWHSAYQAADKLPVSITIKLDKAYDLNQID
YLPRQNSRNGHVTEYKIETSLDNENWTEVRTGNLEVNEAGNALANRGYNPIRFNTINAQYLRFTALKTLGDTNNKYASAA
ELVFYGK
;
_entity_poly.pdbx_seq_one_letter_code_can   
;MHHHHHHITSLYKKAGSEFALDSSKLEAIYATSEADRDYKENAVDGDENTIWHSAYQAADKLPVSITIKLDKAYDLNQID
YLPRQNSRNGHVTEYKIETSLDNENWTEVRTGNLEVNEAGNALANRGYNPIRFNTINAQYLRFTALKTLGDTNNKYASAA
ELVFYGK
;
_entity_poly.pdbx_strand_id                 A 
_entity_poly.pdbx_target_identifier         ? 
# 
loop_
_entity_poly_seq.entity_id 
_entity_poly_seq.num 
_entity_poly_seq.mon_id 
_entity_poly_seq.hetero 
1 1   MET n 
1 2   HIS n 
1 3   HIS n 
1 4   HIS n 
1 5   HIS n 
1 6   HIS n 
1 7   HIS n 
1 8   ILE n 
1 9   THR n 
1 10  SER n 
1 11  LEU n 
1 12  TYR n 
1 13  LYS n 
1 14  LYS n 
1 15  ALA n 
1 16  GLY n 
1 17  SER n 
1 18  GLU n 
1 19  PHE n 
1 20  ALA n 
1 21  LEU n 
1 22  ASP n 
1 23  SER n 
1 24  SER n 
1 25  LYS n 
1 26  LEU n 
1 27  GLU n 
1 28  ALA n 
1 29  ILE n 
1 30  TYR n 
1 31  ALA n 
1 32  THR n 
1 33  SER n 
1 34  GLU n 
1 35  ALA n 
1 36  ASP n 
1 37  ARG n 
1 38  ASP n 
1 39  TYR n 
1 40  LYS n 
1 41  GLU n 
1 42  ASN n 
1 43  ALA n 
1 44  VAL n 
1 45  ASP n 
1 46  GLY n 
1 47  ASP n 
1 48  GLU n 
1 49  ASN n 
1 50  THR n 
1 51  ILE n 
1 52  TRP n 
1 53  HIS n 
1 54  SER n 
1 55  ALA n 
1 56  TYR n 
1 57  GLN n 
1 58  ALA n 
1 59  ALA n 
1 60  ASP n 
1 61  LYS n 
1 62  LEU n 
1 63  PRO n 
1 64  VAL n 
1 65  SER n 
1 66  ILE n 
1 67  THR n 
1 68  ILE n 
1 69  LYS n 
1 70  LEU n 
1 71  ASP n 
1 72  LYS n 
1 73  ALA n 
1 74  TYR n 
1 75  ASP n 
1 76  LEU n 
1 77  ASN n 
1 78  GLN n 
1 79  ILE n 
1 80  ASP n 
1 81  TYR n 
1 82  LEU n 
1 83  PRO n 
1 84  ARG n 
1 85  GLN n 
1 86  ASN n 
1 87  SER n 
1 88  ARG n 
1 89  ASN n 
1 90  GLY n 
1 91  HIS n 
1 92  VAL n 
1 93  THR n 
1 94  GLU n 
1 95  TYR n 
1 96  LYS n 
1 97  ILE n 
1 98  GLU n 
1 99  THR n 
1 100 SER n 
1 101 LEU n 
1 102 ASP n 
1 103 ASN n 
1 104 GLU n 
1 105 ASN n 
1 106 TRP n 
1 107 THR n 
1 108 GLU n 
1 109 VAL n 
1 110 ARG n 
1 111 THR n 
1 112 GLY n 
1 113 ASN n 
1 114 LEU n 
1 115 GLU n 
1 116 VAL n 
1 117 ASN n 
1 118 GLU n 
1 119 ALA n 
1 120 GLY n 
1 121 ASN n 
1 122 ALA n 
1 123 LEU n 
1 124 ALA n 
1 125 ASN n 
1 126 ARG n 
1 127 GLY n 
1 128 TYR n 
1 129 ASN n 
1 130 PRO n 
1 131 ILE n 
1 132 ARG n 
1 133 PHE n 
1 134 ASN n 
1 135 THR n 
1 136 ILE n 
1 137 ASN n 
1 138 ALA n 
1 139 GLN n 
1 140 TYR n 
1 141 LEU n 
1 142 ARG n 
1 143 PHE n 
1 144 THR n 
1 145 ALA n 
1 146 LEU n 
1 147 LYS n 
1 148 THR n 
1 149 LEU n 
1 150 GLY n 
1 151 ASP n 
1 152 THR n 
1 153 ASN n 
1 154 ASN n 
1 155 LYS n 
1 156 TYR n 
1 157 ALA n 
1 158 SER n 
1 159 ALA n 
1 160 ALA n 
1 161 GLU n 
1 162 LEU n 
1 163 VAL n 
1 164 PHE n 
1 165 TYR n 
1 166 GLY n 
1 167 LYS n 
# 
_entity_src_gen.entity_id                          1 
_entity_src_gen.pdbx_src_id                        1 
_entity_src_gen.pdbx_alt_source_flag               sample 
_entity_src_gen.pdbx_seq_type                      ? 
_entity_src_gen.pdbx_beg_seq_num                   ? 
_entity_src_gen.pdbx_end_seq_num                   ? 
_entity_src_gen.gene_src_common_name               ? 
_entity_src_gen.gene_src_genus                     ? 
_entity_src_gen.pdbx_gene_src_gene                 CPF_1301 
_entity_src_gen.gene_src_species                   ? 
_entity_src_gen.gene_src_strain                    'ATCC 13124' 
_entity_src_gen.gene_src_tissue                    ? 
_entity_src_gen.gene_src_tissue_fraction           ? 
_entity_src_gen.gene_src_details                   ? 
_entity_src_gen.pdbx_gene_src_fragment             ? 
_entity_src_gen.pdbx_gene_src_scientific_name      'Clostridium perfringens' 
_entity_src_gen.pdbx_gene_src_ncbi_taxonomy_id     195103 
_entity_src_gen.pdbx_gene_src_variant              ? 
_entity_src_gen.pdbx_gene_src_cell_line            ? 
_entity_src_gen.pdbx_gene_src_atcc                 ? 
_entity_src_gen.pdbx_gene_src_organ                ? 
_entity_src_gen.pdbx_gene_src_organelle            ? 
_entity_src_gen.pdbx_gene_src_cell                 ? 
_entity_src_gen.pdbx_gene_src_cellular_location    ? 
_entity_src_gen.host_org_common_name               ? 
_entity_src_gen.pdbx_host_org_scientific_name      'Escherichia coli' 
_entity_src_gen.pdbx_host_org_ncbi_taxonomy_id     562 
_entity_src_gen.host_org_genus                     ? 
_entity_src_gen.pdbx_host_org_gene                 ? 
_entity_src_gen.pdbx_host_org_organ                ? 
_entity_src_gen.host_org_species                   ? 
_entity_src_gen.pdbx_host_org_tissue               ? 
_entity_src_gen.pdbx_host_org_tissue_fraction      ? 
_entity_src_gen.pdbx_host_org_strain               ? 
_entity_src_gen.pdbx_host_org_variant              ? 
_entity_src_gen.pdbx_host_org_cell_line            ? 
_entity_src_gen.pdbx_host_org_atcc                 ? 
_entity_src_gen.pdbx_host_org_culture_collection   ? 
_entity_src_gen.pdbx_host_org_cell                 ? 
_entity_src_gen.pdbx_host_org_organelle            ? 
_entity_src_gen.pdbx_host_org_cellular_location    ? 
_entity_src_gen.pdbx_host_org_vector_type          ? 
_entity_src_gen.pdbx_host_org_vector               ? 
_entity_src_gen.host_org_details                   ? 
_entity_src_gen.expression_system_id               ? 
_entity_src_gen.plasmid_name                       ? 
_entity_src_gen.plasmid_details                    ? 
_entity_src_gen.pdbx_description                   ? 
# 
_struct_ref.id                         1 
_struct_ref.db_name                    UNP 
_struct_ref.db_code                    Q0TRJ3_CLOP1 
_struct_ref.pdbx_db_accession          Q0TRJ3 
_struct_ref.entity_id                  1 
_struct_ref.pdbx_seq_one_letter_code   
;DSSKLEAIYATSEADRDYKENAVDGDENTIWHSAYQAADKLPVSITIKLDKAYDLNQIDYLPRQNSRNGHVTEYKIETSL
DNENWTEVRTGNLEVNEAGNALANRGYNPIRFNTINAQYLRFTALKTLGDTNNKYASAAELVFYGK
;
_struct_ref.pdbx_align_begin           1640 
_struct_ref.pdbx_db_isoform            ? 
# 
_struct_ref_seq.align_id                      1 
_struct_ref_seq.ref_id                        1 
_struct_ref_seq.pdbx_PDB_id_code              4LQR 
_struct_ref_seq.pdbx_strand_id                A 
_struct_ref_seq.seq_align_beg                 22 
_struct_ref_seq.pdbx_seq_align_beg_ins_code   ? 
_struct_ref_seq.seq_align_end                 167 
_struct_ref_seq.pdbx_seq_align_end_ins_code   ? 
_struct_ref_seq.pdbx_db_accession             Q0TRJ3 
_struct_ref_seq.db_align_beg                  1640 
_struct_ref_seq.pdbx_db_align_beg_ins_code    ? 
_struct_ref_seq.db_align_end                  1785 
_struct_ref_seq.pdbx_db_align_end_ins_code    ? 
_struct_ref_seq.pdbx_auth_seq_align_beg       11 
_struct_ref_seq.pdbx_auth_seq_align_end       156 
# 
loop_
_struct_ref_seq_dif.align_id 
_struct_ref_seq_dif.pdbx_pdb_id_code 
_struct_ref_seq_dif.mon_id 
_struct_ref_seq_dif.pdbx_pdb_strand_id 
_struct_ref_seq_dif.seq_num 
_struct_ref_seq_dif.pdbx_pdb_ins_code 
_struct_ref_seq_dif.pdbx_seq_db_name 
_struct_ref_seq_dif.pdbx_seq_db_accession_code 
_struct_ref_seq_dif.db_mon_id 
_struct_ref_seq_dif.pdbx_seq_db_seq_num 
_struct_ref_seq_dif.details 
_struct_ref_seq_dif.pdbx_auth_seq_num 
_struct_ref_seq_dif.pdbx_ordinal 
1 4LQR MET A 1  ? UNP Q0TRJ3 ? ? 'expression tag' -10 1  
1 4LQR HIS A 2  ? UNP Q0TRJ3 ? ? 'expression tag' -9  2  
1 4LQR HIS A 3  ? UNP Q0TRJ3 ? ? 'expression tag' -8  3  
1 4LQR HIS A 4  ? UNP Q0TRJ3 ? ? 'expression tag' -7  4  
1 4LQR HIS A 5  ? UNP Q0TRJ3 ? ? 'expression tag' -6  5  
1 4LQR HIS A 6  ? UNP Q0TRJ3 ? ? 'expression tag' -5  6  
1 4LQR HIS A 7  ? UNP Q0TRJ3 ? ? 'expression tag' -4  7  
1 4LQR ILE A 8  ? UNP Q0TRJ3 ? ? 'expression tag' -3  8  
1 4LQR THR A 9  ? UNP Q0TRJ3 ? ? 'expression tag' -2  9  
1 4LQR SER A 10 ? UNP Q0TRJ3 ? ? 'expression tag' -1  10 
1 4LQR LEU A 11 ? UNP Q0TRJ3 ? ? 'expression tag' 0   11 
1 4LQR TYR A 12 ? UNP Q0TRJ3 ? ? 'expression tag' 1   12 
1 4LQR LYS A 13 ? UNP Q0TRJ3 ? ? 'expression tag' 2   13 
1 4LQR LYS A 14 ? UNP Q0TRJ3 ? ? 'expression tag' 3   14 
1 4LQR ALA A 15 ? UNP Q0TRJ3 ? ? 'expression tag' 4   15 
1 4LQR GLY A 16 ? UNP Q0TRJ3 ? ? 'expression tag' 5   16 
1 4LQR SER A 17 ? UNP Q0TRJ3 ? ? 'expression tag' 6   17 
1 4LQR GLU A 18 ? UNP Q0TRJ3 ? ? 'expression tag' 7   18 
1 4LQR PHE A 19 ? UNP Q0TRJ3 ? ? 'expression tag' 8   19 
1 4LQR ALA A 20 ? UNP Q0TRJ3 ? ? 'expression tag' 9   20 
1 4LQR LEU A 21 ? UNP Q0TRJ3 ? ? 'expression tag' 10  21 
# 
loop_
_chem_comp.id 
_chem_comp.type 
_chem_comp.mon_nstd_flag 
_chem_comp.name 
_chem_comp.pdbx_synonyms 
_chem_comp.formula 
_chem_comp.formula_weight 
ALA 'L-peptide linking' y ALANINE         ? 'C3 H7 N O2'     89.093  
ARG 'L-peptide linking' y ARGININE        ? 'C6 H15 N4 O2 1' 175.209 
ASN 'L-peptide linking' y ASPARAGINE      ? 'C4 H8 N2 O3'    132.118 
ASP 'L-peptide linking' y 'ASPARTIC ACID' ? 'C4 H7 N O4'     133.103 
CA  non-polymer         . 'CALCIUM ION'   ? 'Ca 2'           40.078  
GLN 'L-peptide linking' y GLUTAMINE       ? 'C5 H10 N2 O3'   146.144 
GLU 'L-peptide linking' y 'GLUTAMIC ACID' ? 'C5 H9 N O4'     147.129 
GLY 'peptide linking'   y GLYCINE         ? 'C2 H5 N O2'     75.067  
HIS 'L-peptide linking' y HISTIDINE       ? 'C6 H10 N3 O2 1' 156.162 
HOH non-polymer         . WATER           ? 'H2 O'           18.015  
ILE 'L-peptide linking' y ISOLEUCINE      ? 'C6 H13 N O2'    131.173 
LEU 'L-peptide linking' y LEUCINE         ? 'C6 H13 N O2'    131.173 
LYS 'L-peptide linking' y LYSINE          ? 'C6 H15 N2 O2 1' 147.195 
MET 'L-peptide linking' y METHIONINE      ? 'C5 H11 N O2 S'  149.211 
PHE 'L-peptide linking' y PHENYLALANINE   ? 'C9 H11 N O2'    165.189 
PRO 'L-peptide linking' y PROLINE         ? 'C5 H9 N O2'     115.130 
SER 'L-peptide linking' y SERINE          ? 'C3 H7 N O3'     105.093 
THR 'L-peptide linking' y THREONINE       ? 'C4 H9 N O3'     119.119 
TRP 'L-peptide linking' y TRYPTOPHAN      ? 'C11 H12 N2 O2'  204.225 
TYR 'L-peptide linking' y TYROSINE        ? 'C9 H11 N O3'    181.189 
VAL 'L-peptide linking' y VALINE          ? 'C5 H11 N O2'    117.146 
# 
_exptl.crystals_number   1 
_exptl.entry_id          4LQR 
_exptl.method            'X-RAY DIFFRACTION' 
# 
_exptl_crystal.id                    1 
_exptl_crystal.density_Matthews      1.94 
_exptl_crystal.density_meas          ? 
_exptl_crystal.density_percent_sol   36.11 
_exptl_crystal.description           ? 
_exptl_crystal.F_000                 ? 
_exptl_crystal.preparation           ? 
# 
_exptl_crystal_grow.crystal_id      1 
_exptl_crystal_grow.method          'VAPOR DIFFUSION, HANGING DROP' 
_exptl_crystal_grow.pH              7.5 
_exptl_crystal_grow.temp            298 
_exptl_crystal_grow.temp_details    ? 
_exptl_crystal_grow.pdbx_details    
;20% PEG 10000, 100mM HEPES  
50mM NaCl, pH 7.5, VAPOR DIFFUSION, HANGING DROP, temperature 298K
;
_exptl_crystal_grow.pdbx_pH_range   ? 
# 
_diffrn.id                     1 
_diffrn.ambient_temp           93.15 
_diffrn.ambient_temp_details   ? 
_diffrn.crystal_id             1 
# 
_diffrn_detector.diffrn_id              1 
_diffrn_detector.detector               CCD 
_diffrn_detector.type                   'ADSC QUANTUM 210' 
_diffrn_detector.pdbx_collection_date   2009-10-05 
_diffrn_detector.details                ? 
# 
_diffrn_radiation.diffrn_id                        1 
_diffrn_radiation.wavelength_id                    1 
_diffrn_radiation.pdbx_diffrn_protocol             'SINGLE WAVELENGTH' 
_diffrn_radiation.monochromator                    'Si(III) channel cut' 
_diffrn_radiation.pdbx_monochromatic_or_laue_m_l   M 
_diffrn_radiation.pdbx_scattering_type             x-ray 
# 
_diffrn_radiation_wavelength.id           1 
_diffrn_radiation_wavelength.wavelength   0.98 
_diffrn_radiation_wavelength.wt           1.0 
# 
_diffrn_source.diffrn_id                   1 
_diffrn_source.source                      SYNCHROTRON 
_diffrn_source.type                        'NSLS BEAMLINE X6A' 
_diffrn_source.pdbx_wavelength             ? 
_diffrn_source.pdbx_wavelength_list        0.98 
_diffrn_source.pdbx_synchrotron_site       NSLS 
_diffrn_source.pdbx_synchrotron_beamline   X6A 
# 
_reflns.entry_id                     4LQR 
_reflns.observed_criterion_sigma_F   ? 
_reflns.observed_criterion_sigma_I   ? 
_reflns.d_resolution_high            1.58 
_reflns.d_resolution_low             50.00 
_reflns.number_all                   ? 
_reflns.number_obs                   20155 
_reflns.percent_possible_obs         98.9 
_reflns.pdbx_Rmerge_I_obs            0.042 
_reflns.pdbx_Rsym_value              ? 
_reflns.pdbx_netI_over_sigmaI        ? 
_reflns.B_iso_Wilson_estimate        ? 
_reflns.pdbx_redundancy              5.4 
_reflns.R_free_details               ? 
_reflns.limit_h_max                  ? 
_reflns.limit_h_min                  ? 
_reflns.limit_k_max                  ? 
_reflns.limit_k_min                  ? 
_reflns.limit_l_max                  ? 
_reflns.limit_l_min                  ? 
_reflns.observed_criterion_F_max     ? 
_reflns.observed_criterion_F_min     ? 
_reflns.pdbx_chi_squared             ? 
_reflns.pdbx_scaling_rejects         ? 
_reflns.pdbx_ordinal                 1 
_reflns.pdbx_diffrn_id               1 
# 
loop_
_reflns_shell.d_res_high 
_reflns_shell.d_res_low 
_reflns_shell.percent_possible_obs 
_reflns_shell.percent_possible_all 
_reflns_shell.Rmerge_I_obs 
_reflns_shell.meanI_over_sigI_obs 
_reflns_shell.pdbx_Rsym_value 
_reflns_shell.pdbx_redundancy 
_reflns_shell.number_unique_all 
_reflns_shell.number_measured_all 
_reflns_shell.number_measured_obs 
_reflns_shell.number_unique_obs 
_reflns_shell.pdbx_chi_squared 
_reflns_shell.pdbx_ordinal 
_reflns_shell.pdbx_diffrn_id 
1.58 1.64  ? 91.0 0.084 ? ? 7.6 1833 ? ? ? ? 1  1 
1.64 1.70  ? 100  0.075 ? ? 7.9 1986 ? ? ? ? 2  1 
1.70 1.78  ? 100  0.066 ? ? 7.9 1997 ? ? ? ? 3  1 
1.78 1.87  ? 100  0.057 ? ? 8.0 2001 ? ? ? ? 4  1 
1.87 1.99  ? 100  0.050 ? ? 8.0 2006 ? ? ? ? 5  1 
1.99 2.14  ? 100  0.044 ? ? 8.0 2028 ? ? ? ? 6  1 
2.14 2.36  ? 100  0.042 ? ? 8.0 2015 ? ? ? ? 7  1 
2.36 2.70  ? 100  0.041 ? ? 8.0 2049 ? ? ? ? 8  1 
2.70 3.40  ? 100  0.037 ? ? 7.9 2075 ? ? ? ? 9  1 
3.40 50.00 ? 98.4 0.035 ? ? 7.1 2165 ? ? ? ? 10 1 
# 
_refine.entry_id                                 4LQR 
_refine.ls_d_res_high                            1.5800 
_refine.ls_d_res_low                             33.9600 
_refine.pdbx_ls_sigma_F                          0.000 
_refine.pdbx_data_cutoff_high_absF               ? 
_refine.pdbx_data_cutoff_low_absF                ? 
_refine.ls_percent_reflns_obs                    99.8300 
_refine.ls_number_reflns_obs                     20155 
_refine.ls_number_reflns_all                     ? 
_refine.pdbx_ls_cross_valid_method               THROUGHOUT 
_refine.pdbx_R_Free_selection_details            RANDOM 
_refine.details                                  
'HYDROGENS HAVE BEEN USED IF PRESENT IN THE INPUT U VALUES      : REFINED INDIVIDUALLY' 
_refine.ls_R_factor_all                          ? 
_refine.ls_R_factor_obs                          0.1626 
_refine.ls_R_factor_R_work                       0.1609 
_refine.ls_wR_factor_R_work                      ? 
_refine.ls_R_factor_R_free                       0.1940 
_refine.ls_wR_factor_R_free                      ? 
_refine.ls_percent_reflns_R_free                 5.1000 
_refine.ls_number_reflns_R_free                  1024 
_refine.ls_R_factor_R_free_error                 ? 
_refine.B_iso_mean                               9.8579 
_refine.solvent_model_param_bsol                 ? 
_refine.solvent_model_param_ksol                 ? 
_refine.pdbx_isotropic_thermal_model             ? 
_refine.aniso_B[1][1]                            -0.4200 
_refine.aniso_B[2][2]                            -0.1100 
_refine.aniso_B[3][3]                            0.5300 
_refine.aniso_B[1][2]                            -0.0000 
_refine.aniso_B[1][3]                            0.0000 
_refine.aniso_B[2][3]                            0.0000 
_refine.correlation_coeff_Fo_to_Fc               0.9530 
_refine.correlation_coeff_Fo_to_Fc_free          0.9380 
_refine.overall_SU_R_Cruickshank_DPI             ? 
_refine.overall_SU_R_free                        ? 
_refine.pdbx_overall_ESU_R                       0.0870 
_refine.pdbx_overall_ESU_R_Free                  0.0870 
_refine.overall_SU_ML                            0.0460 
_refine.overall_SU_B                             1.2490 
_refine.solvent_model_details                    MASK 
_refine.pdbx_solvent_vdw_probe_radii             1.2000 
_refine.pdbx_solvent_ion_probe_radii             0.8000 
_refine.pdbx_solvent_shrinkage_radii             0.8000 
_refine.ls_number_parameters                     ? 
_refine.ls_number_restraints                     ? 
_refine.pdbx_starting_model                      'PDB ENTRY 2J1A' 
_refine.pdbx_method_to_determine_struct          'MOLECULAR REPLACEMENT' 
_refine.pdbx_stereochemistry_target_values       'MAXIMUM LIKELIHOOD' 
_refine.pdbx_stereochem_target_val_spec_case     ? 
_refine.overall_FOM_work_R_set                   ? 
_refine.B_iso_max                                44.130 
_refine.B_iso_min                                2.490 
_refine.pdbx_overall_phase_error                 ? 
_refine.occupancy_max                            1.000 
_refine.occupancy_min                            0.300 
_refine.pdbx_ls_sigma_I                          ? 
_refine.ls_redundancy_reflns_obs                 ? 
_refine.ls_R_factor_R_free_error_details         ? 
_refine.pdbx_data_cutoff_high_rms_absF           ? 
_refine.overall_FOM_free_R_set                   ? 
_refine.pdbx_diffrn_id                           1 
_refine.pdbx_refine_id                           'X-RAY DIFFRACTION' 
_refine.pdbx_TLS_residual_ADP_flag               ? 
_refine.pdbx_overall_SU_R_free_Cruickshank_DPI   ? 
_refine.pdbx_overall_SU_R_Blow_DPI               ? 
_refine.pdbx_overall_SU_R_free_Blow_DPI          ? 
# 
_refine_hist.pdbx_refine_id                   'X-RAY DIFFRACTION' 
_refine_hist.cycle_id                         LAST 
_refine_hist.pdbx_number_atoms_protein        1238 
_refine_hist.pdbx_number_atoms_nucleic_acid   0 
_refine_hist.pdbx_number_atoms_ligand         2 
_refine_hist.number_atoms_solvent             193 
_refine_hist.number_atoms_total               1433 
_refine_hist.d_res_high                       1.5800 
_refine_hist.d_res_low                        33.9600 
# 
loop_
_refine_ls_restr.type 
_refine_ls_restr.number 
_refine_ls_restr.dev_ideal 
_refine_ls_restr.dev_ideal_target 
_refine_ls_restr.weight 
_refine_ls_restr.pdbx_restraint_function 
_refine_ls_restr.pdbx_refine_id 
r_bond_refined_d       1309 0.024  0.020  ? ? 'X-RAY DIFFRACTION' 
r_angle_refined_deg    1790 2.248  1.944  ? ? 'X-RAY DIFFRACTION' 
r_dihedral_angle_1_deg 171  7.194  5.000  ? ? 'X-RAY DIFFRACTION' 
r_dihedral_angle_2_deg 70   37.040 25.000 ? ? 'X-RAY DIFFRACTION' 
r_dihedral_angle_3_deg 218  12.037 15.000 ? ? 'X-RAY DIFFRACTION' 
r_dihedral_angle_4_deg 8    16.052 15.000 ? ? 'X-RAY DIFFRACTION' 
r_chiral_restr         196  0.178  0.200  ? ? 'X-RAY DIFFRACTION' 
r_gen_planes_refined   1032 0.014  0.020  ? ? 'X-RAY DIFFRACTION' 
# 
_refine_ls_shell.d_res_high                       1.58 
_refine_ls_shell.d_res_low                        1.64 
_refine_ls_shell.pdbx_total_number_of_bins_used   20 
_refine_ls_shell.percent_reflns_obs               99.8600 
_refine_ls_shell.number_reflns_R_work             1383 
_refine_ls_shell.R_factor_all                     ? 
_refine_ls_shell.R_factor_R_work                  0.1670 
_refine_ls_shell.R_factor_R_free                  0.1960 
_refine_ls_shell.percent_reflns_R_free            ? 
_refine_ls_shell.number_reflns_R_free             77 
_refine_ls_shell.R_factor_R_free_error            ? 
_refine_ls_shell.number_reflns_all                1460 
_refine_ls_shell.number_reflns_obs                ? 
_refine_ls_shell.redundancy_reflns_obs            ? 
_refine_ls_shell.pdbx_refine_id                   'X-RAY DIFFRACTION' 
# 
_struct.entry_id                  4LQR 
_struct.title                     'Structure of CBM32-3 from a family 31 glycoside hydrolase from Clostridium perfringens' 
_struct.pdbx_model_details        ? 
_struct.pdbx_CASP_flag            ? 
_struct.pdbx_model_type_details   ? 
# 
_struct_keywords.entry_id        4LQR 
_struct_keywords.pdbx_keywords   'SUGAR BINDING PROTEIN' 
_struct_keywords.text            'B-sandwich, carbohydrate-binding, SUGAR BINDING PROTEIN' 
# 
loop_
_struct_asym.id 
_struct_asym.pdbx_blank_PDB_chainid_flag 
_struct_asym.pdbx_modified 
_struct_asym.entity_id 
_struct_asym.details 
A N N 1 ? 
B N N 2 ? 
C N N 2 ? 
D N N 3 ? 
# 
_struct_biol.id        1 
_struct_biol.details   ? 
# 
loop_
_struct_conf.conf_type_id 
_struct_conf.id 
_struct_conf.pdbx_PDB_helix_id 
_struct_conf.beg_label_comp_id 
_struct_conf.beg_label_asym_id 
_struct_conf.beg_label_seq_id 
_struct_conf.pdbx_beg_PDB_ins_code 
_struct_conf.end_label_comp_id 
_struct_conf.end_label_asym_id 
_struct_conf.end_label_seq_id 
_struct_conf.pdbx_end_PDB_ins_code 
_struct_conf.beg_auth_comp_id 
_struct_conf.beg_auth_asym_id 
_struct_conf.beg_auth_seq_id 
_struct_conf.end_auth_comp_id 
_struct_conf.end_auth_asym_id 
_struct_conf.end_auth_seq_id 
_struct_conf.pdbx_PDB_helix_class 
_struct_conf.details 
_struct_conf.pdbx_PDB_helix_length 
HELX_P HELX_P1 1 GLY A 16 ? ALA A 20 ? GLY A 5  ALA A 9  5 ? 5 
HELX_P HELX_P2 2 ASP A 22 ? SER A 24 ? ASP A 11 SER A 13 5 ? 3 
HELX_P HELX_P3 3 TYR A 39 ? ASP A 45 ? TYR A 28 ASP A 34 5 ? 7 
# 
_struct_conf_type.id          HELX_P 
_struct_conf_type.criteria    ? 
_struct_conf_type.reference   ? 
# 
loop_
_struct_conn.id 
_struct_conn.conn_type_id 
_struct_conn.pdbx_leaving_atom_flag 
_struct_conn.pdbx_PDB_id 
_struct_conn.ptnr1_label_asym_id 
_struct_conn.ptnr1_label_comp_id 
_struct_conn.ptnr1_label_seq_id 
_struct_conn.ptnr1_label_atom_id 
_struct_conn.pdbx_ptnr1_label_alt_id 
_struct_conn.pdbx_ptnr1_PDB_ins_code 
_struct_conn.pdbx_ptnr1_standard_comp_id 
_struct_conn.ptnr1_symmetry 
_struct_conn.ptnr2_label_asym_id 
_struct_conn.ptnr2_label_comp_id 
_struct_conn.ptnr2_label_seq_id 
_struct_conn.ptnr2_label_atom_id 
_struct_conn.pdbx_ptnr2_label_alt_id 
_struct_conn.pdbx_ptnr2_PDB_ins_code 
_struct_conn.ptnr1_auth_asym_id 
_struct_conn.ptnr1_auth_comp_id 
_struct_conn.ptnr1_auth_seq_id 
_struct_conn.ptnr2_auth_asym_id 
_struct_conn.ptnr2_auth_comp_id 
_struct_conn.ptnr2_auth_seq_id 
_struct_conn.ptnr2_symmetry 
_struct_conn.pdbx_ptnr3_label_atom_id 
_struct_conn.pdbx_ptnr3_label_seq_id 
_struct_conn.pdbx_ptnr3_label_comp_id 
_struct_conn.pdbx_ptnr3_label_asym_id 
_struct_conn.pdbx_ptnr3_label_alt_id 
_struct_conn.pdbx_ptnr3_PDB_ins_code 
_struct_conn.details 
_struct_conn.pdbx_dist_value 
_struct_conn.pdbx_value_order 
_struct_conn.pdbx_role 
metalc1  metalc ? ? A SER 23  O   ? ? ? 1_555 C CA  . CA ? ? A SER 12  A CA  202 1_555 ? ? ? ? ? ? ? 2.349 ? ? 
metalc2  metalc ? ? A LEU 26  O   ? ? ? 1_555 C CA  . CA ? ? A LEU 15  A CA  202 1_555 ? ? ? ? ? ? ? 2.343 ? ? 
metalc3  metalc ? ? A ASN 42  O   ? ? ? 1_555 B CA  . CA ? ? A ASN 31  A CA  201 1_555 ? ? ? ? ? ? ? 2.244 ? ? 
metalc4  metalc ? ? A VAL 44  O   ? ? ? 1_555 C CA  . CA ? ? A VAL 33  A CA  202 1_555 ? ? ? ? ? ? ? 2.318 ? ? 
metalc5  metalc ? ? A ASP 45  OD1 ? ? ? 1_555 B CA  . CA ? ? A ASP 34  A CA  201 1_555 ? ? ? ? ? ? ? 2.403 ? ? 
metalc6  metalc ? ? A ASP 47  O   ? ? ? 1_555 B CA  . CA ? ? A ASP 36  A CA  201 1_555 ? ? ? ? ? ? ? 2.291 ? ? 
metalc7  metalc ? ? A THR 50  O   ? ? ? 1_555 B CA  . CA ? ? A THR 39  A CA  201 1_555 ? ? ? ? ? ? ? 2.439 ? ? 
metalc8  metalc ? ? A THR 50  OG1 ? ? ? 1_555 B CA  . CA ? ? A THR 39  A CA  201 1_555 ? ? ? ? ? ? ? 2.521 ? ? 
metalc9  metalc ? ? A ALA 160 O   ? ? ? 1_555 B CA  . CA ? ? A ALA 149 A CA  201 1_555 ? ? ? ? ? ? ? 2.386 ? ? 
metalc10 metalc ? ? A GLU 161 OE2 ? ? ? 1_555 B CA  . CA ? ? A GLU 150 A CA  201 1_555 ? ? ? ? ? ? ? 2.351 ? ? 
metalc11 metalc ? ? C CA  .   CA  ? ? ? 1_555 D HOH . O  ? ? A CA  202 A HOH 309 1_555 ? ? ? ? ? ? ? 2.570 ? ? 
metalc12 metalc ? ? C CA  .   CA  ? ? ? 1_555 D HOH . O  ? ? A CA  202 A HOH 335 1_555 ? ? ? ? ? ? ? 2.436 ? ? 
metalc13 metalc ? ? C CA  .   CA  ? ? ? 1_555 D HOH . O  ? ? A CA  202 A HOH 424 1_555 ? ? ? ? ? ? ? 2.431 ? ? 
# 
_struct_conn_type.id          metalc 
_struct_conn_type.criteria    ? 
_struct_conn_type.reference   ? 
# 
_struct_mon_prot_cis.pdbx_id                1 
_struct_mon_prot_cis.label_comp_id          LEU 
_struct_mon_prot_cis.label_seq_id           62 
_struct_mon_prot_cis.label_asym_id          A 
_struct_mon_prot_cis.label_alt_id           . 
_struct_mon_prot_cis.pdbx_PDB_ins_code      ? 
_struct_mon_prot_cis.auth_comp_id           LEU 
_struct_mon_prot_cis.auth_seq_id            51 
_struct_mon_prot_cis.auth_asym_id           A 
_struct_mon_prot_cis.pdbx_label_comp_id_2   PRO 
_struct_mon_prot_cis.pdbx_label_seq_id_2    63 
_struct_mon_prot_cis.pdbx_label_asym_id_2   A 
_struct_mon_prot_cis.pdbx_PDB_ins_code_2    ? 
_struct_mon_prot_cis.pdbx_auth_comp_id_2    PRO 
_struct_mon_prot_cis.pdbx_auth_seq_id_2     52 
_struct_mon_prot_cis.pdbx_auth_asym_id_2    A 
_struct_mon_prot_cis.pdbx_PDB_model_num     1 
_struct_mon_prot_cis.pdbx_omega_angle       -2.90 
# 
loop_
_struct_sheet.id 
_struct_sheet.type 
_struct_sheet.number_strands 
_struct_sheet.details 
A ? 5 ? 
B ? 3 ? 
C ? 2 ? 
# 
loop_
_struct_sheet_order.sheet_id 
_struct_sheet_order.range_id_1 
_struct_sheet_order.range_id_2 
_struct_sheet_order.offset 
_struct_sheet_order.sense 
A 1 2 ? anti-parallel 
A 2 3 ? anti-parallel 
A 3 4 ? anti-parallel 
A 4 5 ? anti-parallel 
B 1 2 ? anti-parallel 
B 2 3 ? anti-parallel 
C 1 2 ? anti-parallel 
# 
loop_
_struct_sheet_range.sheet_id 
_struct_sheet_range.id 
_struct_sheet_range.beg_label_comp_id 
_struct_sheet_range.beg_label_asym_id 
_struct_sheet_range.beg_label_seq_id 
_struct_sheet_range.pdbx_beg_PDB_ins_code 
_struct_sheet_range.end_label_comp_id 
_struct_sheet_range.end_label_asym_id 
_struct_sheet_range.end_label_seq_id 
_struct_sheet_range.pdbx_end_PDB_ins_code 
_struct_sheet_range.beg_auth_comp_id 
_struct_sheet_range.beg_auth_asym_id 
_struct_sheet_range.beg_auth_seq_id 
_struct_sheet_range.end_auth_comp_id 
_struct_sheet_range.end_auth_asym_id 
_struct_sheet_range.end_auth_seq_id 
A 1 LEU A 26  ? ALA A 31  ? LEU A 15  ALA A 20  
A 2 VAL A 64  ? LEU A 82  ? VAL A 53  LEU A 71  
A 3 ASN A 129 ? THR A 148 ? ASN A 118 THR A 137 
A 4 VAL A 92  ? SER A 100 ? VAL A 81  SER A 89  
A 5 THR A 107 ? ASN A 113 ? THR A 96  ASN A 102 
B 1 LEU A 26  ? ALA A 31  ? LEU A 15  ALA A 20  
B 2 VAL A 64  ? LEU A 82  ? VAL A 53  LEU A 71  
B 3 GLU A 161 ? LYS A 167 ? GLU A 150 LYS A 156 
C 1 TRP A 52  ? HIS A 53  ? TRP A 41  HIS A 42  
C 2 SER A 158 ? ALA A 159 ? SER A 147 ALA A 148 
# 
loop_
_pdbx_struct_sheet_hbond.sheet_id 
_pdbx_struct_sheet_hbond.range_id_1 
_pdbx_struct_sheet_hbond.range_id_2 
_pdbx_struct_sheet_hbond.range_1_label_atom_id 
_pdbx_struct_sheet_hbond.range_1_label_comp_id 
_pdbx_struct_sheet_hbond.range_1_label_asym_id 
_pdbx_struct_sheet_hbond.range_1_label_seq_id 
_pdbx_struct_sheet_hbond.range_1_PDB_ins_code 
_pdbx_struct_sheet_hbond.range_1_auth_atom_id 
_pdbx_struct_sheet_hbond.range_1_auth_comp_id 
_pdbx_struct_sheet_hbond.range_1_auth_asym_id 
_pdbx_struct_sheet_hbond.range_1_auth_seq_id 
_pdbx_struct_sheet_hbond.range_2_label_atom_id 
_pdbx_struct_sheet_hbond.range_2_label_comp_id 
_pdbx_struct_sheet_hbond.range_2_label_asym_id 
_pdbx_struct_sheet_hbond.range_2_label_seq_id 
_pdbx_struct_sheet_hbond.range_2_PDB_ins_code 
_pdbx_struct_sheet_hbond.range_2_auth_atom_id 
_pdbx_struct_sheet_hbond.range_2_auth_comp_id 
_pdbx_struct_sheet_hbond.range_2_auth_asym_id 
_pdbx_struct_sheet_hbond.range_2_auth_seq_id 
A 1 2 N GLU A 27  ? N GLU A 16  O LYS A 69  ? O LYS A 58  
A 2 3 N LEU A 70  ? N LEU A 59  O GLN A 139 ? O GLN A 128 
A 3 4 O THR A 144 ? O THR A 133 N LYS A 96  ? N LYS A 85  
A 4 5 N ILE A 97  ? N ILE A 86  O VAL A 109 ? O VAL A 98  
B 1 2 N GLU A 27  ? N GLU A 16  O LYS A 69  ? O LYS A 58  
B 2 3 N ASP A 75  ? N ASP A 64  O LYS A 167 ? O LYS A 156 
C 1 2 N TRP A 52  ? N TRP A 41  O ALA A 159 ? O ALA A 148 
# 
loop_
_struct_site.id 
_struct_site.pdbx_evidence_code 
_struct_site.pdbx_auth_asym_id 
_struct_site.pdbx_auth_comp_id 
_struct_site.pdbx_auth_seq_id 
_struct_site.pdbx_auth_ins_code 
_struct_site.pdbx_num_residues 
_struct_site.details 
AC1 Software A CA 201 ? 6 'BINDING SITE FOR RESIDUE CA A 201' 
AC2 Software A CA 202 ? 6 'BINDING SITE FOR RESIDUE CA A 202' 
# 
loop_
_struct_site_gen.id 
_struct_site_gen.site_id 
_struct_site_gen.pdbx_num_res 
_struct_site_gen.label_comp_id 
_struct_site_gen.label_asym_id 
_struct_site_gen.label_seq_id 
_struct_site_gen.pdbx_auth_ins_code 
_struct_site_gen.auth_comp_id 
_struct_site_gen.auth_asym_id 
_struct_site_gen.auth_seq_id 
_struct_site_gen.label_atom_id 
_struct_site_gen.label_alt_id 
_struct_site_gen.symmetry 
_struct_site_gen.details 
1  AC1 6 ASN A 42  ? ASN A 31  . ? 1_555 ? 
2  AC1 6 ASP A 45  ? ASP A 34  . ? 1_555 ? 
3  AC1 6 ASP A 47  ? ASP A 36  . ? 1_555 ? 
4  AC1 6 THR A 50  ? THR A 39  . ? 1_555 ? 
5  AC1 6 ALA A 160 ? ALA A 149 . ? 1_555 ? 
6  AC1 6 GLU A 161 ? GLU A 150 . ? 1_555 ? 
7  AC2 6 SER A 23  ? SER A 12  . ? 1_555 ? 
8  AC2 6 LEU A 26  ? LEU A 15  . ? 1_555 ? 
9  AC2 6 VAL A 44  ? VAL A 33  . ? 1_555 ? 
10 AC2 6 HOH D .   ? HOH A 309 . ? 1_555 ? 
11 AC2 6 HOH D .   ? HOH A 335 . ? 1_555 ? 
12 AC2 6 HOH D .   ? HOH A 424 . ? 1_555 ? 
# 
_atom_sites.entry_id                    4LQR 
_atom_sites.fract_transf_matrix[1][1]   0.01903973 
_atom_sites.fract_transf_matrix[1][2]   0.01200026 
_atom_sites.fract_transf_matrix[1][3]   0.01260619 
_atom_sites.fract_transf_matrix[2][1]   -0.01019559 
_atom_sites.fract_transf_matrix[2][2]   -0.00068181 
_atom_sites.fract_transf_matrix[2][3]   0.01604792 
_atom_sites.fract_transf_matrix[3][1]   0.00584172 
_atom_sites.fract_transf_matrix[3][2]   -0.01260473 
_atom_sites.fract_transf_matrix[3][3]   0.00317585 
_atom_sites.fract_transf_vector[1]      0.266540 
_atom_sites.fract_transf_vector[2]      0.080972 
_atom_sites.fract_transf_vector[3]      0.195611 
# 
loop_
_atom_type.symbol 
C  
CA 
N  
O  
# 
loop_
_atom_site.group_PDB 
_atom_site.id 
_atom_site.type_symbol 
_atom_site.label_atom_id 
_atom_site.label_alt_id 
_atom_site.label_comp_id 
_atom_site.label_asym_id 
_atom_site.label_entity_id 
_atom_site.label_seq_id 
_atom_site.pdbx_PDB_ins_code 
_atom_site.Cartn_x 
_atom_site.Cartn_y 
_atom_site.Cartn_z 
_atom_site.occupancy 
_atom_site.B_iso_or_equiv 
_atom_site.pdbx_formal_charge 
_atom_site.auth_seq_id 
_atom_site.auth_comp_id 
_atom_site.auth_asym_id 
_atom_site.auth_atom_id 
_atom_site.pdbx_PDB_model_num 
ATOM   1    N  N   . TYR A 1 12  ? -26.797 -0.143  6.228   1.00 21.56 ? 1   TYR A N   1 
ATOM   2    C  CA  . TYR A 1 12  ? -26.699 0.111   4.775   1.00 22.41 ? 1   TYR A CA  1 
ATOM   3    C  C   . TYR A 1 12  ? -25.243 0.347   4.375   1.00 24.38 ? 1   TYR A C   1 
ATOM   4    O  O   . TYR A 1 12  ? -24.402 0.606   5.235   1.00 25.72 ? 1   TYR A O   1 
ATOM   5    C  CB  . TYR A 1 12  ? -27.676 1.219   4.372   1.00 22.08 ? 1   TYR A CB  1 
ATOM   6    C  CG  . TYR A 1 12  ? -29.098 0.741   4.536   1.00 21.34 ? 1   TYR A CG  1 
ATOM   7    C  CD1 . TYR A 1 12  ? -29.675 -0.197  3.629   1.00 22.57 ? 1   TYR A CD1 1 
ATOM   8    C  CD2 . TYR A 1 12  ? -29.888 1.216   5.586   1.00 17.99 ? 1   TYR A CD2 1 
ATOM   9    C  CE1 . TYR A 1 12  ? -31.002 -0.688  3.793   1.00 19.66 ? 1   TYR A CE1 1 
ATOM   10   C  CE2 . TYR A 1 12  ? -31.215 0.799   5.731   1.00 19.28 ? 1   TYR A CE2 1 
ATOM   11   C  CZ  . TYR A 1 12  ? -31.763 -0.179  4.868   1.00 19.85 ? 1   TYR A CZ  1 
ATOM   12   O  OH  . TYR A 1 12  ? -33.028 -0.557  5.130   1.00 10.84 ? 1   TYR A OH  1 
ATOM   13   N  N   . LYS A 1 13  ? -24.933 0.219   3.085   1.00 22.23 ? 2   LYS A N   1 
ATOM   14   C  CA  . LYS A 1 13  ? -23.510 0.203   2.638   1.00 21.14 ? 2   LYS A CA  1 
ATOM   15   C  C   . LYS A 1 13  ? -22.843 1.589   2.784   1.00 22.79 ? 2   LYS A C   1 
ATOM   16   O  O   . LYS A 1 13  ? -23.543 2.624   2.857   1.00 25.12 ? 2   LYS A O   1 
ATOM   17   C  CB  . LYS A 1 13  ? -23.443 -0.225  1.160   1.00 18.17 ? 2   LYS A CB  1 
ATOM   18   N  N   . LYS A 1 14  ? -21.504 1.622   2.788   1.00 26.78 ? 3   LYS A N   1 
ATOM   19   C  CA  . LYS A 1 14  ? -20.758 2.887   2.643   1.00 26.22 ? 3   LYS A CA  1 
ATOM   20   C  C   . LYS A 1 14  ? -20.776 3.258   1.151   1.00 28.34 ? 3   LYS A C   1 
ATOM   21   O  O   . LYS A 1 14  ? -20.605 2.357   0.312   1.00 27.50 ? 3   LYS A O   1 
ATOM   22   C  CB  . LYS A 1 14  ? -19.316 2.641   3.078   1.00 31.17 ? 3   LYS A CB  1 
ATOM   23   C  CG  . LYS A 1 14  ? -19.073 2.791   4.567   1.00 33.03 ? 3   LYS A CG  1 
ATOM   24   C  CD  . LYS A 1 14  ? -18.299 4.080   4.823   1.00 32.03 ? 3   LYS A CD  1 
ATOM   25   N  N   . ALA A 1 15  ? -20.997 4.536   0.819   0.50 23.26 ? 4   ALA A N   1 
ATOM   26   C  CA  . ALA A 1 15  ? -20.944 5.034   -0.557  0.50 22.24 ? 4   ALA A CA  1 
ATOM   27   C  C   . ALA A 1 15  ? -19.604 4.584   -1.143  0.50 21.08 ? 4   ALA A C   1 
ATOM   28   O  O   . ALA A 1 15  ? -18.569 4.832   -0.524  0.50 21.69 ? 4   ALA A O   1 
ATOM   29   C  CB  . ALA A 1 15  ? -21.016 6.552   -0.548  0.50 21.52 ? 4   ALA A CB  1 
ATOM   30   N  N   . GLY A 1 16  ? -19.630 3.869   -2.269  0.50 21.39 ? 5   GLY A N   1 
ATOM   31   C  CA  . GLY A 1 16  ? -18.386 3.356   -2.890  0.50 24.13 ? 5   GLY A CA  1 
ATOM   32   C  C   . GLY A 1 16  ? -17.922 1.908   -2.630  0.50 24.25 ? 5   GLY A C   1 
ATOM   33   O  O   . GLY A 1 16  ? -17.155 1.342   -3.407  0.50 21.47 ? 5   GLY A O   1 
ATOM   34   N  N   . SER A 1 17  ? -18.401 1.292   -1.543  1.00 30.47 ? 6   SER A N   1 
ATOM   35   C  CA  . SER A 1 17  ? -17.931 -0.053  -1.087  1.00 26.82 ? 6   SER A CA  1 
ATOM   36   C  C   . SER A 1 17  ? -18.199 -1.256  -2.018  1.00 28.15 ? 6   SER A C   1 
ATOM   37   O  O   . SER A 1 17  ? -17.506 -2.277  -1.934  1.00 28.67 ? 6   SER A O   1 
ATOM   38   C  CB  . SER A 1 17  ? -18.473 -0.343  0.326   1.00 31.94 ? 6   SER A CB  1 
ATOM   39   O  OG  . SER A 1 17  ? -19.902 -0.405  0.290   1.00 29.86 ? 6   SER A OG  1 
ATOM   40   N  N   . GLU A 1 18  ? -19.219 -1.160  -2.885  1.00 27.60 ? 7   GLU A N   1 
ATOM   41   C  CA  . GLU A 1 18  ? -19.518 -2.243  -3.847  1.00 23.67 ? 7   GLU A CA  1 
ATOM   42   C  C   . GLU A 1 18  ? -18.419 -2.456  -4.888  1.00 21.90 ? 7   GLU A C   1 
ATOM   43   O  O   . GLU A 1 18  ? -18.421 -3.429  -5.637  1.00 25.20 ? 7   GLU A O   1 
ATOM   44   C  CB  . GLU A 1 18  ? -20.878 -1.990  -4.565  1.00 26.75 ? 7   GLU A CB  1 
ATOM   45   C  CG  . GLU A 1 18  ? -20.984 -0.775  -5.505  1.00 29.63 ? 7   GLU A CG  1 
ATOM   46   C  CD  . GLU A 1 18  ? -21.411 0.541   -4.827  1.00 35.14 ? 7   GLU A CD  1 
ATOM   47   O  OE1 . GLU A 1 18  ? -21.182 0.762   -3.609  1.00 36.56 ? 7   GLU A OE1 1 
ATOM   48   O  OE2 . GLU A 1 18  ? -21.972 1.413   -5.518  1.00 38.45 ? 7   GLU A OE2 1 
ATOM   49   N  N   . PHE A 1 19  ? -17.512 -1.495  -4.987  1.00 18.38 ? 8   PHE A N   1 
ATOM   50   C  CA  . PHE A 1 19  ? -16.480 -1.558  -6.015  1.00 17.33 ? 8   PHE A CA  1 
ATOM   51   C  C   . PHE A 1 19  ? -15.169 -2.091  -5.437  1.00 15.13 ? 8   PHE A C   1 
ATOM   52   O  O   . PHE A 1 19  ? -14.154 -2.037  -6.128  1.00 12.55 ? 8   PHE A O   1 
ATOM   53   C  CB  . PHE A 1 19  ? -16.292 -0.148  -6.616  1.00 19.63 ? 8   PHE A CB  1 
ATOM   54   C  CG  . PHE A 1 19  ? -17.551 0.427   -7.149  1.00 23.33 ? 8   PHE A CG  1 
ATOM   55   C  CD1 . PHE A 1 19  ? -18.127 -0.117  -8.301  1.00 24.70 ? 8   PHE A CD1 1 
ATOM   56   C  CD2 . PHE A 1 19  ? -18.216 1.459   -6.468  1.00 26.33 ? 8   PHE A CD2 1 
ATOM   57   C  CE1 . PHE A 1 19  ? -19.350 0.402   -8.798  1.00 29.10 ? 8   PHE A CE1 1 
ATOM   58   C  CE2 . PHE A 1 19  ? -19.439 1.970   -6.961  1.00 31.44 ? 8   PHE A CE2 1 
ATOM   59   C  CZ  . PHE A 1 19  ? -19.987 1.444   -8.127  1.00 27.31 ? 8   PHE A CZ  1 
ATOM   60   N  N   . ALA A 1 20  ? -15.157 -2.551  -4.180  1.00 13.37 ? 9   ALA A N   1 
ATOM   61   C  CA  . ALA A 1 20  ? -13.934 -3.185  -3.666  1.00 11.83 ? 9   ALA A CA  1 
ATOM   62   C  C   . ALA A 1 20  ? -13.589 -4.473  -4.360  1.00 11.97 ? 9   ALA A C   1 
ATOM   63   O  O   . ALA A 1 20  ? -14.382 -5.402  -4.405  1.00 13.29 ? 9   ALA A O   1 
ATOM   64   C  CB  . ALA A 1 20  ? -13.964 -3.388  -2.124  1.00 14.14 ? 9   ALA A CB  1 
ATOM   65   N  N   . LEU A 1 21  ? -12.383 -4.636  -4.835  1.00 9.03  ? 10  LEU A N   1 
ATOM   66   C  CA  . LEU A 1 21  ? -12.011 -5.865  -5.573  1.00 9.13  ? 10  LEU A CA  1 
ATOM   67   C  C   . LEU A 1 21  ? -11.688 -6.950  -4.616  1.00 8.71  ? 10  LEU A C   1 
ATOM   68   O  O   . LEU A 1 21  ? -11.062 -6.692  -3.571  1.00 9.20  ? 10  LEU A O   1 
ATOM   69   C  CB  . LEU A 1 21  ? -10.842 -5.645  -6.510  1.00 9.43  ? 10  LEU A CB  1 
ATOM   70   C  CG  . LEU A 1 21  ? -11.004 -4.434  -7.496  1.00 10.68 ? 10  LEU A CG  1 
ATOM   71   C  CD1 . LEU A 1 21  ? -9.774  -4.580  -8.389  1.00 12.53 ? 10  LEU A CD1 1 
ATOM   72   C  CD2 . LEU A 1 21  ? -12.406 -4.538  -8.197  1.00 12.21 ? 10  LEU A CD2 1 
ATOM   73   N  N   . ASP A 1 22  ? -12.078 -8.188  -4.934  1.00 8.44  ? 11  ASP A N   1 
ATOM   74   C  CA  . ASP A 1 22  ? -11.659 -9.327  -4.134  1.00 8.40  ? 11  ASP A CA  1 
ATOM   75   C  C   . ASP A 1 22  ? -10.119 -9.418  -4.117  1.00 7.84  ? 11  ASP A C   1 
ATOM   76   O  O   . ASP A 1 22  ? -9.447  -9.194  -5.141  1.00 7.48  ? 11  ASP A O   1 
ATOM   77   C  CB  . ASP A 1 22  ? -12.171 -10.638 -4.725  1.00 10.98 ? 11  ASP A CB  1 
ATOM   78   C  CG  . ASP A 1 22  ? -13.690 -10.825 -4.535  1.00 17.29 ? 11  ASP A CG  1 
ATOM   79   O  OD1 . ASP A 1 22  ? -14.212 -10.545 -3.492  1.00 27.06 ? 11  ASP A OD1 1 
ATOM   80   O  OD2 . ASP A 1 22  ? -14.287 -11.228 -5.409  1.00 23.36 ? 11  ASP A OD2 1 
ATOM   81   N  N   . SER A 1 23  ? -9.529  -9.818  -2.971  1.00 6.41  ? 12  SER A N   1 
ATOM   82   C  CA  A SER A 1 23  ? -8.055  -9.791  -2.931  0.50 6.38  ? 12  SER A CA  1 
ATOM   83   C  CA  B SER A 1 23  ? -8.050  -9.809  -2.918  0.50 6.80  ? 12  SER A CA  1 
ATOM   84   C  C   . SER A 1 23  ? -7.389  -10.824 -3.838  1.00 6.67  ? 12  SER A C   1 
ATOM   85   O  O   . SER A 1 23  ? -6.225  -10.631 -4.205  1.00 5.98  ? 12  SER A O   1 
ATOM   86   C  CB  A SER A 1 23  ? -7.509  -9.903  -1.501  0.50 5.99  ? 12  SER A CB  1 
ATOM   87   C  CB  B SER A 1 23  ? -7.507  -10.008 -1.494  0.50 6.92  ? 12  SER A CB  1 
ATOM   88   O  OG  A SER A 1 23  ? -7.895  -8.777  -0.732  0.50 5.44  ? 12  SER A OG  1 
ATOM   89   O  OG  B SER A 1 23  ? -7.578  -11.376 -1.110  0.50 7.78  ? 12  SER A OG  1 
ATOM   90   N  N   . SER A 1 24  ? -8.100  -11.905 -4.230  1.00 6.88  ? 13  SER A N   1 
ATOM   91   C  CA  . SER A 1 24  ? -7.528  -12.878 -5.163  1.00 7.25  ? 13  SER A CA  1 
ATOM   92   C  C   . SER A 1 24  ? -7.259  -12.272 -6.562  1.00 7.02  ? 13  SER A C   1 
ATOM   93   O  O   . SER A 1 24  ? -6.528  -12.892 -7.320  1.00 8.59  ? 13  SER A O   1 
ATOM   94   C  CB  . SER A 1 24  ? -8.504  -14.092 -5.368  1.00 7.74  ? 13  SER A CB  1 
ATOM   95   O  OG  . SER A 1 24  ? -9.740  -13.664 -5.878  1.00 8.90  ? 13  SER A OG  1 
ATOM   96   N  N   . LYS A 1 25  ? -7.879  -11.122 -6.817  1.00 6.32  ? 14  LYS A N   1 
ATOM   97   C  CA  . LYS A 1 25  ? -7.637  -10.366 -8.057  1.00 6.74  ? 14  LYS A CA  1 
ATOM   98   C  C   . LYS A 1 25  ? -6.379  -9.530  -8.018  1.00 5.95  ? 14  LYS A C   1 
ATOM   99   O  O   . LYS A 1 25  ? -6.018  -8.917  -9.046  1.00 6.14  ? 14  LYS A O   1 
ATOM   100  C  CB  . LYS A 1 25  ? -8.811  -9.497  -8.428  1.00 8.53  ? 14  LYS A CB  1 
ATOM   101  C  CG  . LYS A 1 25  ? -10.007 -10.498 -8.775  1.00 11.23 ? 14  LYS A CG  1 
ATOM   102  C  CD  . LYS A 1 25  ? -11.217 -9.754  -8.742  1.00 13.87 ? 14  LYS A CD  1 
ATOM   103  C  CE  . LYS A 1 25  ? -12.412 -10.730 -8.930  1.00 12.53 ? 14  LYS A CE  1 
ATOM   104  N  NZ  . LYS A 1 25  ? -12.472 -11.678 -10.113 1.00 15.07 ? 14  LYS A NZ  1 
ATOM   105  N  N   . LEU A 1 26  ? -5.690  -9.554  -6.860  1.00 5.26  ? 15  LEU A N   1 
ATOM   106  C  CA  A LEU A 1 26  ? -4.486  -8.687  -6.673  0.50 5.01  ? 15  LEU A CA  1 
ATOM   107  C  CA  B LEU A 1 26  ? -4.505  -8.676  -6.651  0.50 5.19  ? 15  LEU A CA  1 
ATOM   108  C  C   . LEU A 1 26  ? -3.303  -9.561  -6.455  1.00 4.72  ? 15  LEU A C   1 
ATOM   109  O  O   . LEU A 1 26  ? -3.278  -10.377 -5.502  1.00 4.80  ? 15  LEU A O   1 
ATOM   110  C  CB  A LEU A 1 26  ? -4.688  -7.842  -5.427  0.50 4.72  ? 15  LEU A CB  1 
ATOM   111  C  CB  B LEU A 1 26  ? -4.760  -7.860  -5.382  0.50 5.11  ? 15  LEU A CB  1 
ATOM   112  C  CG  A LEU A 1 26  ? -5.563  -6.591  -5.547  0.50 4.65  ? 15  LEU A CG  1 
ATOM   113  C  CG  B LEU A 1 26  ? -6.096  -7.085  -5.241  0.50 5.44  ? 15  LEU A CG  1 
ATOM   114  C  CD1 A LEU A 1 26  ? -6.957  -6.966  -6.098  0.50 4.91  ? 15  LEU A CD1 1 
ATOM   115  C  CD1 B LEU A 1 26  ? -6.185  -6.383  -3.898  0.50 5.51  ? 15  LEU A CD1 1 
ATOM   116  C  CD2 A LEU A 1 26  ? -5.635  -5.945  -4.161  0.50 4.78  ? 15  LEU A CD2 1 
ATOM   117  C  CD2 B LEU A 1 26  ? -6.313  -6.132  -6.412  0.50 5.58  ? 15  LEU A CD2 1 
ATOM   118  N  N   . GLU A 1 27  ? -2.296  -9.417  -7.325  1.00 4.46  ? 16  GLU A N   1 
ATOM   119  C  CA  . GLU A 1 27  ? -1.048  -10.205 -7.206  1.00 5.02  ? 16  GLU A CA  1 
ATOM   120  C  C   . GLU A 1 27  ? 0.074   -9.233  -6.929  1.00 4.61  ? 16  GLU A C   1 
ATOM   121  O  O   . GLU A 1 27  ? 0.363   -8.340  -7.720  1.00 4.12  ? 16  GLU A O   1 
ATOM   122  C  CB  . GLU A 1 27  ? -0.763  -11.008 -8.492  1.00 6.23  ? 16  GLU A CB  1 
ATOM   123  C  CG  . GLU A 1 27  ? 0.486   -11.841 -8.397  1.00 8.95  ? 16  GLU A CG  1 
ATOM   124  C  CD  . GLU A 1 27  ? 0.893   -12.453 -9.717  1.00 12.44 ? 16  GLU A CD  1 
ATOM   125  O  OE1 . GLU A 1 27  ? 0.238   -12.238 -10.762 1.00 15.98 ? 16  GLU A OE1 1 
ATOM   126  O  OE2 . GLU A 1 27  ? 2.006   -13.056 -9.719  1.00 15.79 ? 16  GLU A OE2 1 
ATOM   127  N  N   . ALA A 1 28  ? 0.792   -9.423  -5.815  1.00 4.17  ? 17  ALA A N   1 
ATOM   128  C  CA  . ALA A 1 28  ? 2.006   -8.604  -5.582  1.00 4.58  ? 17  ALA A CA  1 
ATOM   129  C  C   . ALA A 1 28  ? 3.156   -9.201  -6.402  1.00 5.06  ? 17  ALA A C   1 
ATOM   130  O  O   . ALA A 1 28  ? 3.616   -10.333 -6.143  1.00 6.37  ? 17  ALA A O   1 
ATOM   131  C  CB  . ALA A 1 28  ? 2.389   -8.618  -4.104  1.00 5.36  ? 17  ALA A CB  1 
ATOM   132  N  N   . ILE A 1 29  ? 3.607   -8.451  -7.400  1.00 4.88  ? 18  ILE A N   1 
ATOM   133  C  CA  . ILE A 1 29  ? 4.597   -9.010  -8.333  1.00 5.40  ? 18  ILE A CA  1 
ATOM   134  C  C   . ILE A 1 29  ? 5.984   -8.433  -8.077  1.00 5.87  ? 18  ILE A C   1 
ATOM   135  O  O   . ILE A 1 29  ? 6.970   -8.961  -8.636  1.00 8.75  ? 18  ILE A O   1 
ATOM   136  C  CB  . ILE A 1 29  ? 4.232   -8.677  -9.802  1.00 5.72  ? 18  ILE A CB  1 
ATOM   137  C  CG1 . ILE A 1 29  ? 4.073   -7.173  -10.051 1.00 6.40  ? 18  ILE A CG1 1 
ATOM   138  C  CG2 . ILE A 1 29  ? 2.958   -9.393  -10.217 1.00 4.91  ? 18  ILE A CG2 1 
ATOM   139  C  CD1 . ILE A 1 29  ? 4.160   -6.783  -11.514 1.00 8.12  ? 18  ILE A CD1 1 
ATOM   140  N  N   . TYR A 1 30  ? 6.107   -7.425  -7.239  1.00 5.55  ? 19  TYR A N   1 
ATOM   141  C  CA  . TYR A 1 30  ? 7.439   -6.863  -6.988  1.00 5.65  ? 19  TYR A CA  1 
ATOM   142  C  C   . TYR A 1 30  ? 7.425   -6.189  -5.648  1.00 5.54  ? 19  TYR A C   1 
ATOM   143  O  O   . TYR A 1 30  ? 6.418   -5.533  -5.289  1.00 5.74  ? 19  TYR A O   1 
ATOM   144  C  CB  . TYR A 1 30  ? 7.802   -5.765  -8.035  1.00 5.69  ? 19  TYR A CB  1 
ATOM   145  C  CG  . TYR A 1 30  ? 9.069   -4.949  -7.782  1.00 7.54  ? 19  TYR A CG  1 
ATOM   146  C  CD1 . TYR A 1 30  ? 10.314  -5.446  -8.217  1.00 8.94  ? 19  TYR A CD1 1 
ATOM   147  C  CD2 . TYR A 1 30  ? 9.022   -3.738  -7.024  1.00 7.78  ? 19  TYR A CD2 1 
ATOM   148  C  CE1 . TYR A 1 30  ? 11.501  -4.727  -7.940  1.00 9.69  ? 19  TYR A CE1 1 
ATOM   149  C  CE2 . TYR A 1 30  ? 10.230  -3.038  -6.743  1.00 8.97  ? 19  TYR A CE2 1 
ATOM   150  C  CZ  . TYR A 1 30  ? 11.446  -3.579  -7.161  1.00 9.56  ? 19  TYR A CZ  1 
ATOM   151  O  OH  . TYR A 1 30  ? 12.623  -2.922  -6.923  1.00 10.51 ? 19  TYR A OH  1 
ATOM   152  N  N   . ALA A 1 31  ? 8.529   -6.288  -4.900  1.00 5.28  ? 20  ALA A N   1 
ATOM   153  C  CA  . ALA A 1 31  ? 8.738   -5.347  -3.764  1.00 4.87  ? 20  ALA A CA  1 
ATOM   154  C  C   . ALA A 1 31  ? 10.225  -5.087  -3.634  1.00 5.29  ? 20  ALA A C   1 
ATOM   155  O  O   . ALA A 1 31  ? 11.056  -5.939  -4.000  1.00 6.20  ? 20  ALA A O   1 
ATOM   156  C  CB  . ALA A 1 31  ? 8.197   -5.964  -2.416  1.00 5.50  ? 20  ALA A CB  1 
ATOM   157  N  N   . THR A 1 32  ? 10.564  -3.891  -3.132  1.00 5.23  ? 21  THR A N   1 
ATOM   158  C  CA  . THR A 1 32  ? 11.986  -3.524  -3.037  1.00 5.37  ? 21  THR A CA  1 
ATOM   159  C  C   . THR A 1 32  ? 12.758  -4.525  -2.176  1.00 6.31  ? 21  THR A C   1 
ATOM   160  O  O   . THR A 1 32  ? 13.921  -4.911  -2.536  1.00 6.40  ? 21  THR A O   1 
ATOM   161  C  CB  . THR A 1 32  ? 12.133  -2.150  -2.429  1.00 4.98  ? 21  THR A CB  1 
ATOM   162  O  OG1 . THR A 1 32  ? 11.382  -1.186  -3.234  1.00 5.14  ? 21  THR A OG1 1 
ATOM   163  C  CG2 . THR A 1 32  ? 13.616  -1.809  -2.341  1.00 4.47  ? 21  THR A CG2 1 
ATOM   164  N  N   . SER A 1 33  ? 12.123  -4.936  -1.052  1.00 5.48  ? 22  SER A N   1 
ATOM   165  C  CA  . SER A 1 33  ? 12.700  -5.962  -0.199  1.00 5.91  ? 22  SER A CA  1 
ATOM   166  C  C   . SER A 1 33  ? 11.579  -6.533  0.649   1.00 5.87  ? 22  SER A C   1 
ATOM   167  O  O   . SER A 1 33  ? 10.450  -5.980  0.703   1.00 5.97  ? 22  SER A O   1 
ATOM   168  C  CB  . SER A 1 33  ? 13.765  -5.356  0.745   1.00 5.70  ? 22  SER A CB  1 
ATOM   169  O  OG  . SER A 1 33  ? 13.193  -4.277  1.550   1.00 5.64  ? 22  SER A OG  1 
ATOM   170  N  N   . GLU A 1 34  ? 11.925  -7.600  1.362   1.00 6.95  ? 23  GLU A N   1 
ATOM   171  C  CA  . GLU A 1 34  ? 10.969  -8.308  2.305   1.00 7.53  ? 23  GLU A CA  1 
ATOM   172  C  C   . GLU A 1 34  ? 11.790  -8.779  3.468   1.00 8.28  ? 23  GLU A C   1 
ATOM   173  O  O   . GLU A 1 34  ? 13.016  -9.097  3.312   1.00 9.75  ? 23  GLU A O   1 
ATOM   174  C  CB  . GLU A 1 34  ? 10.487  -9.610  1.690   1.00 10.64 ? 23  GLU A CB  1 
ATOM   175  C  CG  . GLU A 1 34  ? 9.530   -9.421  0.677   1.00 12.12 ? 23  GLU A CG  1 
ATOM   176  C  CD  . GLU A 1 34  ? 9.037   -10.759 0.211   1.00 10.59 ? 23  GLU A CD  1 
ATOM   177  O  OE1 . GLU A 1 34  ? 8.212   -10.702 -0.652  1.00 9.02  ? 23  GLU A OE1 1 
ATOM   178  O  OE2 . GLU A 1 34  ? 9.398   -11.886 0.637   1.00 11.12 ? 23  GLU A OE2 1 
ATOM   179  N  N   . ALA A 1 35  ? 11.130  -8.907  4.612   1.00 7.86  ? 24  ALA A N   1 
ATOM   180  C  CA  . ALA A 1 35  ? 11.730  -9.475  5.835   1.00 6.99  ? 24  ALA A CA  1 
ATOM   181  C  C   . ALA A 1 35  ? 10.931  -10.652 6.296   1.00 6.86  ? 24  ALA A C   1 
ATOM   182  O  O   . ALA A 1 35  ? 9.694   -10.713 6.225   1.00 6.22  ? 24  ALA A O   1 
ATOM   183  C  CB  . ALA A 1 35  ? 11.650  -8.462  6.941   1.00 8.94  ? 24  ALA A CB  1 
ATOM   184  N  N   . ASP A 1 36  ? 11.658  -11.620 6.895   1.00 6.28  ? 25  ASP A N   1 
ATOM   185  C  CA  . ASP A 1 36  ? 10.986  -12.722 7.608   1.00 6.12  ? 25  ASP A CA  1 
ATOM   186  C  C   . ASP A 1 36  ? 9.965   -13.424 6.731   1.00 6.22  ? 25  ASP A C   1 
ATOM   187  O  O   . ASP A 1 36  ? 10.275  -13.735 5.533   1.00 6.09  ? 25  ASP A O   1 
ATOM   188  C  CB  . ASP A 1 36  ? 10.448  -12.231 8.984   1.00 6.29  ? 25  ASP A CB  1 
ATOM   189  C  CG  . ASP A 1 36  ? 11.503  -11.469 9.697   1.00 7.85  ? 25  ASP A CG  1 
ATOM   190  O  OD1 . ASP A 1 36  ? 12.681  -11.912 9.810   1.00 8.60  ? 25  ASP A OD1 1 
ATOM   191  O  OD2 . ASP A 1 36  ? 11.198  -10.307 10.135  1.00 9.62  ? 25  ASP A OD2 1 
ATOM   192  N  N   . ARG A 1 37  ? 8.804   -13.722 7.260   1.00 6.49  ? 26  ARG A N   1 
ATOM   193  C  CA  A ARG A 1 37  ? 7.762   -14.267 6.375   0.50 6.97  ? 26  ARG A CA  1 
ATOM   194  C  CA  B ARG A 1 37  ? 7.711   -14.286 6.500   0.50 6.80  ? 26  ARG A CA  1 
ATOM   195  C  C   . ARG A 1 37  ? 6.685   -13.262 6.075   1.00 6.13  ? 26  ARG A C   1 
ATOM   196  O  O   . ARG A 1 37  ? 5.549   -13.610 5.748   1.00 6.72  ? 26  ARG A O   1 
ATOM   197  C  CB  A ARG A 1 37  ? 7.153   -15.589 6.880   0.50 7.87  ? 26  ARG A CB  1 
ATOM   198  C  CB  B ARG A 1 37  ? 7.038   -15.429 7.271   0.50 7.40  ? 26  ARG A CB  1 
ATOM   199  C  CG  A ARG A 1 37  ? 8.211   -16.578 7.303   0.50 8.67  ? 26  ARG A CG  1 
ATOM   200  C  CG  B ARG A 1 37  ? 7.631   -16.759 6.846   0.50 7.57  ? 26  ARG A CG  1 
ATOM   201  C  CD  A ARG A 1 37  ? 7.640   -17.976 7.447   0.50 9.16  ? 26  ARG A CD  1 
ATOM   202  C  CD  B ARG A 1 37  ? 9.114   -16.910 7.180   0.50 7.11  ? 26  ARG A CD  1 
ATOM   203  N  NE  A ARG A 1 37  ? 6.780   -17.994 8.582   0.50 9.92  ? 26  ARG A NE  1 
ATOM   204  N  NE  B ARG A 1 37  ? 9.264   -16.700 8.627   0.50 6.50  ? 26  ARG A NE  1 
ATOM   205  C  CZ  A ARG A 1 37  ? 5.781   -18.848 8.722   0.50 10.65 ? 26  ARG A CZ  1 
ATOM   206  C  CZ  B ARG A 1 37  ? 10.384  -16.251 9.213   0.50 6.16  ? 26  ARG A CZ  1 
ATOM   207  N  NH1 A ARG A 1 37  ? 5.571   -19.785 7.806   0.50 11.31 ? 26  ARG A NH1 1 
ATOM   208  N  NH1 B ARG A 1 37  ? 11.478  -15.960 8.447   0.50 4.58  ? 26  ARG A NH1 1 
ATOM   209  N  NH2 A ARG A 1 37  ? 5.031   -18.769 9.825   0.50 10.71 ? 26  ARG A NH2 1 
ATOM   210  N  NH2 B ARG A 1 37  ? 10.335  -16.058 10.530  0.50 6.89  ? 26  ARG A NH2 1 
ATOM   211  N  N   . ASP A 1 38  ? 7.105   -12.004 6.078   1.00 5.26  ? 27  ASP A N   1 
ATOM   212  C  CA  . ASP A 1 38  ? 6.178   -10.896 5.795   1.00 4.81  ? 27  ASP A CA  1 
ATOM   213  C  C   . ASP A 1 38  ? 6.234   -10.514 4.300   1.00 4.30  ? 27  ASP A C   1 
ATOM   214  O  O   . ASP A 1 38  ? 6.726   -9.463  3.878   1.00 4.37  ? 27  ASP A O   1 
ATOM   215  C  CB  . ASP A 1 38  ? 6.499   -9.735  6.691   1.00 4.89  ? 27  ASP A CB  1 
ATOM   216  C  CG  . ASP A 1 38  ? 6.190   -10.075 8.203   1.00 5.31  ? 27  ASP A CG  1 
ATOM   217  O  OD1 . ASP A 1 38  ? 5.330   -10.961 8.493   1.00 6.74  ? 27  ASP A OD1 1 
ATOM   218  O  OD2 . ASP A 1 38  ? 6.807   -9.366  9.045   1.00 6.43  ? 27  ASP A OD2 1 
ATOM   219  N  N   . TYR A 1 39  ? 5.743   -11.483 3.516   1.00 4.52  ? 28  TYR A N   1 
ATOM   220  C  CA  . TYR A 1 39  ? 5.908   -11.502 2.026   1.00 4.60  ? 28  TYR A CA  1 
ATOM   221  C  C   . TYR A 1 39  ? 5.105   -10.403 1.359   1.00 4.48  ? 28  TYR A C   1 
ATOM   222  O  O   . TYR A 1 39  ? 4.058   -9.932  1.884   1.00 4.34  ? 28  TYR A O   1 
ATOM   223  C  CB  . TYR A 1 39  ? 5.348   -12.828 1.527   1.00 6.05  ? 28  TYR A CB  1 
ATOM   224  C  CG  . TYR A 1 39  ? 5.999   -14.046 2.132   1.00 6.85  ? 28  TYR A CG  1 
ATOM   225  C  CD1 . TYR A 1 39  ? 7.397   -14.160 2.152   1.00 7.53  ? 28  TYR A CD1 1 
ATOM   226  C  CD2 . TYR A 1 39  ? 5.203   -15.036 2.680   1.00 7.85  ? 28  TYR A CD2 1 
ATOM   227  C  CE1 . TYR A 1 39  ? 8.012   -15.283 2.704   1.00 8.16  ? 28  TYR A CE1 1 
ATOM   228  C  CE2 . TYR A 1 39  ? 5.807   -16.166 3.235   1.00 8.33  ? 28  TYR A CE2 1 
ATOM   229  C  CZ  . TYR A 1 39  ? 7.185   -16.260 3.204   1.00 8.26  ? 28  TYR A CZ  1 
ATOM   230  O  OH  . TYR A 1 39  ? 7.751   -17.414 3.832   1.00 9.95  ? 28  TYR A OH  1 
ATOM   231  N  N   . LYS A 1 40  ? 5.605   -9.965  0.201   1.00 4.22  ? 29  LYS A N   1 
ATOM   232  C  CA  . LYS A 1 40  ? 4.796   -8.983  -0.578  1.00 4.64  ? 29  LYS A CA  1 
ATOM   233  C  C   . LYS A 1 40  ? 3.348   -9.458  -0.798  1.00 4.73  ? 29  LYS A C   1 
ATOM   234  O  O   . LYS A 1 40  ? 2.433   -8.637  -0.743  1.00 4.39  ? 29  LYS A O   1 
ATOM   235  C  CB  . LYS A 1 40  ? 5.558   -8.596  -1.863  1.00 4.55  ? 29  LYS A CB  1 
ATOM   236  C  CG  . LYS A 1 40  ? 5.741   -9.745  -2.804  1.00 5.25  ? 29  LYS A CG  1 
ATOM   237  C  CD  . LYS A 1 40  ? 6.571   -9.348  -4.019  1.00 5.98  ? 29  LYS A CD  1 
ATOM   238  C  CE  . LYS A 1 40  ? 6.745   -10.447 -5.063  1.00 6.86  ? 29  LYS A CE  1 
ATOM   239  N  NZ  . LYS A 1 40  ? 7.755   -11.459 -4.564  1.00 10.69 ? 29  LYS A NZ  1 
ATOM   240  N  N   . GLU A 1 41  ? 3.156   -10.756 -1.024  1.00 4.79  ? 30  GLU A N   1 
ATOM   241  C  CA  . GLU A 1 41  ? 1.803   -11.264 -1.312  1.00 5.16  ? 30  GLU A CA  1 
ATOM   242  C  C   . GLU A 1 41  ? 0.890   -10.984 -0.111  1.00 4.62  ? 30  GLU A C   1 
ATOM   243  O  O   . GLU A 1 41  ? -0.320  -10.878 -0.278  1.00 4.62  ? 30  GLU A O   1 
ATOM   244  C  CB  . GLU A 1 41  ? 1.824   -12.751 -1.575  1.00 5.89  ? 30  GLU A CB  1 
ATOM   245  C  CG  . GLU A 1 41  ? 2.572   -13.213 -2.868  1.00 8.22  ? 30  GLU A CG  1 
ATOM   246  C  CD  . GLU A 1 41  ? 4.081   -13.248 -2.778  1.00 9.67  ? 30  GLU A CD  1 
ATOM   247  O  OE1 . GLU A 1 41  ? 4.660   -13.009 -1.687  1.00 8.15  ? 30  GLU A OE1 1 
ATOM   248  O  OE2 . GLU A 1 41  ? 4.747   -13.423 -3.873  1.00 14.57 ? 30  GLU A OE2 1 
ATOM   249  N  N   . ASN A 1 42  ? 1.447   -10.855 1.089   1.00 4.29  ? 31  ASN A N   1 
ATOM   250  C  CA  . ASN A 1 42  ? 0.610   -10.665 2.269   1.00 4.91  ? 31  ASN A CA  1 
ATOM   251  C  C   . ASN A 1 42  ? 0.028   -9.259  2.294   1.00 4.15  ? 31  ASN A C   1 
ATOM   252  O  O   . ASN A 1 42  ? -0.906  -9.006  3.132   1.00 4.06  ? 31  ASN A O   1 
ATOM   253  C  CB  . ASN A 1 42  ? 1.410   -10.822 3.542   1.00 4.90  ? 31  ASN A CB  1 
ATOM   254  C  CG  . ASN A 1 42  ? 1.843   -12.259 3.804   1.00 6.34  ? 31  ASN A CG  1 
ATOM   255  O  OD1 . ASN A 1 42  ? 1.557   -13.156 3.037   1.00 8.07  ? 31  ASN A OD1 1 
ATOM   256  N  ND2 . ASN A 1 42  ? 2.613   -12.459 4.891   1.00 6.92  ? 31  ASN A ND2 1 
ATOM   257  N  N   . ALA A 1 43  ? 0.498   -8.300  1.444   1.00 4.01  ? 32  ALA A N   1 
ATOM   258  C  CA  . ALA A 1 43  ? -0.131  -6.993  1.447   1.00 3.81  ? 32  ALA A CA  1 
ATOM   259  C  C   . ALA A 1 43  ? -1.470  -7.028  0.772   1.00 3.69  ? 32  ALA A C   1 
ATOM   260  O  O   . ALA A 1 43  ? -2.212  -6.068  0.895   1.00 3.95  ? 32  ALA A O   1 
ATOM   261  C  CB  . ALA A 1 43  ? 0.748   -5.949  0.719   1.00 3.78  ? 32  ALA A CB  1 
ATOM   262  N  N   . VAL A 1 44  ? -1.754  -8.047  -0.009  1.00 3.85  ? 33  VAL A N   1 
ATOM   263  C  CA  . VAL A 1 44  ? -3.000  -8.092  -0.833  1.00 3.66  ? 33  VAL A CA  1 
ATOM   264  C  C   . VAL A 1 44  ? -3.612  -9.497  -0.815  1.00 4.32  ? 33  VAL A C   1 
ATOM   265  O  O   . VAL A 1 44  ? -4.173  -9.936  -1.813  1.00 4.56  ? 33  VAL A O   1 
ATOM   266  C  CB  . VAL A 1 44  ? -2.734  -7.624  -2.297  1.00 3.25  ? 33  VAL A CB  1 
ATOM   267  C  CG1 . VAL A 1 44  ? -2.416  -6.142  -2.323  1.00 3.37  ? 33  VAL A CG1 1 
ATOM   268  C  CG2 . VAL A 1 44  ? -1.538  -8.388  -2.925  1.00 3.71  ? 33  VAL A CG2 1 
ATOM   269  N  N   . ASP A 1 45  ? -3.586  -10.121 0.367   1.00 4.38  ? 34  ASP A N   1 
ATOM   270  C  CA  . ASP A 1 45  ? -4.164  -11.486 0.497   1.00 4.93  ? 34  ASP A CA  1 
ATOM   271  C  C   . ASP A 1 45  ? -5.502  -11.433 1.226   1.00 5.13  ? 34  ASP A C   1 
ATOM   272  O  O   . ASP A 1 45  ? -6.054  -12.552 1.452   1.00 5.76  ? 34  ASP A O   1 
ATOM   273  C  CB  . ASP A 1 45  ? -3.220  -12.445 1.190   1.00 4.99  ? 34  ASP A CB  1 
ATOM   274  C  CG  . ASP A 1 45  ? -2.884  -12.013 2.649   1.00 4.98  ? 34  ASP A CG  1 
ATOM   275  O  OD1 . ASP A 1 45  ? -3.322  -10.929 3.144   1.00 4.91  ? 34  ASP A OD1 1 
ATOM   276  O  OD2 . ASP A 1 45  ? -2.140  -12.791 3.284   1.00 5.99  ? 34  ASP A OD2 1 
ATOM   277  N  N   . GLY A 1 46  ? -6.077  -10.269 1.438   1.00 5.07  ? 35  GLY A N   1 
ATOM   278  C  CA  . GLY A 1 46  ? -7.383  -10.175 2.088   1.00 4.56  ? 35  GLY A CA  1 
ATOM   279  C  C   . GLY A 1 46  ? -7.366  -10.571 3.532   1.00 4.96  ? 35  GLY A C   1 
ATOM   280  O  O   . GLY A 1 46  ? -8.431  -10.708 4.141   1.00 5.67  ? 35  GLY A O   1 
ATOM   281  N  N   . ASP A 1 47  ? -6.185  -10.766 4.123   1.00 5.18  ? 36  ASP A N   1 
ATOM   282  C  CA  . ASP A 1 47  ? -6.064  -11.170 5.562   1.00 5.05  ? 36  ASP A CA  1 
ATOM   283  C  C   . ASP A 1 47  ? -5.426  -10.016 6.327   1.00 5.52  ? 36  ASP A C   1 
ATOM   284  O  O   . ASP A 1 47  ? -4.220  -9.677  6.135   1.00 6.45  ? 36  ASP A O   1 
ATOM   285  C  CB  . ASP A 1 47  ? -5.245  -12.461 5.651   1.00 5.54  ? 36  ASP A CB  1 
ATOM   286  C  CG  . ASP A 1 47  ? -5.167  -13.058 7.089   1.00 6.21  ? 36  ASP A CG  1 
ATOM   287  O  OD1 . ASP A 1 47  ? -5.364  -12.287 8.057   1.00 6.93  ? 36  ASP A OD1 1 
ATOM   288  O  OD2 . ASP A 1 47  ? -4.806  -14.295 7.080   1.00 6.67  ? 36  ASP A OD2 1 
ATOM   289  N  N   . GLU A 1 48  ? -6.227  -9.429  7.198   1.00 5.23  ? 37  GLU A N   1 
ATOM   290  C  CA  . GLU A 1 48  ? -5.751  -8.304  8.012   1.00 5.28  ? 37  GLU A CA  1 
ATOM   291  C  C   . GLU A 1 48  ? -4.586  -8.678  8.956   1.00 6.00  ? 37  GLU A C   1 
ATOM   292  O  O   . GLU A 1 48  ? -3.873  -7.763  9.422   1.00 5.78  ? 37  GLU A O   1 
ATOM   293  C  CB  . GLU A 1 48  ? -6.878  -7.661  8.881   1.00 5.63  ? 37  GLU A CB  1 
ATOM   294  C  CG  . GLU A 1 48  ? -8.006  -7.127  7.977   1.00 6.90  ? 37  GLU A CG  1 
ATOM   295  C  CD  . GLU A 1 48  ? -9.053  -6.383  8.752   1.00 7.76  ? 37  GLU A CD  1 
ATOM   296  O  OE1 . GLU A 1 48  ? -9.086  -6.467  9.988   1.00 9.15  ? 37  GLU A OE1 1 
ATOM   297  O  OE2 . GLU A 1 48  ? -9.868  -5.679  8.109   1.00 8.87  ? 37  GLU A OE2 1 
ATOM   298  N  N   . ASN A 1 49  ? -4.444  -9.973  9.216   1.00 6.25  ? 38  ASN A N   1 
ATOM   299  C  CA  . ASN A 1 49  ? -3.462  -10.464 10.155  1.00 6.92  ? 38  ASN A CA  1 
ATOM   300  C  C   . ASN A 1 49  ? -2.101  -10.692 9.546   1.00 6.82  ? 38  ASN A C   1 
ATOM   301  O  O   . ASN A 1 49  ? -1.159  -10.929 10.311  1.00 10.22 ? 38  ASN A O   1 
ATOM   302  C  CB  . ASN A 1 49  ? -3.988  -11.716 10.911  1.00 6.87  ? 38  ASN A CB  1 
ATOM   303  C  CG  . ASN A 1 49  ? -5.461  -11.496 11.399  1.00 7.63  ? 38  ASN A CG  1 
ATOM   304  O  OD1 . ASN A 1 49  ? -5.710  -10.864 12.455  1.00 9.14  ? 38  ASN A OD1 1 
ATOM   305  N  ND2 . ASN A 1 49  ? -6.444  -11.929 10.549  1.00 6.73  ? 38  ASN A ND2 1 
ATOM   306  N  N   . THR A 1 50  ? -1.978  -10.706 8.228   1.00 5.87  ? 39  THR A N   1 
ATOM   307  C  CA  . THR A 1 50  ? -0.669  -10.944 7.584   1.00 5.29  ? 39  THR A CA  1 
ATOM   308  C  C   . THR A 1 50  ? -0.238  -9.616  6.967   1.00 5.06  ? 39  THR A C   1 
ATOM   309  O  O   . THR A 1 50  ? -1.114  -8.820  6.531   1.00 5.08  ? 39  THR A O   1 
ATOM   310  C  CB  . THR A 1 50  ? -0.785  -11.935 6.409   1.00 5.54  ? 39  THR A CB  1 
ATOM   311  O  OG1 . THR A 1 50  ? -1.667  -11.389 5.417   1.00 5.52  ? 39  THR A OG1 1 
ATOM   312  C  CG2 . THR A 1 50  ? -1.337  -13.323 6.910   1.00 5.87  ? 39  THR A CG2 1 
ATOM   313  N  N   . ILE A 1 51  ? 1.084   -9.374  6.962   1.00 4.71  ? 40  ILE A N   1 
ATOM   314  C  CA  . ILE A 1 51  ? 1.647   -8.122  6.465   1.00 4.27  ? 40  ILE A CA  1 
ATOM   315  C  C   . ILE A 1 51  ? 2.767   -8.403  5.485   1.00 4.11  ? 40  ILE A C   1 
ATOM   316  O  O   . ILE A 1 51  ? 3.462   -9.439  5.543   1.00 4.19  ? 40  ILE A O   1 
ATOM   317  C  CB  . ILE A 1 51  ? 2.200   -7.216  7.592   1.00 4.43  ? 40  ILE A CB  1 
ATOM   318  C  CG1 . ILE A 1 51  ? 3.447   -7.831  8.248   1.00 4.66  ? 40  ILE A CG1 1 
ATOM   319  C  CG2 . ILE A 1 51  ? 1.067   -7.017  8.657   1.00 4.79  ? 40  ILE A CG2 1 
ATOM   320  C  CD1 . ILE A 1 51  ? 3.992   -6.902  9.311   1.00 5.73  ? 40  ILE A CD1 1 
ATOM   321  N  N   . TRP A 1 52  ? 2.924   -7.432  4.580   1.00 3.83  ? 41  TRP A N   1 
ATOM   322  C  CA  . TRP A 1 52  ? 4.266   -7.249  3.923   1.00 3.46  ? 41  TRP A CA  1 
ATOM   323  C  C   . TRP A 1 52  ? 5.062   -6.352  4.827   1.00 3.68  ? 41  TRP A C   1 
ATOM   324  O  O   . TRP A 1 52  ? 4.556   -5.363  5.392   1.00 3.65  ? 41  TRP A O   1 
ATOM   325  C  CB  . TRP A 1 52  ? 4.054   -6.539  2.567   1.00 3.52  ? 41  TRP A CB  1 
ATOM   326  C  CG  . TRP A 1 52  ? 5.391   -6.040  1.982   1.00 3.60  ? 41  TRP A CG  1 
ATOM   327  C  CD1 . TRP A 1 52  ? 6.532   -6.774  1.753   1.00 3.75  ? 41  TRP A CD1 1 
ATOM   328  C  CD2 . TRP A 1 52  ? 5.671   -4.694  1.559   1.00 3.85  ? 41  TRP A CD2 1 
ATOM   329  N  NE1 . TRP A 1 52  ? 7.559   -5.908  1.246   1.00 3.90  ? 41  TRP A NE1 1 
ATOM   330  C  CE2 . TRP A 1 52  ? 7.025   -4.642  1.182   1.00 3.47  ? 41  TRP A CE2 1 
ATOM   331  C  CE3 . TRP A 1 52  ? 4.939   -3.486  1.641   1.00 3.58  ? 41  TRP A CE3 1 
ATOM   332  C  CZ2 . TRP A 1 52  ? 7.629   -3.470  0.743   1.00 3.67  ? 41  TRP A CZ2 1 
ATOM   333  C  CZ3 . TRP A 1 52  ? 5.533   -2.311  1.145   1.00 4.38  ? 41  TRP A CZ3 1 
ATOM   334  C  CH2 . TRP A 1 52  ? 6.852   -2.311  0.682   1.00 3.94  ? 41  TRP A CH2 1 
ATOM   335  N  N   . HIS A 1 53  ? 6.361   -6.690  4.965   1.00 3.86  ? 42  HIS A N   1 
ATOM   336  C  CA  . HIS A 1 53  ? 7.296   -5.810  5.691   1.00 3.74  ? 42  HIS A CA  1 
ATOM   337  C  C   . HIS A 1 53  ? 8.560   -5.792  4.911   1.00 4.29  ? 42  HIS A C   1 
ATOM   338  O  O   . HIS A 1 53  ? 9.086   -6.829  4.535   1.00 3.98  ? 42  HIS A O   1 
ATOM   339  C  CB  . HIS A 1 53  ? 7.583   -6.377  7.118   1.00 4.03  ? 42  HIS A CB  1 
ATOM   340  C  CG  . HIS A 1 53  ? 8.161   -5.407  8.083   1.00 4.07  ? 42  HIS A CG  1 
ATOM   341  N  ND1 . HIS A 1 53  ? 9.405   -4.837  7.937   1.00 4.21  ? 42  HIS A ND1 1 
ATOM   342  C  CD2 . HIS A 1 53  ? 7.703   -4.998  9.309   1.00 4.48  ? 42  HIS A CD2 1 
ATOM   343  C  CE1 . HIS A 1 53  ? 9.694   -4.113  9.019   1.00 4.37  ? 42  HIS A CE1 1 
ATOM   344  N  NE2 . HIS A 1 53  ? 8.647   -4.157  9.849   1.00 4.54  ? 42  HIS A NE2 1 
ATOM   345  N  N   . SER A 1 54  ? 9.076   -4.576  4.648   1.00 4.17  ? 43  SER A N   1 
ATOM   346  C  CA  . SER A 1 54  ? 10.357  -4.499  3.894   1.00 4.22  ? 43  SER A CA  1 
ATOM   347  C  C   . SER A 1 54  ? 11.511  -4.823  4.848   1.00 4.65  ? 43  SER A C   1 
ATOM   348  O  O   . SER A 1 54  ? 11.335  -4.963  6.049   1.00 5.17  ? 43  SER A O   1 
ATOM   349  C  CB  . SER A 1 54  ? 10.505  -3.107  3.231   1.00 4.25  ? 43  SER A CB  1 
ATOM   350  O  OG  . SER A 1 54  ? 10.716  -2.071  4.183   1.00 3.83  ? 43  SER A OG  1 
ATOM   351  N  N   . ALA A 1 55  ? 12.701  -5.038  4.261   1.00 4.95  ? 44  ALA A N   1 
ATOM   352  C  CA  . ALA A 1 55  ? 13.863  -5.489  5.077   1.00 5.24  ? 44  ALA A CA  1 
ATOM   353  C  C   . ALA A 1 55  ? 14.401  -4.371  6.002   1.00 5.46  ? 44  ALA A C   1 
ATOM   354  O  O   . ALA A 1 55  ? 14.204  -3.181  5.783   1.00 5.71  ? 44  ALA A O   1 
ATOM   355  C  CB  . ALA A 1 55  ? 14.951  -6.015  4.173   1.00 6.47  ? 44  ALA A CB  1 
ATOM   356  N  N   . TYR A 1 56  ? 15.082  -4.819  7.077   1.00 6.12  ? 45  TYR A N   1 
ATOM   357  C  CA  . TYR A 1 56  ? 15.462  -3.840  8.108   1.00 7.43  ? 45  TYR A CA  1 
ATOM   358  C  C   . TYR A 1 56  ? 16.924  -4.036  8.546   1.00 8.76  ? 45  TYR A C   1 
ATOM   359  O  O   . TYR A 1 56  ? 17.256  -3.769  9.702   1.00 10.15 ? 45  TYR A O   1 
ATOM   360  C  CB  . TYR A 1 56  ? 14.493  -3.861  9.302   1.00 7.01  ? 45  TYR A CB  1 
ATOM   361  C  CG  . TYR A 1 56  ? 14.185  -5.263  9.839   1.00 7.48  ? 45  TYR A CG  1 
ATOM   362  C  CD1 . TYR A 1 56  ? 15.062  -5.911  10.695  1.00 7.72  ? 45  TYR A CD1 1 
ATOM   363  C  CD2 . TYR A 1 56  ? 13.025  -5.877  9.476   1.00 7.65  ? 45  TYR A CD2 1 
ATOM   364  C  CE1 . TYR A 1 56  ? 14.769  -7.198  11.133  1.00 8.12  ? 45  TYR A CE1 1 
ATOM   365  C  CE2 . TYR A 1 56  ? 12.680  -7.129  9.915   1.00 8.74  ? 45  TYR A CE2 1 
ATOM   366  C  CZ  . TYR A 1 56  ? 13.542  -7.799  10.776  1.00 8.74  ? 45  TYR A CZ  1 
ATOM   367  O  OH  . TYR A 1 56  ? 13.172  -9.061  11.250  1.00 11.58 ? 45  TYR A OH  1 
ATOM   368  N  N   . GLN A 1 57  ? 17.767  -4.452  7.606   1.00 9.59  ? 46  GLN A N   1 
ATOM   369  C  CA  . GLN A 1 57  ? 19.226  -4.559  7.816   1.00 11.39 ? 46  GLN A CA  1 
ATOM   370  C  C   . GLN A 1 57  ? 19.909  -3.213  7.629   1.00 10.95 ? 46  GLN A C   1 
ATOM   371  O  O   . GLN A 1 57  ? 19.263  -2.225  7.367   1.00 10.11 ? 46  GLN A O   1 
ATOM   372  C  CB  . GLN A 1 57  ? 19.828  -5.708  6.969   1.00 12.13 ? 46  GLN A CB  1 
ATOM   373  C  CG  . GLN A 1 57  ? 19.153  -7.059  7.268   1.00 13.57 ? 46  GLN A CG  1 
ATOM   374  C  CD  . GLN A 1 57  ? 19.069  -7.425  8.748   1.00 15.27 ? 46  GLN A CD  1 
ATOM   375  O  OE1 . GLN A 1 57  ? 20.114  -7.501  9.406   1.00 19.76 ? 46  GLN A OE1 1 
ATOM   376  N  NE2 . GLN A 1 57  ? 17.887  -7.594  9.308   1.00 15.60 ? 46  GLN A NE2 1 
ATOM   377  N  N   . ALA A 1 58  ? 21.255  -3.130  7.877   1.00 13.49 ? 47  ALA A N   1 
ATOM   378  C  CA  . ALA A 1 58  ? 21.862  -1.811  7.971   1.00 12.20 ? 47  ALA A CA  1 
ATOM   379  C  C   . ALA A 1 58  ? 21.699  -0.970  6.712   1.00 11.60 ? 47  ALA A C   1 
ATOM   380  O  O   . ALA A 1 58  ? 21.429  0.251   6.833   1.00 15.22 ? 47  ALA A O   1 
ATOM   381  C  CB  . ALA A 1 58  ? 23.353  -1.941  8.287   1.00 13.81 ? 47  ALA A CB  1 
ATOM   382  N  N   . ALA A 1 59  ? 21.854  -1.571  5.539   1.00 12.59 ? 48  ALA A N   1 
ATOM   383  C  CA  . ALA A 1 59  ? 21.793  -0.793  4.271   1.00 12.80 ? 48  ALA A CA  1 
ATOM   384  C  C   . ALA A 1 59  ? 20.363  -0.608  3.785   1.00 13.29 ? 48  ALA A C   1 
ATOM   385  O  O   . ALA A 1 59  ? 20.129  0.169   2.874   1.00 14.46 ? 48  ALA A O   1 
ATOM   386  C  CB  . ALA A 1 59  ? 22.578  -1.477  3.152   1.00 13.23 ? 48  ALA A CB  1 
ATOM   387  N  N   . ASP A 1 60  ? 19.410  -1.253  4.475   1.00 11.02 ? 49  ASP A N   1 
ATOM   388  C  CA  . ASP A 1 60  ? 18.000  -1.018  4.055   1.00 9.91  ? 49  ASP A CA  1 
ATOM   389  C  C   . ASP A 1 60  ? 17.533  0.335   4.436   1.00 9.31  ? 49  ASP A C   1 
ATOM   390  O  O   . ASP A 1 60  ? 17.944  0.915   5.471   1.00 9.11  ? 49  ASP A O   1 
ATOM   391  C  CB  . ASP A 1 60  ? 17.122  -2.078  4.708   1.00 10.67 ? 49  ASP A CB  1 
ATOM   392  C  CG  . ASP A 1 60  ? 17.367  -3.397  4.121   1.00 12.64 ? 49  ASP A CG  1 
ATOM   393  O  OD1 . ASP A 1 60  ? 17.178  -3.458  2.897   1.00 17.97 ? 49  ASP A OD1 1 
ATOM   394  O  OD2 . ASP A 1 60  ? 17.736  -4.380  4.782   1.00 12.96 ? 49  ASP A OD2 1 
ATOM   395  N  N   . LYS A 1 61  ? 16.631  0.912   3.634   1.00 8.72  ? 50  LYS A N   1 
ATOM   396  C  CA  A LYS A 1 61  ? 16.250  2.311   3.782   0.50 8.89  ? 50  LYS A CA  1 
ATOM   397  C  CA  B LYS A 1 61  ? 16.219  2.324   3.823   0.50 8.49  ? 50  LYS A CA  1 
ATOM   398  C  C   . LYS A 1 61  ? 14.992  2.564   2.951   1.00 7.92  ? 50  LYS A C   1 
ATOM   399  O  O   . LYS A 1 61  ? 14.611  1.695   2.201   1.00 9.67  ? 50  LYS A O   1 
ATOM   400  C  CB  A LYS A 1 61  ? 17.375  3.239   3.273   0.50 9.43  ? 50  LYS A CB  1 
ATOM   401  C  CB  B LYS A 1 61  ? 17.329  3.334   3.397   0.50 8.46  ? 50  LYS A CB  1 
ATOM   402  C  CG  A LYS A 1 61  ? 17.009  4.675   3.474   0.50 10.28 ? 50  LYS A CG  1 
ATOM   403  C  CG  B LYS A 1 61  ? 17.734  3.164   1.944   0.50 8.19  ? 50  LYS A CG  1 
ATOM   404  C  CD  A LYS A 1 61  ? 16.209  4.872   4.766   0.50 9.98  ? 50  LYS A CD  1 
ATOM   405  C  CD  B LYS A 1 61  ? 18.762  4.222   1.506   0.50 8.47  ? 50  LYS A CD  1 
ATOM   406  C  CE  A LYS A 1 61  ? 15.487  6.127   4.832   0.50 9.17  ? 50  LYS A CE  1 
ATOM   407  C  CE  B LYS A 1 61  ? 19.866  4.417   2.554   0.50 9.19  ? 50  LYS A CE  1 
ATOM   408  N  NZ  A LYS A 1 61  ? 15.251  7.124   3.774   0.50 12.94 ? 50  LYS A NZ  1 
ATOM   409  N  NZ  B LYS A 1 61  ? 20.620  5.672   2.188   0.50 9.36  ? 50  LYS A NZ  1 
ATOM   410  N  N   . LEU A 1 62  ? 14.384  3.719   3.164   1.00 8.38  ? 51  LEU A N   1 
ATOM   411  C  CA  . LEU A 1 62  ? 13.351  4.231   2.265   1.00 8.23  ? 51  LEU A CA  1 
ATOM   412  C  C   . LEU A 1 62  ? 14.015  4.980   1.117   1.00 9.52  ? 51  LEU A C   1 
ATOM   413  O  O   . LEU A 1 62  ? 15.148  5.481   1.250   1.00 10.52 ? 51  LEU A O   1 
ATOM   414  C  CB  . LEU A 1 62  ? 12.397  5.154   2.983   1.00 7.32  ? 51  LEU A CB  1 
ATOM   415  C  CG  . LEU A 1 62  ? 11.626  4.533   4.168   1.00 6.85  ? 51  LEU A CG  1 
ATOM   416  C  CD1 . LEU A 1 62  ? 10.623  5.513   4.747   1.00 6.70  ? 51  LEU A CD1 1 
ATOM   417  C  CD2 . LEU A 1 62  ? 10.960  3.164   3.722   1.00 6.32  ? 51  LEU A CD2 1 
ATOM   418  N  N   . PRO A 1 63  ? 13.321  5.141   0.006   1.00 8.02  ? 52  PRO A N   1 
ATOM   419  C  CA  . PRO A 1 63  ? 11.945  4.590   -0.244  1.00 7.05  ? 52  PRO A CA  1 
ATOM   420  C  C   . PRO A 1 63  ? 11.950  3.111   -0.554  1.00 6.63  ? 52  PRO A C   1 
ATOM   421  O  O   . PRO A 1 63  ? 12.962  2.527   -0.925  1.00 6.91  ? 52  PRO A O   1 
ATOM   422  C  CB  . PRO A 1 63  ? 11.454  5.382   -1.471  1.00 7.64  ? 52  PRO A CB  1 
ATOM   423  C  CG  . PRO A 1 63  ? 12.762  5.713   -2.232  1.00 7.78  ? 52  PRO A CG  1 
ATOM   424  C  CD  . PRO A 1 63  ? 13.841  5.923   -1.133  1.00 7.90  ? 52  PRO A CD  1 
ATOM   425  N  N   . VAL A 1 64  ? 10.794  2.486   -0.295  1.00 5.04  ? 53  VAL A N   1 
ATOM   426  C  CA  . VAL A 1 64  ? 10.573  1.113   -0.773  1.00 4.56  ? 53  VAL A CA  1 
ATOM   427  C  C   . VAL A 1 64  ? 9.217   1.113   -1.471  1.00 4.82  ? 53  VAL A C   1 
ATOM   428  O  O   . VAL A 1 64  ? 8.340   1.943   -1.140  1.00 5.05  ? 53  VAL A O   1 
ATOM   429  C  CB  . VAL A 1 64  ? 10.536  0.003   0.356   1.00 4.98  ? 53  VAL A CB  1 
ATOM   430  C  CG1 . VAL A 1 64  ? 11.960  -0.149  0.940   1.00 5.46  ? 53  VAL A CG1 1 
ATOM   431  C  CG2 . VAL A 1 64  ? 9.537   0.347   1.447   1.00 4.28  ? 53  VAL A CG2 1 
ATOM   432  N  N   . SER A 1 65  ? 9.090   0.214   -2.446  1.00 4.14  ? 54  SER A N   1 
ATOM   433  C  CA  A SER A 1 65  ? 7.832   0.112   -3.241  0.50 3.79  ? 54  SER A CA  1 
ATOM   434  C  CA  B SER A 1 65  ? 7.794   0.105   -3.172  0.50 4.42  ? 54  SER A CA  1 
ATOM   435  C  C   . SER A 1 65  ? 7.326   -1.297  -3.242  1.00 4.09  ? 54  SER A C   1 
ATOM   436  O  O   . SER A 1 65  ? 8.113   -2.250  -3.139  1.00 4.22  ? 54  SER A O   1 
ATOM   437  C  CB  A SER A 1 65  ? 8.100   0.523   -4.695  0.50 3.43  ? 54  SER A CB  1 
ATOM   438  C  CB  B SER A 1 65  ? 7.907   0.638   -4.596  0.50 4.91  ? 54  SER A CB  1 
ATOM   439  O  OG  A SER A 1 65  ? 8.596   1.858   -4.814  0.50 2.66  ? 54  SER A OG  1 
ATOM   440  O  OG  B SER A 1 65  ? 8.794   -0.118  -5.347  0.50 6.32  ? 54  SER A OG  1 
ATOM   441  N  N   . ILE A 1 66  ? 6.021   -1.423  -3.435  1.00 3.82  ? 55  ILE A N   1 
ATOM   442  C  CA  . ILE A 1 66  ? 5.407   -2.723  -3.683  1.00 3.88  ? 55  ILE A CA  1 
ATOM   443  C  C   . ILE A 1 66  ? 4.484   -2.510  -4.930  1.00 3.81  ? 55  ILE A C   1 
ATOM   444  O  O   . ILE A 1 66  ? 3.798   -1.477  -5.009  1.00 3.97  ? 55  ILE A O   1 
ATOM   445  C  CB  . ILE A 1 66  ? 4.625   -3.222  -2.466  1.00 4.23  ? 55  ILE A CB  1 
ATOM   446  C  CG1 . ILE A 1 66  ? 4.010   -4.581  -2.799  1.00 4.32  ? 55  ILE A CG1 1 
ATOM   447  C  CG2 . ILE A 1 66  ? 3.522   -2.254  -2.007  1.00 4.86  ? 55  ILE A CG2 1 
ATOM   448  C  CD1 . ILE A 1 66  ? 3.509   -5.322  -1.563  1.00 4.24  ? 55  ILE A CD1 1 
ATOM   449  N  N   . THR A 1 67  ? 4.520   -3.452  -5.874  1.00 3.82  ? 56  THR A N   1 
ATOM   450  C  CA  . THR A 1 67  ? 3.775   -3.365  -7.143  1.00 4.34  ? 56  THR A CA  1 
ATOM   451  C  C   . THR A 1 67  ? 2.762   -4.476  -7.209  1.00 3.64  ? 56  THR A C   1 
ATOM   452  O  O   . THR A 1 67  ? 3.094   -5.633  -7.037  1.00 4.03  ? 56  THR A O   1 
ATOM   453  C  CB  . THR A 1 67  ? 4.748   -3.390  -8.325  1.00 5.45  ? 56  THR A CB  1 
ATOM   454  O  OG1 . THR A 1 67  ? 5.628   -2.278  -8.118  1.00 7.75  ? 56  THR A OG1 1 
ATOM   455  C  CG2 . THR A 1 67  ? 3.994   -3.203  -9.598  1.00 6.58  ? 56  THR A CG2 1 
ATOM   456  N  N   . ILE A 1 68  ? 1.508   -4.072  -7.384  1.00 3.42  ? 57  ILE A N   1 
ATOM   457  C  CA  . ILE A 1 68  ? 0.396   -5.005  -7.463  1.00 3.41  ? 57  ILE A CA  1 
ATOM   458  C  C   . ILE A 1 68  ? -0.149  -5.080  -8.910  1.00 3.39  ? 57  ILE A C   1 
ATOM   459  O  O   . ILE A 1 68  ? -0.376  -4.039  -9.560  1.00 3.35  ? 57  ILE A O   1 
ATOM   460  C  CB  . ILE A 1 68  ? -0.768  -4.457  -6.587  1.00 3.73  ? 57  ILE A CB  1 
ATOM   461  C  CG1 . ILE A 1 68  ? -0.294  -4.120  -5.145  1.00 3.90  ? 57  ILE A CG1 1 
ATOM   462  C  CG2 . ILE A 1 68  ? -1.982  -5.411  -6.587  1.00 3.80  ? 57  ILE A CG2 1 
ATOM   463  C  CD1 . ILE A 1 68  ? 0.426   -5.303  -4.466  1.00 3.97  ? 57  ILE A CD1 1 
ATOM   464  N  N   . LYS A 1 69  ? -0.312  -6.309  -9.409  1.00 3.35  ? 58  LYS A N   1 
ATOM   465  C  CA  . LYS A 1 69  ? -0.949  -6.576  -10.731 1.00 3.67  ? 58  LYS A CA  1 
ATOM   466  C  C   . LYS A 1 69  ? -2.382  -6.982  -10.513 1.00 4.10  ? 58  LYS A C   1 
ATOM   467  O  O   . LYS A 1 69  ? -2.638  -7.886  -9.706  1.00 4.81  ? 58  LYS A O   1 
ATOM   468  C  CB  . LYS A 1 69  ? -0.218  -7.713  -11.392 1.00 3.82  ? 58  LYS A CB  1 
ATOM   469  C  CG  . LYS A 1 69  ? -0.879  -8.045  -12.771 1.00 4.40  ? 58  LYS A CG  1 
ATOM   470  C  CD  . LYS A 1 69  ? -0.144  -9.222  -13.391 1.00 5.84  ? 58  LYS A CD  1 
ATOM   471  C  CE  . LYS A 1 69  ? -0.884  -9.523  -14.700 1.00 6.83  ? 58  LYS A CE  1 
ATOM   472  N  NZ  . LYS A 1 69  ? -0.203  -10.663 -15.459 1.00 9.02  ? 58  LYS A NZ  1 
ATOM   473  N  N   . LEU A 1 70  ? -3.305  -6.347  -11.190 1.00 4.22  ? 59  LEU A N   1 
ATOM   474  C  CA  . LEU A 1 70  ? -4.745  -6.785  -11.087 1.00 4.94  ? 59  LEU A CA  1 
ATOM   475  C  C   . LEU A 1 70  ? -5.050  -7.777  -12.204 1.00 5.31  ? 59  LEU A C   1 
ATOM   476  O  O   . LEU A 1 70  ? -4.239  -7.968  -13.092 1.00 5.21  ? 59  LEU A O   1 
ATOM   477  C  CB  . LEU A 1 70  ? -5.630  -5.548  -11.328 1.00 6.31  ? 59  LEU A CB  1 
ATOM   478  C  CG  . LEU A 1 70  ? -5.317  -4.404  -10.307 1.00 6.92  ? 59  LEU A CG  1 
ATOM   479  C  CD1 . LEU A 1 70  ? -6.305  -3.278  -10.546 1.00 8.49  ? 59  LEU A CD1 1 
ATOM   480  C  CD2 . LEU A 1 70  ? -5.378  -4.821  -8.874  1.00 8.65  ? 59  LEU A CD2 1 
ATOM   481  N  N   . ASP A 1 71  ? -6.201  -8.438  -12.138 1.00 5.16  ? 60  ASP A N   1 
ATOM   482  C  CA  . ASP A 1 71  ? -6.463  -9.481  -13.120 1.00 5.46  ? 60  ASP A CA  1 
ATOM   483  C  C   . ASP A 1 71  ? -6.805  -8.961  -14.542 1.00 5.39  ? 60  ASP A C   1 
ATOM   484  O  O   . ASP A 1 71  ? -6.756  -9.757  -15.472 1.00 6.38  ? 60  ASP A O   1 
ATOM   485  C  CB  . ASP A 1 71  ? -7.600  -10.367 -12.549 1.00 6.36  ? 60  ASP A CB  1 
ATOM   486  C  CG  . ASP A 1 71  ? -8.894  -9.586  -12.416 1.00 6.73  ? 60  ASP A CG  1 
ATOM   487  O  OD1 . ASP A 1 71  ? -8.997  -8.593  -11.715 1.00 6.33  ? 60  ASP A OD1 1 
ATOM   488  O  OD2 . ASP A 1 71  ? -9.984  -10.049 -12.968 1.00 10.95 ? 60  ASP A OD2 1 
ATOM   489  N  N   . LYS A 1 72  ? -7.115  -7.679  -14.620 1.00 5.26  ? 61  LYS A N   1 
ATOM   490  C  CA  . LYS A 1 72  ? -7.456  -6.993  -15.907 1.00 5.00  ? 61  LYS A CA  1 
ATOM   491  C  C   . LYS A 1 72  ? -7.321  -5.517  -15.608 1.00 5.10  ? 61  LYS A C   1 
ATOM   492  O  O   . LYS A 1 72  ? -7.059  -5.145  -14.458 1.00 5.26  ? 61  LYS A O   1 
ATOM   493  C  CB  . LYS A 1 72  ? -8.890  -7.289  -16.442 1.00 5.79  ? 61  LYS A CB  1 
ATOM   494  C  CG  . LYS A 1 72  ? -9.968  -6.942  -15.412 1.00 7.47  ? 61  LYS A CG  1 
ATOM   495  C  CD  . LYS A 1 72  ? -11.327 -7.153  -16.077 1.00 8.91  ? 61  LYS A CD  1 
ATOM   496  C  CE  . LYS A 1 72  ? -12.314 -6.695  -15.042 1.00 10.83 ? 61  LYS A CE  1 
ATOM   497  N  NZ  . LYS A 1 72  ? -13.706 -6.869  -15.544 1.00 18.14 ? 61  LYS A NZ  1 
ATOM   498  N  N   . ALA A 1 73  ? -7.444  -4.713  -16.654 1.00 4.87  ? 62  ALA A N   1 
ATOM   499  C  CA  . ALA A 1 73  ? -7.537  -3.256  -16.343 1.00 4.64  ? 62  ALA A CA  1 
ATOM   500  C  C   . ALA A 1 73  ? -8.841  -2.904  -15.661 1.00 4.37  ? 62  ALA A C   1 
ATOM   501  O  O   . ALA A 1 73  ? -9.921  -3.477  -15.982 1.00 5.71  ? 62  ALA A O   1 
ATOM   502  C  CB  . ALA A 1 73  ? -7.498  -2.447  -17.659 1.00 5.23  ? 62  ALA A CB  1 
ATOM   503  N  N   . TYR A 1 74  ? -8.734  -1.937  -14.758 1.00 4.30  ? 63  TYR A N   1 
ATOM   504  C  CA  . TYR A 1 74  ? -9.902  -1.327  -14.154 1.00 4.39  ? 63  TYR A CA  1 
ATOM   505  C  C   . TYR A 1 74  ? -9.817  0.141   -14.220 1.00 4.48  ? 63  TYR A C   1 
ATOM   506  O  O   . TYR A 1 74  ? -8.714  0.719   -14.168 1.00 4.53  ? 63  TYR A O   1 
ATOM   507  C  CB  . TYR A 1 74  ? -9.982  -1.681  -12.638 1.00 4.62  ? 63  TYR A CB  1 
ATOM   508  C  CG  . TYR A 1 74  ? -10.301 -3.171  -12.329 1.00 4.99  ? 63  TYR A CG  1 
ATOM   509  C  CD1 . TYR A 1 74  ? -9.269  -4.139  -12.326 1.00 4.61  ? 63  TYR A CD1 1 
ATOM   510  C  CD2 . TYR A 1 74  ? -11.607 -3.561  -12.055 1.00 5.95  ? 63  TYR A CD2 1 
ATOM   511  C  CE1 . TYR A 1 74  ? -9.548  -5.475  -12.062 1.00 5.16  ? 63  TYR A CE1 1 
ATOM   512  C  CE2 . TYR A 1 74  ? -11.920 -4.905  -11.766 1.00 6.02  ? 63  TYR A CE2 1 
ATOM   513  C  CZ  . TYR A 1 74  ? -10.865 -5.859  -11.786 1.00 5.50  ? 63  TYR A CZ  1 
ATOM   514  O  OH  . TYR A 1 74  ? -11.104 -7.191  -11.514 1.00 7.53  ? 63  TYR A OH  1 
ATOM   515  N  N   . ASP A 1 75  ? -10.994 0.770   -14.128 1.00 4.56  ? 64  ASP A N   1 
ATOM   516  C  CA  . ASP A 1 75  ? -10.949 2.233   -13.835 1.00 5.24  ? 64  ASP A CA  1 
ATOM   517  C  C   . ASP A 1 75  ? -10.868 2.367   -12.278 1.00 5.06  ? 64  ASP A C   1 
ATOM   518  O  O   . ASP A 1 75  ? -11.857 2.123   -11.559 1.00 7.07  ? 64  ASP A O   1 
ATOM   519  C  CB  . ASP A 1 75  ? -12.264 2.806   -14.259 1.00 6.45  ? 64  ASP A CB  1 
ATOM   520  C  CG  . ASP A 1 75  ? -12.300 3.051   -15.756 1.00 9.28  ? 64  ASP A CG  1 
ATOM   521  O  OD1 . ASP A 1 75  ? -11.233 3.103   -16.448 1.00 8.31  ? 64  ASP A OD1 1 
ATOM   522  O  OD2 . ASP A 1 75  ? -13.432 3.402   -16.197 1.00 14.28 ? 64  ASP A OD2 1 
ATOM   523  N  N   . LEU A 1 76  ? -9.690  2.685   -11.788 1.00 4.43  ? 65  LEU A N   1 
ATOM   524  C  CA  . LEU A 1 76  ? -9.380  2.711   -10.348 1.00 4.21  ? 65  LEU A CA  1 
ATOM   525  C  C   . LEU A 1 76  ? -9.567  4.168   -9.839  1.00 4.07  ? 65  LEU A C   1 
ATOM   526  O  O   . LEU A 1 76  ? -9.107  5.113   -10.527 1.00 4.04  ? 65  LEU A O   1 
ATOM   527  C  CB  . LEU A 1 76  ? -7.900  2.368   -10.147 1.00 4.52  ? 65  LEU A CB  1 
ATOM   528  C  CG  . LEU A 1 76  ? -7.561  0.903   -10.368 1.00 5.20  ? 65  LEU A CG  1 
ATOM   529  C  CD1 . LEU A 1 76  ? -6.055  0.792   -10.042 1.00 5.75  ? 65  LEU A CD1 1 
ATOM   530  C  CD2 . LEU A 1 76  ? -8.374  -0.098  -9.516  1.00 5.27  ? 65  LEU A CD2 1 
ATOM   531  N  N   . ASN A 1 77  ? -10.125 4.309   -8.598  1.00 4.56  ? 66  ASN A N   1 
ATOM   532  C  CA  . ASN A 1 77  ? -10.105 5.636   -8.019  1.00 4.88  ? 66  ASN A CA  1 
ATOM   533  C  C   . ASN A 1 77  ? -9.835  5.677   -6.563  1.00 5.01  ? 66  ASN A C   1 
ATOM   534  O  O   . ASN A 1 77  ? -9.951  6.767   -5.960  1.00 4.81  ? 66  ASN A O   1 
ATOM   535  C  CB  . ASN A 1 77  ? -11.444 6.358   -8.331  1.00 6.18  ? 66  ASN A CB  1 
ATOM   536  C  CG  . ASN A 1 77  ? -12.646 5.724   -7.649  1.00 7.11  ? 66  ASN A CG  1 
ATOM   537  O  OD1 . ASN A 1 77  ? -12.591 4.712   -6.995  1.00 7.77  ? 66  ASN A OD1 1 
ATOM   538  N  ND2 . ASN A 1 77  ? -13.856 6.339   -7.891  1.00 11.03 ? 66  ASN A ND2 1 
ATOM   539  N  N   . GLN A 1 78  ? -9.441  4.558   -5.976  1.00 4.27  ? 67  GLN A N   1 
ATOM   540  C  CA  . GLN A 1 78  ? -9.147  4.606   -4.550  1.00 4.24  ? 67  GLN A CA  1 
ATOM   541  C  C   . GLN A 1 78  ? -8.404  3.318   -4.220  1.00 4.17  ? 67  GLN A C   1 
ATOM   542  O  O   . GLN A 1 78  ? -8.716  2.230   -4.761  1.00 4.29  ? 67  GLN A O   1 
ATOM   543  C  CB  . GLN A 1 78  ? -10.461 4.659   -3.735  1.00 4.80  ? 67  GLN A CB  1 
ATOM   544  C  CG  . GLN A 1 78  ? -10.211 4.693   -2.190  1.00 5.10  ? 67  GLN A CG  1 
ATOM   545  C  CD  . GLN A 1 78  ? -11.558 4.901   -1.447  1.00 6.34  ? 67  GLN A CD  1 
ATOM   546  O  OE1 . GLN A 1 78  ? -12.482 5.492   -2.050  1.00 8.80  ? 67  GLN A OE1 1 
ATOM   547  N  NE2 . GLN A 1 78  ? -11.641 4.475   -0.193  1.00 6.76  ? 67  GLN A NE2 1 
ATOM   548  N  N   . ILE A 1 79  ? -7.492  3.436   -3.246  1.00 4.09  ? 68  ILE A N   1 
ATOM   549  C  CA  . ILE A 1 79  ? -7.034  2.231   -2.462  1.00 4.50  ? 68  ILE A CA  1 
ATOM   550  C  C   . ILE A 1 79  ? -7.125  2.602   -1.016  1.00 4.79  ? 68  ILE A C   1 
ATOM   551  O  O   . ILE A 1 79  ? -7.041  3.823   -0.677  1.00 4.98  ? 68  ILE A O   1 
ATOM   552  C  CB  . ILE A 1 79  ? -5.592  1.731   -2.820  1.00 4.94  ? 68  ILE A CB  1 
ATOM   553  C  CG1 . ILE A 1 79  ? -4.580  2.771   -2.405  1.00 5.56  ? 68  ILE A CG1 1 
ATOM   554  C  CG2 . ILE A 1 79  ? -5.515  1.422   -4.352  1.00 5.50  ? 68  ILE A CG2 1 
ATOM   555  C  CD1 . ILE A 1 79  ? -3.168  2.217   -2.485  1.00 7.14  ? 68  ILE A CD1 1 
ATOM   556  N  N   . ASP A 1 80  ? -7.343  1.585   -0.183  1.00 4.44  ? 69  ASP A N   1 
ATOM   557  C  CA  . ASP A 1 80  ? -7.263  1.805   1.274   1.00 5.04  ? 69  ASP A CA  1 
ATOM   558  C  C   . ASP A 1 80  ? -6.008  1.148   1.765   1.00 4.52  ? 69  ASP A C   1 
ATOM   559  O  O   . ASP A 1 80  ? -5.712  0.005   1.421   1.00 5.68  ? 69  ASP A O   1 
ATOM   560  C  CB  . ASP A 1 80  ? -8.441  1.246   2.042   1.00 5.67  ? 69  ASP A CB  1 
ATOM   561  C  CG  . ASP A 1 80  ? -9.743  1.984   1.786   1.00 7.18  ? 69  ASP A CG  1 
ATOM   562  O  OD1 . ASP A 1 80  ? -9.731  3.040   1.202   1.00 7.36  ? 69  ASP A OD1 1 
ATOM   563  O  OD2 . ASP A 1 80  ? -10.812 1.422   2.186   1.00 10.19 ? 69  ASP A OD2 1 
ATOM   564  N  N   . TYR A 1 81  ? -5.293  1.870   2.609   1.00 4.44  ? 70  TYR A N   1 
ATOM   565  C  CA  . TYR A 1 81  ? -4.092  1.295   3.250   1.00 4.40  ? 70  TYR A CA  1 
ATOM   566  C  C   . TYR A 1 81  ? -4.471  0.886   4.673   1.00 4.62  ? 70  TYR A C   1 
ATOM   567  O  O   . TYR A 1 81  ? -4.947  1.758   5.469   1.00 5.30  ? 70  TYR A O   1 
ATOM   568  C  CB  . TYR A 1 81  ? -3.010  2.408   3.321   1.00 4.39  ? 70  TYR A CB  1 
ATOM   569  C  CG  . TYR A 1 81  ? -1.811  2.073   4.181   1.00 4.05  ? 70  TYR A CG  1 
ATOM   570  C  CD1 . TYR A 1 81  ? -0.776  1.276   3.643   1.00 4.03  ? 70  TYR A CD1 1 
ATOM   571  C  CD2 . TYR A 1 81  ? -1.706  2.482   5.508   1.00 4.19  ? 70  TYR A CD2 1 
ATOM   572  C  CE1 . TYR A 1 81  ? 0.376   0.961   4.423   1.00 4.08  ? 70  TYR A CE1 1 
ATOM   573  C  CE2 . TYR A 1 81  ? -0.564  2.135   6.307   1.00 4.23  ? 70  TYR A CE2 1 
ATOM   574  C  CZ  . TYR A 1 81  ? 0.462   1.420   5.723   1.00 4.07  ? 70  TYR A CZ  1 
ATOM   575  O  OH  . TYR A 1 81  ? 1.583   1.094   6.514   1.00 4.00  ? 70  TYR A OH  1 
ATOM   576  N  N   . LEU A 1 82  ? -4.221  -0.404  4.979   1.00 4.42  ? 71  LEU A N   1 
ATOM   577  C  CA  . LEU A 1 82  ? -4.476  -0.861  6.373   1.00 4.49  ? 71  LEU A CA  1 
ATOM   578  C  C   . LEU A 1 82  ? -3.097  -1.022  7.048   1.00 5.00  ? 71  LEU A C   1 
ATOM   579  O  O   . LEU A 1 82  ? -2.330  -1.862  6.612   1.00 4.64  ? 71  LEU A O   1 
ATOM   580  C  CB  . LEU A 1 82  ? -5.213  -2.211  6.378   1.00 4.65  ? 71  LEU A CB  1 
ATOM   581  C  CG  . LEU A 1 82  ? -5.577  -2.631  7.851   1.00 4.68  ? 71  LEU A CG  1 
ATOM   582  C  CD1 . LEU A 1 82  ? -6.636  -1.703  8.470   1.00 4.95  ? 71  LEU A CD1 1 
ATOM   583  C  CD2 . LEU A 1 82  ? -6.114  -4.120  7.754   1.00 4.94  ? 71  LEU A CD2 1 
ATOM   584  N  N   . PRO A 1 83  ? -2.803  -0.198  8.068   1.00 4.69  ? 72  PRO A N   1 
ATOM   585  C  CA  . PRO A 1 83  ? -1.537  -0.356  8.870   1.00 5.72  ? 72  PRO A CA  1 
ATOM   586  C  C   . PRO A 1 83  ? -1.506  -1.668  9.576   1.00 6.34  ? 72  PRO A C   1 
ATOM   587  O  O   . PRO A 1 83  ? -2.523  -2.239  9.880   1.00 7.02  ? 72  PRO A O   1 
ATOM   588  C  CB  . PRO A 1 83  ? -1.608  0.784   9.885   1.00 5.69  ? 72  PRO A CB  1 
ATOM   589  C  CG  . PRO A 1 83  ? -2.674  1.731   9.355   1.00 5.90  ? 72  PRO A CG  1 
ATOM   590  C  CD  . PRO A 1 83  ? -3.673  0.858   8.658   1.00 5.72  ? 72  PRO A CD  1 
ATOM   591  N  N   . ARG A 1 84  ? -0.296  -2.190  9.813   1.00 6.22  ? 73  ARG A N   1 
ATOM   592  C  CA  . ARG A 1 84  ? -0.118  -3.364  10.689  1.00 6.85  ? 73  ARG A CA  1 
ATOM   593  C  C   . ARG A 1 84  ? -0.911  -3.056  11.992  1.00 6.83  ? 73  ARG A C   1 
ATOM   594  O  O   . ARG A 1 84  ? -0.838  -1.995  12.577  1.00 7.22  ? 73  ARG A O   1 
ATOM   595  C  CB  . ARG A 1 84  ? 1.388   -3.327  10.949  1.00 7.39  ? 73  ARG A CB  1 
ATOM   596  C  CG  . ARG A 1 84  ? 1.869   -4.444  11.793  1.00 8.06  ? 73  ARG A CG  1 
ATOM   597  C  CD  . ARG A 1 84  ? 3.395   -4.290  11.833  1.00 7.44  ? 73  ARG A CD  1 
ATOM   598  N  NE  . ARG A 1 84  ? 3.899   -5.507  12.474  1.00 7.43  ? 73  ARG A NE  1 
ATOM   599  C  CZ  . ARG A 1 84  ? 5.193   -5.730  12.607  1.00 8.37  ? 73  ARG A CZ  1 
ATOM   600  N  NH1 . ARG A 1 84  ? 6.164   -4.875  12.210  1.00 6.50  ? 73  ARG A NH1 1 
ATOM   601  N  NH2 . ARG A 1 84  ? 5.592   -6.856  13.154  1.00 10.77 ? 73  ARG A NH2 1 
ATOM   602  N  N   . GLN A 1 85  ? -1.620  -4.058  12.458  1.00 9.16  ? 74  GLN A N   1 
ATOM   603  C  CA  . GLN A 1 85  ? -2.580  -3.809  13.515  1.00 10.69 ? 74  GLN A CA  1 
ATOM   604  C  C   . GLN A 1 85  ? -1.914  -4.053  14.863  1.00 11.72 ? 74  GLN A C   1 
ATOM   605  O  O   . GLN A 1 85  ? -2.392  -3.458  15.813  1.00 12.59 ? 74  GLN A O   1 
ATOM   606  C  CB  . GLN A 1 85  ? -3.903  -4.672  13.357  1.00 11.46 ? 74  GLN A CB  1 
ATOM   607  C  CG  . GLN A 1 85  ? -4.784  -4.248  12.125  1.00 12.46 ? 74  GLN A CG  1 
ATOM   608  C  CD  . GLN A 1 85  ? -5.339  -2.875  12.212  1.00 15.27 ? 74  GLN A CD  1 
ATOM   609  O  OE1 . GLN A 1 85  ? -4.828  -1.964  11.541  1.00 15.33 ? 74  GLN A OE1 1 
ATOM   610  N  NE2 . GLN A 1 85  ? -6.332  -2.646  13.095  1.00 12.02 ? 74  GLN A NE2 1 
ATOM   611  N  N   . ASN A 1 86  ? -0.850  -4.827  14.932  1.00 10.66 ? 75  ASN A N   1 
ATOM   612  C  CA  . ASN A 1 86  ? -0.299  -5.048  16.297  1.00 12.36 ? 75  ASN A CA  1 
ATOM   613  C  C   . ASN A 1 86  ? 1.066   -4.576  16.574  1.00 10.06 ? 75  ASN A C   1 
ATOM   614  O  O   . ASN A 1 86  ? 1.718   -4.965  17.574  1.00 9.75  ? 75  ASN A O   1 
ATOM   615  C  CB  . ASN A 1 86  ? -0.417  -6.487  16.643  1.00 14.74 ? 75  ASN A CB  1 
ATOM   616  C  CG  . ASN A 1 86  ? 0.403   -7.322  15.747  1.00 14.41 ? 75  ASN A CG  1 
ATOM   617  O  OD1 . ASN A 1 86  ? 1.195   -6.856  14.897  1.00 21.71 ? 75  ASN A OD1 1 
ATOM   618  N  ND2 . ASN A 1 86  ? 0.220   -8.646  15.913  1.00 19.94 ? 75  ASN A ND2 1 
ATOM   619  N  N   . SER A 1 87  ? 1.477   -3.626  15.738  1.00 8.82  ? 76  SER A N   1 
ATOM   620  C  CA  . SER A 1 87  ? 2.756   -2.947  15.918  1.00 8.14  ? 76  SER A CA  1 
ATOM   621  C  C   . SER A 1 87  ? 2.782   -1.753  14.992  1.00 7.88  ? 76  SER A C   1 
ATOM   622  O  O   . SER A 1 87  ? 2.185   -1.819  13.849  1.00 8.06  ? 76  SER A O   1 
ATOM   623  C  CB  . SER A 1 87  ? 3.902   -3.939  15.531  1.00 9.65  ? 76  SER A CB  1 
ATOM   624  O  OG  . SER A 1 87  ? 5.088   -3.200  15.292  1.00 9.79  ? 76  SER A OG  1 
ATOM   625  N  N   . ARG A 1 88  ? 3.516   -0.688  15.383  1.00 7.93  ? 77  ARG A N   1 
ATOM   626  C  CA  . ARG A 1 88  ? 3.604   0.488   14.530  1.00 7.80  ? 77  ARG A CA  1 
ATOM   627  C  C   . ARG A 1 88  ? 4.775   0.349   13.558  1.00 7.45  ? 77  ARG A C   1 
ATOM   628  O  O   . ARG A 1 88  ? 4.985   1.243   12.715  1.00 7.61  ? 77  ARG A O   1 
ATOM   629  C  CB  . ARG A 1 88  ? 3.769   1.770   15.372  1.00 8.56  ? 77  ARG A CB  1 
ATOM   630  C  CG  . ARG A 1 88  ? 4.878   1.805   16.379  1.00 10.63 ? 77  ARG A CG  1 
ATOM   631  C  CD  . ARG A 1 88  ? 6.184   2.066   15.714  1.00 12.16 ? 77  ARG A CD  1 
ATOM   632  N  NE  . ARG A 1 88  ? 7.293   2.215   16.689  1.00 14.21 ? 77  ARG A NE  1 
ATOM   633  C  CZ  . ARG A 1 88  ? 7.623   3.384   17.199  1.00 13.92 ? 77  ARG A CZ  1 
ATOM   634  N  NH1 . ARG A 1 88  ? 6.902   4.445   16.877  1.00 15.43 ? 77  ARG A NH1 1 
ATOM   635  N  NH2 . ARG A 1 88  ? 8.681   3.482   18.003  1.00 15.24 ? 77  ARG A NH2 1 
ATOM   636  N  N   . ASN A 1 89  ? 5.542   -0.734  13.627  1.00 6.82  ? 78  ASN A N   1 
ATOM   637  C  CA  . ASN A 1 89  ? 6.727   -0.753  12.778  1.00 5.78  ? 78  ASN A CA  1 
ATOM   638  C  C   . ASN A 1 89  ? 6.382   -0.871  11.359  1.00 5.55  ? 78  ASN A C   1 
ATOM   639  O  O   . ASN A 1 89  ? 5.803   -1.909  10.877  1.00 5.63  ? 78  ASN A O   1 
ATOM   640  C  CB  . ASN A 1 89  ? 7.647   -1.944  13.189  1.00 6.38  ? 78  ASN A CB  1 
ATOM   641  C  CG  . ASN A 1 89  ? 8.575   -1.585  14.356  1.00 7.52  ? 78  ASN A CG  1 
ATOM   642  O  OD1 . ASN A 1 89  ? 8.552   -0.495  14.929  1.00 7.83  ? 78  ASN A OD1 1 
ATOM   643  N  ND2 . ASN A 1 89  ? 9.385   -2.587  14.715  1.00 8.83  ? 78  ASN A ND2 1 
ATOM   644  N  N   . GLY A 1 90  ? 6.820   0.183   10.638  1.00 4.84  ? 79  GLY A N   1 
ATOM   645  C  CA  . GLY A 1 90  ? 6.571   0.247   9.163   1.00 4.77  ? 79  GLY A CA  1 
ATOM   646  C  C   . GLY A 1 90  ? 5.306   1.007   8.806   1.00 4.68  ? 79  GLY A C   1 
ATOM   647  O  O   . GLY A 1 90  ? 4.982   1.091   7.598   1.00 4.08  ? 79  GLY A O   1 
ATOM   648  N  N   . HIS A 1 91  ? 4.584   1.600   9.779   1.00 4.87  ? 80  HIS A N   1 
ATOM   649  C  CA  . HIS A 1 91  ? 3.400   2.436   9.421   1.00 4.83  ? 80  HIS A CA  1 
ATOM   650  C  C   . HIS A 1 91  ? 3.793   3.533   8.437   1.00 5.25  ? 80  HIS A C   1 
ATOM   651  O  O   . HIS A 1 91  ? 4.668   4.351   8.726   1.00 6.02  ? 80  HIS A O   1 
ATOM   652  C  CB  . HIS A 1 91  ? 2.822   3.047   10.688  1.00 4.85  ? 80  HIS A CB  1 
ATOM   653  C  CG  . HIS A 1 91  ? 1.962   2.103   11.451  1.00 5.39  ? 80  HIS A CG  1 
ATOM   654  N  ND1 . HIS A 1 91  ? 1.244   2.507   12.573  1.00 6.72  ? 80  HIS A ND1 1 
ATOM   655  C  CD2 . HIS A 1 91  ? 1.716   0.790   11.287  1.00 5.29  ? 80  HIS A CD2 1 
ATOM   656  C  CE1 . HIS A 1 91  ? 0.522   1.492   13.002  1.00 5.91  ? 80  HIS A CE1 1 
ATOM   657  N  NE2 . HIS A 1 91  ? 0.809   0.425   12.250  1.00 5.47  ? 80  HIS A NE2 1 
ATOM   658  N  N   . VAL A 1 92  ? 3.094   3.593   7.281   1.00 4.50  ? 81  VAL A N   1 
ATOM   659  C  CA  . VAL A 1 92  ? 3.471   4.595   6.245   1.00 5.20  ? 81  VAL A CA  1 
ATOM   660  C  C   . VAL A 1 92  ? 2.821   5.925   6.636   1.00 5.89  ? 81  VAL A C   1 
ATOM   661  O  O   . VAL A 1 92  ? 1.630   5.955   6.997   1.00 6.43  ? 81  VAL A O   1 
ATOM   662  C  CB  . VAL A 1 92  ? 2.967   4.082   4.856   1.00 5.10  ? 81  VAL A CB  1 
ATOM   663  C  CG1 . VAL A 1 92  ? 3.163   5.162   3.796   1.00 5.07  ? 81  VAL A CG1 1 
ATOM   664  C  CG2 . VAL A 1 92  ? 3.750   2.828   4.498   1.00 5.67  ? 81  VAL A CG2 1 
ATOM   665  N  N   . THR A 1 93  ? 3.588   6.996   6.512   1.00 5.64  ? 82  THR A N   1 
ATOM   666  C  CA  . THR A 1 93  ? 3.033   8.350   6.704   1.00 6.47  ? 82  THR A CA  1 
ATOM   667  C  C   . THR A 1 93  ? 3.084   9.214   5.458   1.00 6.75  ? 82  THR A C   1 
ATOM   668  O  O   . THR A 1 93  ? 2.330   10.149  5.398   1.00 7.42  ? 82  THR A O   1 
ATOM   669  C  CB  . THR A 1 93  ? 3.703   9.106   7.861   1.00 7.35  ? 82  THR A CB  1 
ATOM   670  O  OG1 . THR A 1 93  ? 5.074   9.359   7.517   1.00 8.10  ? 82  THR A OG1 1 
ATOM   671  C  CG2 . THR A 1 93  ? 3.637   8.323   9.166   1.00 8.18  ? 82  THR A CG2 1 
ATOM   672  N  N   . GLU A 1 94  ? 3.977   8.942   4.529   1.00 6.36  ? 83  GLU A N   1 
ATOM   673  C  CA  . GLU A 1 94  ? 3.945   9.631   3.214   1.00 6.33  ? 83  GLU A CA  1 
ATOM   674  C  C   . GLU A 1 94  ? 4.179   8.584   2.150   1.00 5.63  ? 83  GLU A C   1 
ATOM   675  O  O   . GLU A 1 94  ? 5.000   7.721   2.273   1.00 5.06  ? 83  GLU A O   1 
ATOM   676  C  CB  . GLU A 1 94  ? 5.071   10.692  3.203   1.00 8.31  ? 83  GLU A CB  1 
ATOM   677  C  CG  . GLU A 1 94  ? 5.029   11.635  2.022   1.00 12.05 ? 83  GLU A CG  1 
ATOM   678  C  CD  . GLU A 1 94  ? 6.063   12.685  2.293   1.00 18.88 ? 83  GLU A CD  1 
ATOM   679  O  OE1 . GLU A 1 94  ? 5.877   13.489  3.278   1.00 23.01 ? 83  GLU A OE1 1 
ATOM   680  O  OE2 . GLU A 1 94  ? 7.096   12.607  1.671   1.00 22.07 ? 83  GLU A OE2 1 
ATOM   681  N  N   . TYR A 1 95  ? 3.399   8.748   1.078   1.00 5.02  ? 84  TYR A N   1 
ATOM   682  C  CA  . TYR A 1 95  ? 3.385   7.668   0.027   1.00 4.99  ? 84  TYR A CA  1 
ATOM   683  C  C   . TYR A 1 95  ? 3.317   8.330   -1.349  1.00 5.05  ? 84  TYR A C   1 
ATOM   684  O  O   . TYR A 1 95  ? 3.019   9.522   -1.528  1.00 5.67  ? 84  TYR A O   1 
ATOM   685  C  CB  . TYR A 1 95  ? 2.180   6.742   0.226   1.00 5.65  ? 84  TYR A CB  1 
ATOM   686  C  CG  . TYR A 1 95  ? 0.900   7.513   0.126   1.00 5.80  ? 84  TYR A CG  1 
ATOM   687  C  CD1 . TYR A 1 95  ? 0.385   7.801   -1.160  1.00 5.82  ? 84  TYR A CD1 1 
ATOM   688  C  CD2 . TYR A 1 95  ? 0.252   7.983   1.247   1.00 6.39  ? 84  TYR A CD2 1 
ATOM   689  C  CE1 . TYR A 1 95  ? -0.790  8.600   -1.282  1.00 6.30  ? 84  TYR A CE1 1 
ATOM   690  C  CE2 . TYR A 1 95  ? -0.904  8.761   1.126   1.00 7.15  ? 84  TYR A CE2 1 
ATOM   691  C  CZ  . TYR A 1 95  ? -1.353  9.085   -0.146  1.00 7.37  ? 84  TYR A CZ  1 
ATOM   692  O  OH  . TYR A 1 95  ? -2.522  9.795   -0.300  1.00 8.54  ? 84  TYR A OH  1 
ATOM   693  N  N   . LYS A 1 96  ? 3.618   7.501   -2.363  1.00 4.26  ? 85  LYS A N   1 
ATOM   694  C  CA  . LYS A 1 96  ? 3.346   7.861   -3.794  1.00 4.76  ? 85  LYS A CA  1 
ATOM   695  C  C   . LYS A 1 96  ? 2.571   6.660   -4.366  1.00 4.51  ? 85  LYS A C   1 
ATOM   696  O  O   . LYS A 1 96  ? 2.800   5.497   -4.022  1.00 4.68  ? 85  LYS A O   1 
ATOM   697  C  CB  . LYS A 1 96  ? 4.712   8.054   -4.492  1.00 5.58  ? 85  LYS A CB  1 
ATOM   698  C  CG  . LYS A 1 96  ? 4.523   8.417   -6.005  1.00 6.80  ? 85  LYS A CG  1 
ATOM   699  C  CD  . LYS A 1 96  ? 5.821   8.913   -6.625  1.00 10.30 ? 85  LYS A CD  1 
ATOM   700  C  CE  . LYS A 1 96  ? 6.798   7.839   -6.693  1.00 12.32 ? 85  LYS A CE  1 
ATOM   701  N  NZ  . LYS A 1 96  ? 7.937   8.355   -7.565  1.00 15.87 ? 85  LYS A NZ  1 
ATOM   702  N  N   . ILE A 1 97  ? 1.684   7.012   -5.301  1.00 3.98  ? 86  ILE A N   1 
ATOM   703  C  CA  . ILE A 1 97  ? 0.916   6.037   -6.104  1.00 3.96  ? 86  ILE A CA  1 
ATOM   704  C  C   . ILE A 1 97  ? 1.231   6.295   -7.567  1.00 3.88  ? 86  ILE A C   1 
ATOM   705  O  O   . ILE A 1 97  ? 1.179   7.424   -8.079  1.00 4.06  ? 86  ILE A O   1 
ATOM   706  C  CB  . ILE A 1 97  ? -0.608  6.313   -5.944  1.00 4.64  ? 86  ILE A CB  1 
ATOM   707  C  CG1 . ILE A 1 97  ? -1.094  6.269   -4.458  1.00 6.44  ? 86  ILE A CG1 1 
ATOM   708  C  CG2 . ILE A 1 97  ? -1.401  5.241   -6.750  1.00 4.61  ? 86  ILE A CG2 1 
ATOM   709  C  CD1 . ILE A 1 97  ? -0.740  5.114   -3.677  1.00 7.40  ? 86  ILE A CD1 1 
ATOM   710  N  N   . GLU A 1 98  ? 1.603   5.231   -8.260  1.00 3.69  ? 87  GLU A N   1 
ATOM   711  C  CA  . GLU A 1 98  ? 1.767   5.246   -9.747  1.00 3.74  ? 87  GLU A CA  1 
ATOM   712  C  C   . GLU A 1 98  ? 0.945   4.139   -10.284 1.00 3.63  ? 87  GLU A C   1 
ATOM   713  O  O   . GLU A 1 98  ? 0.735   3.119   -9.626  1.00 3.98  ? 87  GLU A O   1 
ATOM   714  C  CB  . GLU A 1 98  ? 3.236   4.987   -10.146 1.00 4.18  ? 87  GLU A CB  1 
ATOM   715  C  CG  . GLU A 1 98  ? 4.189   6.085   -9.671  1.00 5.19  ? 87  GLU A CG  1 
ATOM   716  C  CD  . GLU A 1 98  ? 5.575   5.488   -9.695  1.00 6.42  ? 87  GLU A CD  1 
ATOM   717  O  OE1 . GLU A 1 98  ? 5.968   4.786   -8.734  1.00 6.23  ? 87  GLU A OE1 1 
ATOM   718  O  OE2 . GLU A 1 98  ? 6.326   5.739   -10.678 1.00 8.08  ? 87  GLU A OE2 1 
ATOM   719  N  N   . THR A 1 99  ? 0.455   4.329   -11.515 1.00 3.45  ? 88  THR A N   1 
ATOM   720  C  CA  . THR A 1 99  ? -0.214  3.189   -12.169 1.00 3.58  ? 88  THR A CA  1 
ATOM   721  C  C   . THR A 1 99  ? 0.290   2.966   -13.574 1.00 3.72  ? 88  THR A C   1 
ATOM   722  O  O   . THR A 1 99  ? 0.955   3.812   -14.171 1.00 3.27  ? 88  THR A O   1 
ATOM   723  C  CB  . THR A 1 99  ? -1.760  3.413   -12.209 1.00 3.75  ? 88  THR A CB  1 
ATOM   724  O  OG1 . THR A 1 99  ? -2.052  4.559   -13.022 1.00 4.15  ? 88  THR A OG1 1 
ATOM   725  C  CG2 . THR A 1 99  ? -2.453  3.504   -10.799 1.00 4.12  ? 88  THR A CG2 1 
ATOM   726  N  N   . SER A 1 100 ? -0.019  1.799   -14.125 1.00 3.45  ? 89  SER A N   1 
ATOM   727  C  CA  A SER A 1 100 ? 0.400   1.437   -15.490 0.50 3.48  ? 89  SER A CA  1 
ATOM   728  C  CA  B SER A 1 100 ? 0.328   1.517   -15.530 0.50 4.15  ? 89  SER A CA  1 
ATOM   729  C  C   . SER A 1 100 ? -0.587  0.458   -16.093 1.00 3.97  ? 89  SER A C   1 
ATOM   730  O  O   . SER A 1 100 ? -1.231  -0.284  -15.361 1.00 3.58  ? 89  SER A O   1 
ATOM   731  C  CB  A SER A 1 100 ? 1.750   0.779   -15.362 0.50 3.16  ? 89  SER A CB  1 
ATOM   732  C  CB  B SER A 1 100 ? 1.781   1.075   -15.625 0.50 4.76  ? 89  SER A CB  1 
ATOM   733  O  OG  A SER A 1 100 ? 2.297   0.443   -16.610 0.50 2.49  ? 89  SER A OG  1 
ATOM   734  O  OG  B SER A 1 100 ? 1.961   -0.214  -15.139 0.50 6.35  ? 89  SER A OG  1 
ATOM   735  N  N   . LEU A 1 101 ? -0.614  0.408   -17.400 1.00 4.36  ? 90  LEU A N   1 
ATOM   736  C  CA  . LEU A 1 101 ? -1.268  -0.663  -18.149 1.00 5.26  ? 90  LEU A CA  1 
ATOM   737  C  C   . LEU A 1 101 ? -0.285  -1.789  -18.578 1.00 5.20  ? 90  LEU A C   1 
ATOM   738  O  O   . LEU A 1 101 ? -0.765  -2.880  -18.958 1.00 5.63  ? 90  LEU A O   1 
ATOM   739  C  CB  . LEU A 1 101 ? -2.012  -0.094  -19.350 1.00 5.51  ? 90  LEU A CB  1 
ATOM   740  C  CG  . LEU A 1 101 ? -3.315  0.625   -18.926 1.00 6.04  ? 90  LEU A CG  1 
ATOM   741  C  CD1 . LEU A 1 101 ? -3.740  1.515   -20.085 1.00 7.17  ? 90  LEU A CD1 1 
ATOM   742  C  CD2 . LEU A 1 101 ? -4.376  -0.456  -18.638 1.00 5.86  ? 90  LEU A CD2 1 
ATOM   743  N  N   . ASP A 1 102 ? 1.021   -1.535  -18.513 1.00 5.17  ? 91  ASP A N   1 
ATOM   744  C  CA  . ASP A 1 102 ? 1.931   -2.486  -19.133 1.00 5.51  ? 91  ASP A CA  1 
ATOM   745  C  C   . ASP A 1 102 ? 3.117   -2.835  -18.243 1.00 5.49  ? 91  ASP A C   1 
ATOM   746  O  O   . ASP A 1 102 ? 4.068   -3.500  -18.687 1.00 5.92  ? 91  ASP A O   1 
ATOM   747  C  CB  . ASP A 1 102 ? 2.420   -1.897  -20.484 1.00 6.14  ? 91  ASP A CB  1 
ATOM   748  C  CG  . ASP A 1 102 ? 3.170   -0.602  -20.316 1.00 7.49  ? 91  ASP A CG  1 
ATOM   749  O  OD1 . ASP A 1 102 ? 3.476   -0.198  -19.200 1.00 6.09  ? 91  ASP A OD1 1 
ATOM   750  O  OD2 . ASP A 1 102 ? 3.417   0.029   -21.371 1.00 12.55 ? 91  ASP A OD2 1 
ATOM   751  N  N   . ASN A 1 103 ? 3.082   -2.382  -16.979 1.00 5.40  ? 92  ASN A N   1 
ATOM   752  C  CA  . ASN A 1 103 ? 4.181   -2.636  -16.009 1.00 6.00  ? 92  ASN A CA  1 
ATOM   753  C  C   . ASN A 1 103 ? 5.522   -2.117  -16.510 1.00 6.79  ? 92  ASN A C   1 
ATOM   754  O  O   . ASN A 1 103 ? 6.588   -2.639  -16.160 1.00 8.13  ? 92  ASN A O   1 
ATOM   755  C  CB  . ASN A 1 103 ? 4.232   -4.135  -15.671 1.00 6.46  ? 92  ASN A CB  1 
ATOM   756  C  CG  . ASN A 1 103 ? 5.031   -4.432  -14.432 1.00 7.53  ? 92  ASN A CG  1 
ATOM   757  O  OD1 . ASN A 1 103 ? 5.080   -3.659  -13.496 1.00 9.61  ? 92  ASN A OD1 1 
ATOM   758  N  ND2 . ASN A 1 103 ? 5.775   -5.581  -14.489 1.00 9.50  ? 92  ASN A ND2 1 
ATOM   759  N  N   . GLU A 1 104 ? 5.507   -1.030  -17.285 1.00 6.16  ? 93  GLU A N   1 
ATOM   760  C  CA  . GLU A 1 104 ? 6.770   -0.461  -17.812 1.00 6.50  ? 93  GLU A CA  1 
ATOM   761  C  C   . GLU A 1 104 ? 6.644   1.041   -17.918 1.00 5.58  ? 93  GLU A C   1 
ATOM   762  O  O   . GLU A 1 104 ? 7.562   1.772   -17.529 1.00 5.51  ? 93  GLU A O   1 
ATOM   763  C  CB  . GLU A 1 104 ? 7.029   -1.084  -19.193 1.00 7.97  ? 93  GLU A CB  1 
ATOM   764  C  CG  . GLU A 1 104 ? 8.276   -0.601  -19.817 1.00 8.88  ? 93  GLU A CG  1 
ATOM   765  C  CD  . GLU A 1 104 ? 8.784   -1.593  -20.899 1.00 8.63  ? 93  GLU A CD  1 
ATOM   766  O  OE1 . GLU A 1 104 ? 8.041   -2.457  -21.466 1.00 9.34  ? 93  GLU A OE1 1 
ATOM   767  O  OE2 . GLU A 1 104 ? 9.934   -1.410  -21.212 1.00 9.61  ? 93  GLU A OE2 1 
ATOM   768  N  N   . ASN A 1 105 ? 5.517   1.520   -18.486 1.00 5.62  ? 94  ASN A N   1 
ATOM   769  C  CA  . ASN A 1 105 ? 5.265   2.996   -18.592 1.00 5.85  ? 94  ASN A CA  1 
ATOM   770  C  C   . ASN A 1 105 ? 4.338   3.418   -17.473 1.00 5.73  ? 94  ASN A C   1 
ATOM   771  O  O   . ASN A 1 105 ? 3.210   2.965   -17.417 1.00 6.86  ? 94  ASN A O   1 
ATOM   772  C  CB  . ASN A 1 105 ? 4.626   3.305   -19.959 1.00 6.77  ? 94  ASN A CB  1 
ATOM   773  C  CG  . ASN A 1 105 ? 5.656   3.014   -21.083 1.00 8.37  ? 94  ASN A CG  1 
ATOM   774  O  OD1 . ASN A 1 105 ? 6.679   3.766   -21.165 1.00 12.76 ? 94  ASN A OD1 1 
ATOM   775  N  ND2 . ASN A 1 105 ? 5.538   1.863   -21.799 1.00 8.78  ? 94  ASN A ND2 1 
ATOM   776  N  N   . TRP A 1 106 ? 4.842   4.243   -16.541 1.00 5.75  ? 95  TRP A N   1 
ATOM   777  C  CA  . TRP A 1 106 ? 4.110   4.559   -15.288 1.00 5.36  ? 95  TRP A CA  1 
ATOM   778  C  C   . TRP A 1 106 ? 3.606   5.962   -15.333 1.00 5.76  ? 95  TRP A C   1 
ATOM   779  O  O   . TRP A 1 106 ? 4.265   6.862   -15.894 1.00 7.16  ? 95  TRP A O   1 
ATOM   780  C  CB  . TRP A 1 106 ? 5.068   4.444   -14.086 1.00 5.32  ? 95  TRP A CB  1 
ATOM   781  C  CG  . TRP A 1 106 ? 5.404   2.993   -13.895 1.00 5.06  ? 95  TRP A CG  1 
ATOM   782  C  CD1 . TRP A 1 106 ? 6.508   2.315   -14.389 1.00 5.46  ? 95  TRP A CD1 1 
ATOM   783  C  CD2 . TRP A 1 106 ? 4.629   2.028   -13.173 1.00 4.84  ? 95  TRP A CD2 1 
ATOM   784  N  NE1 . TRP A 1 106 ? 6.430   0.948   -14.045 1.00 5.70  ? 95  TRP A NE1 1 
ATOM   785  C  CE2 . TRP A 1 106 ? 5.322   0.769   -13.243 1.00 5.47  ? 95  TRP A CE2 1 
ATOM   786  C  CE3 . TRP A 1 106 ? 3.418   2.083   -12.479 1.00 4.97  ? 95  TRP A CE3 1 
ATOM   787  C  CZ2 . TRP A 1 106 ? 4.809   -0.407  -12.654 1.00 5.25  ? 95  TRP A CZ2 1 
ATOM   788  C  CZ3 . TRP A 1 106 ? 2.911   0.869   -11.863 1.00 5.12  ? 95  TRP A CZ3 1 
ATOM   789  C  CH2 . TRP A 1 106 ? 3.609   -0.335  -11.995 1.00 5.12  ? 95  TRP A CH2 1 
ATOM   790  N  N   . THR A 1 107 ? 2.439   6.145   -14.773 1.00 5.50  ? 96  THR A N   1 
ATOM   791  C  CA  . THR A 1 107 ? 1.832   7.480   -14.572 1.00 6.02  ? 96  THR A CA  1 
ATOM   792  C  C   . THR A 1 107 ? 1.856   7.738   -13.039 1.00 5.73  ? 96  THR A C   1 
ATOM   793  O  O   . THR A 1 107 ? 1.308   6.940   -12.295 1.00 5.97  ? 96  THR A O   1 
ATOM   794  C  CB  . THR A 1 107 ? 0.398   7.406   -15.037 1.00 6.65  ? 96  THR A CB  1 
ATOM   795  O  OG1 . THR A 1 107 ? 0.420   7.157   -16.492 1.00 8.17  ? 96  THR A OG1 1 
ATOM   796  C  CG2 . THR A 1 107 ? -0.364  8.786   -14.802 1.00 7.61  ? 96  THR A CG2 1 
ATOM   797  N  N   . GLU A 1 108 ? 2.361   8.912   -12.635 1.00 6.19  ? 97  GLU A N   1 
ATOM   798  C  CA  . GLU A 1 108 ? 2.268   9.303   -11.215 1.00 7.23  ? 97  GLU A CA  1 
ATOM   799  C  C   . GLU A 1 108 ? 0.881   9.793   -10.957 1.00 7.29  ? 97  GLU A C   1 
ATOM   800  O  O   . GLU A 1 108 ? 0.374   10.768  -11.638 1.00 7.54  ? 97  GLU A O   1 
ATOM   801  C  CB  . GLU A 1 108 ? 3.325   10.391  -10.874 1.00 8.65  ? 97  GLU A CB  1 
ATOM   802  C  CG  . GLU A 1 108 ? 3.117   10.814  -9.387  1.00 12.76 ? 97  GLU A CG  1 
ATOM   803  C  CD  . GLU A 1 108 ? 4.180   11.745  -8.849  1.00 16.89 ? 97  GLU A CD  1 
ATOM   804  O  OE1 . GLU A 1 108 ? 5.310   11.647  -9.263  1.00 17.44 ? 97  GLU A OE1 1 
ATOM   805  O  OE2 . GLU A 1 108 ? 3.803   12.570  -7.971  1.00 24.90 ? 97  GLU A OE2 1 
ATOM   806  N  N   A VAL A 1 109 ? 0.158   9.156   -10.035 0.70 7.10  ? 98  VAL A N   1 
ATOM   807  N  N   B VAL A 1 109 ? 0.246   9.159   -10.013 0.30 6.26  ? 98  VAL A N   1 
ATOM   808  C  CA  A VAL A 1 109 ? -1.271  9.510   -9.760  0.70 7.94  ? 98  VAL A CA  1 
ATOM   809  C  CA  B VAL A 1 109 ? -1.125  9.406   -9.773  0.30 5.85  ? 98  VAL A CA  1 
ATOM   810  C  C   A VAL A 1 109 ? -1.506  10.360  -8.500  0.70 8.15  ? 98  VAL A C   1 
ATOM   811  C  C   B VAL A 1 109 ? -1.220  10.495  -8.712  0.30 6.33  ? 98  VAL A C   1 
ATOM   812  O  O   A VAL A 1 109 ? -2.470  11.148  -8.402  0.70 9.36  ? 98  VAL A O   1 
ATOM   813  O  O   B VAL A 1 109 ? -1.798  11.582  -8.975  0.30 5.55  ? 98  VAL A O   1 
ATOM   814  C  CB  A VAL A 1 109 ? -2.303  8.326   -9.845  0.70 9.35  ? 98  VAL A CB  1 
ATOM   815  C  CB  B VAL A 1 109 ? -1.758  8.080   -9.368  0.30 5.37  ? 98  VAL A CB  1 
ATOM   816  C  CG1 A VAL A 1 109 ? -2.210  7.646   -11.199 0.70 9.23  ? 98  VAL A CG1 1 
ATOM   817  C  CG1 B VAL A 1 109 ? -3.213  8.267   -8.983  0.30 4.87  ? 98  VAL A CG1 1 
ATOM   818  C  CG2 A VAL A 1 109 ? -2.214  7.322   -8.754  0.70 11.60 ? 98  VAL A CG2 1 
ATOM   819  C  CG2 B VAL A 1 109 ? -1.620  7.089   -10.503 0.30 5.54  ? 98  VAL A CG2 1 
ATOM   820  N  N   . ARG A 1 110 ? -0.599  10.204  -7.559  1.00 7.27  ? 99  ARG A N   1 
ATOM   821  C  CA  . ARG A 1 110 ? -0.544  11.152  -6.460  1.00 8.49  ? 99  ARG A CA  1 
ATOM   822  C  C   . ARG A 1 110 ? 0.525   10.900  -5.476  1.00 7.96  ? 99  ARG A C   1 
ATOM   823  O  O   . ARG A 1 110 ? 1.078   9.811   -5.389  1.00 6.63  ? 99  ARG A O   1 
ATOM   824  C  CB  . ARG A 1 110 ? -1.864  11.154  -5.799  1.00 10.78 ? 99  ARG A CB  1 
ATOM   825  C  CG  . ARG A 1 110 ? -2.222  9.993   -5.000  1.00 9.58  ? 99  ARG A CG  1 
ATOM   826  C  CD  . ARG A 1 110 ? -3.459  10.356  -4.071  1.00 12.16 ? 99  ARG A CD  1 
ATOM   827  N  NE  . ARG A 1 110 ? -3.186  11.334  -3.118  1.00 13.82 ? 99  ARG A NE  1 
ATOM   828  C  CZ  . ARG A 1 110 ? -4.057  11.852  -2.248  1.00 12.29 ? 99  ARG A CZ  1 
ATOM   829  N  NH1 . ARG A 1 110 ? -5.351  11.394  -2.028  1.00 12.18 ? 99  ARG A NH1 1 
ATOM   830  N  NH2 . ARG A 1 110 ? -3.508  12.704  -1.406  1.00 17.65 ? 99  ARG A NH2 1 
ATOM   831  N  N   . THR A 1 111 ? 0.838   11.937  -4.719  1.00 7.94  ? 100 THR A N   1 
ATOM   832  C  CA  . THR A 1 111 ? 1.647   11.712  -3.520  1.00 9.47  ? 100 THR A CA  1 
ATOM   833  C  C   . THR A 1 111 ? 0.721   12.159  -2.372  1.00 10.74 ? 100 THR A C   1 
ATOM   834  O  O   . THR A 1 111 ? -0.381  12.797  -2.563  1.00 15.17 ? 100 THR A O   1 
ATOM   835  C  CB  . THR A 1 111 ? 2.984   12.451  -3.481  1.00 12.13 ? 100 THR A CB  1 
ATOM   836  O  OG1 . THR A 1 111 ? 2.662   13.869  -3.426  1.00 14.69 ? 100 THR A OG1 1 
ATOM   837  C  CG2 . THR A 1 111 ? 3.803   12.073  -4.684  1.00 10.64 ? 100 THR A CG2 1 
ATOM   838  N  N   . GLY A 1 112 ? 1.039   11.797  -1.172  1.00 8.09  ? 101 GLY A N   1 
ATOM   839  C  CA  . GLY A 1 112 ? 0.166   12.263  -0.100  1.00 9.12  ? 101 GLY A CA  1 
ATOM   840  C  C   . GLY A 1 112 ? 0.661   11.776  1.240   1.00 8.41  ? 101 GLY A C   1 
ATOM   841  O  O   . GLY A 1 112 ? 1.717   11.158  1.331   1.00 8.09  ? 101 GLY A O   1 
ATOM   842  N  N   . ASN A 1 113 ? -0.038  12.184  2.275   1.00 8.73  ? 102 ASN A N   1 
ATOM   843  C  CA  . ASN A 1 113 ? 0.351   11.889  3.647   1.00 10.93 ? 102 ASN A CA  1 
ATOM   844  C  C   . ASN A 1 113 ? -0.839  11.224  4.332   1.00 10.72 ? 102 ASN A C   1 
ATOM   845  O  O   . ASN A 1 113 ? -1.987  11.544  4.010   1.00 13.36 ? 102 ASN A O   1 
ATOM   846  C  CB  . ASN A 1 113 ? 0.744   13.169  4.399   1.00 10.51 ? 102 ASN A CB  1 
ATOM   847  C  CG  . ASN A 1 113 ? 2.112   13.697  3.952   1.00 12.52 ? 102 ASN A CG  1 
ATOM   848  O  OD1 . ASN A 1 113 ? 3.185   13.287  4.486   1.00 16.53 ? 102 ASN A OD1 1 
ATOM   849  N  ND2 . ASN A 1 113 ? 2.123   14.450  2.887   1.00 13.30 ? 102 ASN A ND2 1 
ATOM   850  N  N   . LEU A 1 114 ? -0.566  10.312  5.274   1.00 9.30  ? 103 LEU A N   1 
ATOM   851  C  CA  . LEU A 1 114 ? -1.602  9.780   6.135   1.00 9.73  ? 103 LEU A CA  1 
ATOM   852  C  C   . LEU A 1 114 ? -1.517  10.618  7.435   1.00 10.84 ? 103 LEU A C   1 
ATOM   853  O  O   . LEU A 1 114 ? -0.423  11.049  7.813   1.00 13.24 ? 103 LEU A O   1 
ATOM   854  C  CB  . LEU A 1 114 ? -1.353  8.280   6.369   1.00 10.02 ? 103 LEU A CB  1 
ATOM   855  C  CG  . LEU A 1 114 ? -1.421  7.379   5.098   1.00 8.41  ? 103 LEU A CG  1 
ATOM   856  C  CD1 . LEU A 1 114 ? -1.317  5.918   5.469   1.00 8.32  ? 103 LEU A CD1 1 
ATOM   857  C  CD2 . LEU A 1 114 ? -2.679  7.650   4.248   1.00 9.97  ? 103 LEU A CD2 1 
ATOM   858  N  N   . GLU A 1 115 ? -2.657  10.803  8.096   1.00 11.51 ? 104 GLU A N   1 
ATOM   859  C  CA  . GLU A 1 115 ? -2.708  11.734  9.207   1.00 12.07 ? 104 GLU A CA  1 
ATOM   860  C  C   . GLU A 1 115 ? -1.939  11.141  10.371  1.00 11.54 ? 104 GLU A C   1 
ATOM   861  O  O   . GLU A 1 115 ? -2.055  9.951   10.639  1.00 8.48  ? 104 GLU A O   1 
ATOM   862  C  CB  . GLU A 1 115 ? -4.155  11.936  9.574   1.00 14.57 ? 104 GLU A CB  1 
ATOM   863  C  CG  . GLU A 1 115 ? -4.446  13.011  10.605  1.00 20.55 ? 104 GLU A CG  1 
ATOM   864  C  CD  . GLU A 1 115 ? -5.880  12.936  11.144  1.00 25.71 ? 104 GLU A CD  1 
ATOM   865  O  OE1 . GLU A 1 115 ? -6.664  12.022  10.819  1.00 31.92 ? 104 GLU A OE1 1 
ATOM   866  O  OE2 . GLU A 1 115 ? -6.238  13.800  11.965  1.00 31.58 ? 104 GLU A OE2 1 
ATOM   867  N  N   . VAL A 1 116 ? -1.227  11.995  11.088  1.00 11.19 ? 105 VAL A N   1 
ATOM   868  C  CA  . VAL A 1 116 ? -0.512  11.548  12.292  1.00 11.23 ? 105 VAL A CA  1 
ATOM   869  C  C   . VAL A 1 116 ? -1.077  12.310  13.516  1.00 15.09 ? 105 VAL A C   1 
ATOM   870  O  O   . VAL A 1 116 ? -1.848  13.287  13.356  1.00 15.46 ? 105 VAL A O   1 
ATOM   871  C  CB  . VAL A 1 116 ? 1.011   11.691  12.155  1.00 12.47 ? 105 VAL A CB  1 
ATOM   872  C  CG1 . VAL A 1 116 ? 1.531   10.691  11.128  1.00 11.36 ? 105 VAL A CG1 1 
ATOM   873  C  CG2 . VAL A 1 116 ? 1.420   13.130  11.806  1.00 13.11 ? 105 VAL A CG2 1 
ATOM   874  N  N   . ASN A 1 117 ? -0.656  11.844  14.684  1.00 15.45 ? 106 ASN A N   1 
ATOM   875  C  CA  . ASN A 1 117 ? -0.969  12.541  15.955  1.00 15.66 ? 106 ASN A CA  1 
ATOM   876  C  C   . ASN A 1 117 ? -0.198  13.873  16.063  1.00 16.94 ? 106 ASN A C   1 
ATOM   877  O  O   . ASN A 1 117 ? 0.705   14.196  15.233  1.00 18.08 ? 106 ASN A O   1 
ATOM   878  C  CB  . ASN A 1 117 ? -0.652  11.567  17.063  1.00 14.84 ? 106 ASN A CB  1 
ATOM   879  C  CG  . ASN A 1 117 ? 0.820   11.258  17.204  1.00 13.02 ? 106 ASN A CG  1 
ATOM   880  O  OD1 . ASN A 1 117 ? 1.688   11.685  16.452  1.00 15.34 ? 106 ASN A OD1 1 
ATOM   881  N  ND2 . ASN A 1 117 ? 1.120   10.562  18.285  1.00 15.49 ? 106 ASN A ND2 1 
ATOM   882  N  N   . GLU A 1 118 ? -0.472  14.577  17.178  1.00 17.87 ? 107 GLU A N   1 
ATOM   883  C  CA  . GLU A 1 118 ? 0.053   15.885  17.424  1.00 18.83 ? 107 GLU A CA  1 
ATOM   884  C  C   . GLU A 1 118 ? 1.568   15.741  17.451  1.00 19.14 ? 107 GLU A C   1 
ATOM   885  O  O   . GLU A 1 118 ? 2.245   16.582  16.950  1.00 21.70 ? 107 GLU A O   1 
ATOM   886  C  CB  . GLU A 1 118 ? -0.507  16.429  18.720  1.00 19.70 ? 107 GLU A CB  1 
ATOM   887  C  CG  . GLU A 1 118 ? -0.376  17.919  18.958  1.00 22.84 ? 107 GLU A CG  1 
ATOM   888  C  CD  . GLU A 1 118 ? 0.971   18.319  19.495  1.00 22.17 ? 107 GLU A CD  1 
ATOM   889  O  OE1 . GLU A 1 118 ? 1.642   17.446  20.143  1.00 24.70 ? 107 GLU A OE1 1 
ATOM   890  O  OE2 . GLU A 1 118 ? 1.338   19.502  19.329  1.00 21.72 ? 107 GLU A OE2 1 
ATOM   891  N  N   . ALA A 1 119 ? 2.093   14.648  18.043  1.00 19.00 ? 108 ALA A N   1 
ATOM   892  C  CA  . ALA A 1 119 ? 3.542   14.518  18.114  1.00 18.50 ? 108 ALA A CA  1 
ATOM   893  C  C   . ALA A 1 119 ? 4.206   14.192  16.802  1.00 18.45 ? 108 ALA A C   1 
ATOM   894  O  O   . ALA A 1 119 ? 5.432   14.340  16.673  1.00 21.04 ? 108 ALA A O   1 
ATOM   895  C  CB  . ALA A 1 119 ? 3.905   13.487  19.182  1.00 18.90 ? 108 ALA A CB  1 
ATOM   896  N  N   . GLY A 1 120 ? 3.431   13.716  15.801  1.00 17.13 ? 109 GLY A N   1 
ATOM   897  C  CA  . GLY A 1 120 ? 3.980   13.280  14.525  1.00 17.92 ? 109 GLY A CA  1 
ATOM   898  C  C   . GLY A 1 120 ? 4.679   11.939  14.598  1.00 17.64 ? 109 GLY A C   1 
ATOM   899  O  O   . GLY A 1 120 ? 5.551   11.620  13.758  1.00 18.78 ? 109 GLY A O   1 
ATOM   900  N  N   . ASN A 1 121 ? 4.318   11.153  15.596  1.00 13.74 ? 110 ASN A N   1 
ATOM   901  C  CA  . ASN A 1 121 ? 5.038   9.877   15.807  1.00 12.20 ? 110 ASN A CA  1 
ATOM   902  C  C   . ASN A 1 121 ? 4.114   8.622   15.830  1.00 11.78 ? 110 ASN A C   1 
ATOM   903  O  O   . ASN A 1 121 ? 4.585   7.501   16.125  1.00 12.08 ? 110 ASN A O   1 
ATOM   904  C  CB  . ASN A 1 121 ? 5.931   9.871   17.055  1.00 14.35 ? 110 ASN A CB  1 
ATOM   905  C  CG  . ASN A 1 121 ? 5.211   10.184  18.318  1.00 14.36 ? 110 ASN A CG  1 
ATOM   906  O  OD1 . ASN A 1 121 ? 4.051   9.870   18.521  1.00 12.90 ? 110 ASN A OD1 1 
ATOM   907  N  ND2 . ASN A 1 121 ? 6.006   10.676  19.292  1.00 14.87 ? 110 ASN A ND2 1 
ATOM   908  N  N   . ALA A 1 122 ? 2.831   8.835   15.606  1.00 10.65 ? 111 ALA A N   1 
ATOM   909  C  CA  . ALA A 1 122 ? 1.857   7.754   15.492  1.00 9.75  ? 111 ALA A CA  1 
ATOM   910  C  C   . ALA A 1 122 ? 0.720   8.068   14.511  1.00 10.21 ? 111 ALA A C   1 
ATOM   911  O  O   . ALA A 1 122 ? 0.346   9.227   14.321  1.00 10.56 ? 111 ALA A O   1 
ATOM   912  C  CB  . ALA A 1 122 ? 1.259   7.291   16.860  1.00 9.96  ? 111 ALA A CB  1 
ATOM   913  N  N   . LEU A 1 123 ? 0.207   7.045   13.809  1.00 8.68  ? 112 LEU A N   1 
ATOM   914  C  CA  . LEU A 1 123 ? -0.949  7.276   12.928  1.00 8.89  ? 112 LEU A CA  1 
ATOM   915  C  C   . LEU A 1 123 ? -2.212  7.654   13.657  1.00 8.94  ? 112 LEU A C   1 
ATOM   916  O  O   . LEU A 1 123 ? -2.501  7.121   14.721  1.00 10.32 ? 112 LEU A O   1 
ATOM   917  C  CB  . LEU A 1 123 ? -1.305  6.080   12.057  1.00 8.59  ? 112 LEU A CB  1 
ATOM   918  C  CG  . LEU A 1 123 ? -0.233  5.689   11.018  1.00 8.19  ? 112 LEU A CG  1 
ATOM   919  C  CD1 . LEU A 1 123 ? -0.722  4.471   10.174  1.00 9.43  ? 112 LEU A CD1 1 
ATOM   920  C  CD2 . LEU A 1 123 ? -0.025  6.857   10.033  1.00 9.61  ? 112 LEU A CD2 1 
ATOM   921  N  N   . ALA A 1 124 ? -2.912  8.599   13.090  1.00 9.39  ? 113 ALA A N   1 
ATOM   922  C  CA  . ALA A 1 124 ? -4.205  9.055   13.718  1.00 10.01 ? 113 ALA A CA  1 
ATOM   923  C  C   . ALA A 1 124 ? -5.292  8.075   13.512  1.00 10.19 ? 113 ALA A C   1 
ATOM   924  O  O   . ALA A 1 124 ? -6.179  7.900   14.375  1.00 11.88 ? 113 ALA A O   1 
ATOM   925  C  CB  . ALA A 1 124 ? -4.671  10.401  13.125  1.00 11.19 ? 113 ALA A CB  1 
ATOM   926  N  N   . ASN A 1 125 ? -5.269  7.359   12.376  1.00 9.73  ? 114 ASN A N   1 
ATOM   927  C  CA  . ASN A 1 125 ? -6.273  6.404   12.054  1.00 8.85  ? 114 ASN A CA  1 
ATOM   928  C  C   . ASN A 1 125 ? -5.583  5.051   11.901  1.00 8.44  ? 114 ASN A C   1 
ATOM   929  O  O   . ASN A 1 125 ? -4.832  4.784   10.942  1.00 7.39  ? 114 ASN A O   1 
ATOM   930  C  CB  . ASN A 1 125 ? -6.946  6.785   10.710  1.00 9.41  ? 114 ASN A CB  1 
ATOM   931  C  CG  . ASN A 1 125 ? -7.926  5.745   10.209  1.00 10.05 ? 114 ASN A CG  1 
ATOM   932  O  OD1 . ASN A 1 125 ? -8.291  4.739   10.855  1.00 10.65 ? 114 ASN A OD1 1 
ATOM   933  N  ND2 . ASN A 1 125 ? -8.392  5.987   9.002   1.00 11.39 ? 114 ASN A ND2 1 
ATOM   934  N  N   . ARG A 1 126 ? -5.823  4.229   12.881  1.00 8.65  ? 115 ARG A N   1 
ATOM   935  C  CA  . ARG A 1 126 ? -5.273  2.855   12.962  1.00 9.56  ? 115 ARG A CA  1 
ATOM   936  C  C   . ARG A 1 126 ? -5.893  1.843   12.024  1.00 9.09  ? 115 ARG A C   1 
ATOM   937  O  O   . ARG A 1 126 ? -5.333  0.771   11.800  1.00 9.17  ? 115 ARG A O   1 
ATOM   938  C  CB  . ARG A 1 126 ? -5.255  2.375   14.423  1.00 11.95 ? 115 ARG A CB  1 
ATOM   939  C  CG  . ARG A 1 126 ? -4.222  3.134   15.213  1.00 16.07 ? 115 ARG A CG  1 
ATOM   940  C  CD  . ARG A 1 126 ? -3.897  2.487   16.590  1.00 17.96 ? 115 ARG A CD  1 
ATOM   941  N  NE  . ARG A 1 126 ? -3.496  1.049   16.540  1.00 17.16 ? 115 ARG A NE  1 
ATOM   942  C  CZ  . ARG A 1 126 ? -3.613  0.288   17.644  1.00 14.11 ? 115 ARG A CZ  1 
ATOM   943  N  NH1 . ARG A 1 126 ? -4.111  0.869   18.718  1.00 14.87 ? 115 ARG A NH1 1 
ATOM   944  N  NH2 . ARG A 1 126 ? -3.259  -1.016  17.709  1.00 13.32 ? 115 ARG A NH2 1 
ATOM   945  N  N   . GLY A 1 127 ? -7.078  2.221   11.508  1.00 8.25  ? 116 GLY A N   1 
ATOM   946  C  CA  . GLY A 1 127 ? -7.795  1.386   10.571  1.00 7.02  ? 116 GLY A CA  1 
ATOM   947  C  C   . GLY A 1 127 ? -7.493  1.674   9.085   1.00 6.96  ? 116 GLY A C   1 
ATOM   948  O  O   . GLY A 1 127 ? -6.413  2.113   8.760   1.00 6.62  ? 116 GLY A O   1 
ATOM   949  N  N   . TYR A 1 128 ? -8.520  1.380   8.267   1.00 6.11  ? 117 TYR A N   1 
ATOM   950  C  CA  . TYR A 1 128 ? -8.317  1.595   6.827   1.00 5.65  ? 117 TYR A CA  1 
ATOM   951  C  C   . TYR A 1 128 ? -8.192  3.070   6.564   1.00 5.91  ? 117 TYR A C   1 
ATOM   952  O  O   . TYR A 1 128 ? -9.124  3.880   6.867   1.00 6.22  ? 117 TYR A O   1 
ATOM   953  C  CB  . TYR A 1 128 ? -9.477  1.030   5.989   1.00 5.52  ? 117 TYR A CB  1 
ATOM   954  C  CG  . TYR A 1 128 ? -9.416  -0.469  5.949   1.00 5.80  ? 117 TYR A CG  1 
ATOM   955  C  CD1 . TYR A 1 128 ? -8.585  -1.124  5.037   1.00 5.83  ? 117 TYR A CD1 1 
ATOM   956  C  CD2 . TYR A 1 128 ? -10.138 -1.249  6.871   1.00 6.17  ? 117 TYR A CD2 1 
ATOM   957  C  CE1 . TYR A 1 128 ? -8.504  -2.504  4.962   1.00 6.52  ? 117 TYR A CE1 1 
ATOM   958  C  CE2 . TYR A 1 128 ? -10.071 -2.608  6.820   1.00 6.42  ? 117 TYR A CE2 1 
ATOM   959  C  CZ  . TYR A 1 128 ? -9.281  -3.246  5.886   1.00 6.97  ? 117 TYR A CZ  1 
ATOM   960  O  OH  . TYR A 1 128 ? -9.177  -4.618  5.870   1.00 8.59  ? 117 TYR A OH  1 
ATOM   961  N  N   . ASN A 1 129 ? -7.079  3.461   5.922   1.00 5.68  ? 118 ASN A N   1 
ATOM   962  C  CA  . ASN A 1 129 ? -6.852  4.871   5.529   1.00 5.61  ? 118 ASN A CA  1 
ATOM   963  C  C   . ASN A 1 129 ? -7.122  5.048   4.056   1.00 5.76  ? 118 ASN A C   1 
ATOM   964  O  O   . ASN A 1 129 ? -6.352  4.492   3.266   1.00 6.20  ? 118 ASN A O   1 
ATOM   965  C  CB  . ASN A 1 129 ? -5.379  5.328   5.760   1.00 5.63  ? 118 ASN A CB  1 
ATOM   966  C  CG  . ASN A 1 129 ? -5.044  5.559   7.285   1.00 5.95  ? 118 ASN A CG  1 
ATOM   967  O  OD1 . ASN A 1 129 ? -4.668  6.675   7.638   1.00 7.85  ? 118 ASN A OD1 1 
ATOM   968  N  ND2 . ASN A 1 129 ? -5.114  4.566   8.109   1.00 6.46  ? 118 ASN A ND2 1 
ATOM   969  N  N   . PRO A 1 130 ? -8.175  5.783   3.651   1.00 5.42  ? 119 PRO A N   1 
ATOM   970  C  CA  A PRO A 1 130 ? -8.480  5.956   2.232   0.50 5.66  ? 119 PRO A CA  1 
ATOM   971  C  CA  B PRO A 1 130 ? -8.396  5.857   2.202   0.50 5.72  ? 119 PRO A CA  1 
ATOM   972  C  C   . PRO A 1 130 ? -7.484  6.823   1.491   1.00 5.68  ? 119 PRO A C   1 
ATOM   973  O  O   . PRO A 1 130 ? -7.104  7.901   1.989   1.00 7.56  ? 119 PRO A O   1 
ATOM   974  C  CB  A PRO A 1 130 ? -9.856  6.664   2.262   0.50 5.52  ? 119 PRO A CB  1 
ATOM   975  C  CB  B PRO A 1 130 ? -9.877  6.325   2.062   0.50 5.79  ? 119 PRO A CB  1 
ATOM   976  C  CG  A PRO A 1 130 ? -9.955  7.329   3.588   0.50 5.26  ? 119 PRO A CG  1 
ATOM   977  C  CG  B PRO A 1 130 ? -10.507 6.041   3.366   0.50 5.88  ? 119 PRO A CG  1 
ATOM   978  C  CD  A PRO A 1 130 ? -9.083  6.555   4.547   0.50 5.68  ? 119 PRO A CD  1 
ATOM   979  C  CD  B PRO A 1 130 ? -9.391  6.177   4.406   0.50 5.96  ? 119 PRO A CD  1 
ATOM   980  N  N   . ILE A 1 131 ? -7.102  6.377   0.301   1.00 5.39  ? 120 ILE A N   1 
ATOM   981  C  CA  . ILE A 1 131 ? -6.245  7.137   -0.602  1.00 5.72  ? 120 ILE A CA  1 
ATOM   982  C  C   . ILE A 1 131 ? -7.027  7.211   -1.901  1.00 5.72  ? 120 ILE A C   1 
ATOM   983  O  O   . ILE A 1 131 ? -7.035  6.292   -2.694  1.00 5.30  ? 120 ILE A O   1 
ATOM   984  C  CB  . ILE A 1 131 ? -4.893  6.437   -0.816  1.00 6.18  ? 120 ILE A CB  1 
ATOM   985  C  CG1 . ILE A 1 131 ? -4.129  6.306   0.553   1.00 6.15  ? 120 ILE A CG1 1 
ATOM   986  C  CG2 . ILE A 1 131 ? -4.015  7.247   -1.798  1.00 6.66  ? 120 ILE A CG2 1 
ATOM   987  C  CD1 . ILE A 1 131 ? -2.849  5.456   0.493   1.00 6.15  ? 120 ILE A CD1 1 
ATOM   988  N  N   . ARG A 1 132 ? -7.663  8.362   -2.185  1.00 5.88  ? 121 ARG A N   1 
ATOM   989  C  CA  . ARG A 1 132 ? -8.469  8.587   -3.368  1.00 5.70  ? 121 ARG A CA  1 
ATOM   990  C  C   . ARG A 1 132 ? -7.720  9.356   -4.435  1.00 5.57  ? 121 ARG A C   1 
ATOM   991  O  O   . ARG A 1 132 ? -6.821  10.126  -4.124  1.00 6.22  ? 121 ARG A O   1 
ATOM   992  C  CB  . ARG A 1 132 ? -9.733  9.362   -2.944  1.00 7.31  ? 121 ARG A CB  1 
ATOM   993  C  CG  . ARG A 1 132 ? -10.613 8.448   -2.094  1.00 9.46  ? 121 ARG A CG  1 
ATOM   994  C  CD  . ARG A 1 132 ? -11.803 9.283   -1.618  1.00 12.98 ? 121 ARG A CD  1 
ATOM   995  N  NE  . ARG A 1 132 ? -12.684 9.440   -2.754  1.00 15.77 ? 121 ARG A NE  1 
ATOM   996  C  CZ  . ARG A 1 132 ? -13.836 10.109  -2.712  1.00 20.31 ? 121 ARG A CZ  1 
ATOM   997  N  NH1 . ARG A 1 132 ? -14.199 10.663  -1.576  1.00 20.22 ? 121 ARG A NH1 1 
ATOM   998  N  NH2 . ARG A 1 132 ? -14.566 10.241  -3.833  1.00 20.68 ? 121 ARG A NH2 1 
ATOM   999  N  N   . PHE A 1 133 ? -8.064  9.100   -5.694  1.00 4.66  ? 122 PHE A N   1 
ATOM   1000 C  CA  . PHE A 1 133 ? -7.443  9.843   -6.830  1.00 4.46  ? 122 PHE A CA  1 
ATOM   1001 C  C   . PHE A 1 133 ? -8.383  9.819   -8.010  1.00 5.08  ? 122 PHE A C   1 
ATOM   1002 O  O   . PHE A 1 133 ? -9.320  8.984   -8.077  1.00 6.29  ? 122 PHE A O   1 
ATOM   1003 C  CB  . PHE A 1 133 ? -6.055  9.212   -7.210  1.00 4.81  ? 122 PHE A CB  1 
ATOM   1004 C  CG  . PHE A 1 133 ? -6.082  7.686   -7.205  1.00 5.11  ? 122 PHE A CG  1 
ATOM   1005 C  CD1 . PHE A 1 133 ? -6.441  6.991   -8.375  1.00 5.51  ? 122 PHE A CD1 1 
ATOM   1006 C  CD2 . PHE A 1 133 ? -5.749  6.959   -6.055  1.00 4.93  ? 122 PHE A CD2 1 
ATOM   1007 C  CE1 . PHE A 1 133 ? -6.438  5.585   -8.415  1.00 5.02  ? 122 PHE A CE1 1 
ATOM   1008 C  CE2 . PHE A 1 133 ? -5.809  5.563   -6.069  1.00 4.65  ? 122 PHE A CE2 1 
ATOM   1009 C  CZ  . PHE A 1 133 ? -6.105  4.860   -7.231  1.00 4.84  ? 122 PHE A CZ  1 
ATOM   1010 N  N   . ASN A 1 134 ? -8.177  10.735  -8.935  1.00 5.28  ? 123 ASN A N   1 
ATOM   1011 C  CA  . ASN A 1 134 ? -9.023  10.785  -10.092 1.00 4.62  ? 123 ASN A CA  1 
ATOM   1012 C  C   . ASN A 1 134 ? -8.981  9.462   -10.867 1.00 4.43  ? 123 ASN A C   1 
ATOM   1013 O  O   . ASN A 1 134 ? -7.901  8.870   -11.014 1.00 5.26  ? 123 ASN A O   1 
ATOM   1014 C  CB  . ASN A 1 134 ? -8.576  11.895  -11.044 1.00 4.78  ? 123 ASN A CB  1 
ATOM   1015 C  CG  . ASN A 1 134 ? -8.722  13.294  -10.419 1.00 5.13  ? 123 ASN A CG  1 
ATOM   1016 O  OD1 . ASN A 1 134 ? -9.466  13.468  -9.457  1.00 7.56  ? 123 ASN A OD1 1 
ATOM   1017 N  ND2 . ASN A 1 134 ? -8.104  14.293  -11.082 1.00 6.51  ? 123 ASN A ND2 1 
ATOM   1018 N  N   . THR A 1 135 ? -10.145 9.045   -11.366 1.00 4.74  ? 124 THR A N   1 
ATOM   1019 C  CA  . THR A 1 135 ? -10.213 7.747   -11.985 1.00 4.61  ? 124 THR A CA  1 
ATOM   1020 C  C   . THR A 1 135 ? -9.224  7.605   -13.098 1.00 5.04  ? 124 THR A C   1 
ATOM   1021 O  O   . THR A 1 135 ? -9.064  8.492   -13.955 1.00 4.66  ? 124 THR A O   1 
ATOM   1022 C  CB  . THR A 1 135 ? -11.627 7.573   -12.548 1.00 5.39  ? 124 THR A CB  1 
ATOM   1023 O  OG1 . THR A 1 135 ? -12.602 7.793   -11.527 1.00 7.14  ? 124 THR A OG1 1 
ATOM   1024 C  CG2 . THR A 1 135 ? -11.821 6.112   -13.137 1.00 5.31  ? 124 THR A CG2 1 
ATOM   1025 N  N   . ILE A 1 136 ? -8.539  6.436   -13.090 1.00 4.38  ? 125 ILE A N   1 
ATOM   1026 C  CA  . ILE A 1 136 ? -7.502  6.133   -14.123 1.00 5.20  ? 125 ILE A CA  1 
ATOM   1027 C  C   . ILE A 1 136 ? -7.587  4.658   -14.455 1.00 4.87  ? 125 ILE A C   1 
ATOM   1028 O  O   . ILE A 1 136 ? -7.769  3.819   -13.574 1.00 4.90  ? 125 ILE A O   1 
ATOM   1029 C  CB  . ILE A 1 136 ? -6.078  6.532   -13.635 1.00 4.72  ? 125 ILE A CB  1 
ATOM   1030 C  CG1 . ILE A 1 136 ? -5.105  6.292   -14.817 1.00 5.38  ? 125 ILE A CG1 1 
ATOM   1031 C  CG2 . ILE A 1 136 ? -5.671  5.831   -12.321 1.00 6.19  ? 125 ILE A CG2 1 
ATOM   1032 C  CD1 . ILE A 1 136 ? -3.731  6.942   -14.539 1.00 5.59  ? 125 ILE A CD1 1 
ATOM   1033 N  N   . ASN A 1 137 ? -7.527  4.382   -15.753 1.00 5.20  ? 126 ASN A N   1 
ATOM   1034 C  CA  . ASN A 1 137 ? -7.585  2.964   -16.205 1.00 4.99  ? 126 ASN A CA  1 
ATOM   1035 C  C   . ASN A 1 137 ? -6.185  2.398   -16.045 1.00 5.17  ? 126 ASN A C   1 
ATOM   1036 O  O   . ASN A 1 137 ? -5.203  2.939   -16.541 1.00 5.33  ? 126 ASN A O   1 
ATOM   1037 C  CB  . ASN A 1 137 ? -8.069  2.969   -17.669 1.00 5.55  ? 126 ASN A CB  1 
ATOM   1038 C  CG  . ASN A 1 137 ? -8.446  1.568   -18.129 1.00 5.81  ? 126 ASN A CG  1 
ATOM   1039 O  OD1 . ASN A 1 137 ? -9.472  1.003   -17.636 1.00 9.13  ? 126 ASN A OD1 1 
ATOM   1040 N  ND2 . ASN A 1 137 ? -7.627  0.922   -18.871 1.00 6.60  ? 126 ASN A ND2 1 
ATOM   1041 N  N   . ALA A 1 138 ? -6.133  1.277   -15.330 1.00 4.85  ? 127 ALA A N   1 
ATOM   1042 C  CA  . ALA A 1 138 ? -4.828  0.682   -14.957 1.00 4.57  ? 127 ALA A CA  1 
ATOM   1043 C  C   . ALA A 1 138 ? -4.938  -0.775  -14.678 1.00 4.12  ? 127 ALA A C   1 
ATOM   1044 O  O   . ALA A 1 138 ? -6.015  -1.234  -14.216 1.00 3.83  ? 127 ALA A O   1 
ATOM   1045 C  CB  . ALA A 1 138 ? -4.317  1.348   -13.668 1.00 5.53  ? 127 ALA A CB  1 
ATOM   1046 N  N   . GLN A 1 139 ? -3.848  -1.513  -14.906 1.00 3.71  ? 128 GLN A N   1 
ATOM   1047 C  CA  . GLN A 1 139 ? -3.846  -2.935  -14.431 1.00 3.56  ? 128 GLN A CA  1 
ATOM   1048 C  C   . GLN A 1 139 ? -2.724  -3.109  -13.378 1.00 3.86  ? 128 GLN A C   1 
ATOM   1049 O  O   . GLN A 1 139 ? -2.664  -4.177  -12.751 1.00 4.10  ? 128 GLN A O   1 
ATOM   1050 C  CB  . GLN A 1 139 ? -3.690  -3.886  -15.634 1.00 3.77  ? 128 GLN A CB  1 
ATOM   1051 C  CG  . GLN A 1 139 ? -3.701  -5.370  -15.161 1.00 4.24  ? 128 GLN A CG  1 
ATOM   1052 C  CD  . GLN A 1 139 ? -3.860  -6.347  -16.319 1.00 4.52  ? 128 GLN A CD  1 
ATOM   1053 O  OE1 . GLN A 1 139 ? -3.911  -5.965  -17.498 1.00 5.77  ? 128 GLN A OE1 1 
ATOM   1054 N  NE2 . GLN A 1 139 ? -3.904  -7.632  -15.985 1.00 4.70  ? 128 GLN A NE2 1 
ATOM   1055 N  N   . TYR A 1 140 ? -1.862  -2.125  -13.223 1.00 3.64  ? 129 TYR A N   1 
ATOM   1056 C  CA  . TYR A 1 140 ? -0.772  -2.226  -12.244 1.00 3.69  ? 129 TYR A CA  1 
ATOM   1057 C  C   . TYR A 1 140 ? -0.762  -0.974  -11.387 1.00 3.64  ? 129 TYR A C   1 
ATOM   1058 O  O   . TYR A 1 140 ? -0.985  0.118   -11.881 1.00 3.86  ? 129 TYR A O   1 
ATOM   1059 C  CB  . TYR A 1 140 ? 0.642   -2.357  -12.919 1.00 3.93  ? 129 TYR A CB  1 
ATOM   1060 C  CG  . TYR A 1 140 ? 0.815   -3.602  -13.794 1.00 4.54  ? 129 TYR A CG  1 
ATOM   1061 C  CD1 . TYR A 1 140 ? 0.303   -3.640  -15.098 1.00 4.49  ? 129 TYR A CD1 1 
ATOM   1062 C  CD2 . TYR A 1 140 ? 1.445   -4.760  -13.272 1.00 4.78  ? 129 TYR A CD2 1 
ATOM   1063 C  CE1 . TYR A 1 140 ? 0.453   -4.814  -15.880 1.00 5.62  ? 129 TYR A CE1 1 
ATOM   1064 C  CE2 . TYR A 1 140 ? 1.568   -5.894  -14.015 1.00 5.35  ? 129 TYR A CE2 1 
ATOM   1065 C  CZ  . TYR A 1 140 ? 1.063   -5.886  -15.282 1.00 5.94  ? 129 TYR A CZ  1 
ATOM   1066 O  OH  . TYR A 1 140 ? 1.215   -7.072  -16.093 1.00 8.90  ? 129 TYR A OH  1 
ATOM   1067 N  N   . LEU A 1 141 ? -0.469  -1.168  -10.087 1.00 3.35  ? 130 LEU A N   1 
ATOM   1068 C  CA  . LEU A 1 141 ? -0.356  -0.001  -9.229  1.00 3.31  ? 130 LEU A CA  1 
ATOM   1069 C  C   . LEU A 1 141 ? 0.867   -0.205  -8.382  1.00 3.21  ? 130 LEU A C   1 
ATOM   1070 O  O   . LEU A 1 141 ? 1.006   -1.263  -7.756  1.00 2.93  ? 130 LEU A O   1 
ATOM   1071 C  CB  . LEU A 1 141 ? -1.657  0.129   -8.355  1.00 3.27  ? 130 LEU A CB  1 
ATOM   1072 C  CG  . LEU A 1 141 ? -1.615  1.385   -7.391  1.00 3.40  ? 130 LEU A CG  1 
ATOM   1073 C  CD1 . LEU A 1 141 ? -3.060  1.884   -7.162  1.00 3.59  ? 130 LEU A CD1 1 
ATOM   1074 C  CD2 . LEU A 1 141 ? -0.951  1.126   -6.009  1.00 3.79  ? 130 LEU A CD2 1 
ATOM   1075 N  N   . ARG A 1 142 ? 1.721   0.812   -8.295  1.00 3.06  ? 131 ARG A N   1 
ATOM   1076 C  CA  . ARG A 1 142 ? 2.938   0.777   -7.421  1.00 3.68  ? 131 ARG A CA  1 
ATOM   1077 C  C   . ARG A 1 142 ? 2.680   1.726   -6.292  1.00 3.74  ? 131 ARG A C   1 
ATOM   1078 O  O   . ARG A 1 142 ? 2.469   2.912   -6.502  1.00 3.88  ? 131 ARG A O   1 
ATOM   1079 C  CB  . ARG A 1 142 ? 4.166   1.137   -8.262  1.00 4.12  ? 131 ARG A CB  1 
ATOM   1080 C  CG  . ARG A 1 142 ? 5.480   1.075   -7.449  1.00 4.03  ? 131 ARG A CG  1 
ATOM   1081 C  CD  . ARG A 1 142 ? 6.692   0.909   -8.400  1.00 5.13  ? 131 ARG A CD  1 
ATOM   1082 N  NE  . ARG A 1 142 ? 6.817   2.039   -9.331  1.00 6.46  ? 131 ARG A NE  1 
ATOM   1083 C  CZ  . ARG A 1 142 ? 7.575   1.981   -10.400 1.00 7.17  ? 131 ARG A CZ  1 
ATOM   1084 N  NH1 . ARG A 1 142 ? 8.192   0.837   -10.732 1.00 8.57  ? 131 ARG A NH1 1 
ATOM   1085 N  NH2 . ARG A 1 142 ? 7.735   3.133   -11.115 1.00 7.25  ? 131 ARG A NH2 1 
ATOM   1086 N  N   . PHE A 1 143 ? 2.825   1.187   -5.087  1.00 3.67  ? 132 PHE A N   1 
ATOM   1087 C  CA  . PHE A 1 143 ? 2.681   1.994   -3.898  1.00 3.82  ? 132 PHE A CA  1 
ATOM   1088 C  C   . PHE A 1 143 ? 4.085   2.140   -3.294  1.00 3.97  ? 132 PHE A C   1 
ATOM   1089 O  O   . PHE A 1 143 ? 4.741   1.120   -3.029  1.00 4.15  ? 132 PHE A O   1 
ATOM   1090 C  CB  . PHE A 1 143 ? 1.796   1.161   -2.905  1.00 4.32  ? 132 PHE A CB  1 
ATOM   1091 C  CG  . PHE A 1 143 ? 1.627   1.848   -1.531  1.00 5.06  ? 132 PHE A CG  1 
ATOM   1092 C  CD1 . PHE A 1 143 ? 0.644   2.789   -1.325  1.00 5.19  ? 132 PHE A CD1 1 
ATOM   1093 C  CD2 . PHE A 1 143 ? 2.395   1.415   -0.459  1.00 5.95  ? 132 PHE A CD2 1 
ATOM   1094 C  CE1 . PHE A 1 143 ? 0.478   3.367   -0.048  1.00 5.91  ? 132 PHE A CE1 1 
ATOM   1095 C  CE2 . PHE A 1 143 ? 2.225   2.028   0.838   1.00 7.00  ? 132 PHE A CE2 1 
ATOM   1096 C  CZ  . PHE A 1 143 ? 1.215   2.966   1.005   1.00 6.11  ? 132 PHE A CZ  1 
ATOM   1097 N  N   . THR A 1 144 ? 4.500   3.415   -3.112  1.00 4.08  ? 133 THR A N   1 
ATOM   1098 C  CA  . THR A 1 144 ? 5.835   3.685   -2.562  1.00 3.97  ? 133 THR A CA  1 
ATOM   1099 C  C   . THR A 1 144 ? 5.712   4.367   -1.210  1.00 3.84  ? 133 THR A C   1 
ATOM   1100 O  O   . THR A 1 144 ? 4.971   5.364   -1.064  1.00 4.15  ? 133 THR A O   1 
ATOM   1101 C  CB  . THR A 1 144 ? 6.625   4.617   -3.537  1.00 4.25  ? 133 THR A CB  1 
ATOM   1102 O  OG1 . THR A 1 144 ? 6.750   3.921   -4.810  1.00 5.30  ? 133 THR A OG1 1 
ATOM   1103 C  CG2 . THR A 1 144 ? 8.044   4.846   -2.982  1.00 4.38  ? 133 THR A CG2 1 
ATOM   1104 N  N   . ALA A 1 145 ? 6.474   3.832   -0.215  1.00 3.59  ? 134 ALA A N   1 
ATOM   1105 C  CA  . ALA A 1 145 ? 6.597   4.415   1.077   1.00 3.86  ? 134 ALA A CA  1 
ATOM   1106 C  C   . ALA A 1 145 ? 7.786   5.371   1.067   1.00 4.16  ? 134 ALA A C   1 
ATOM   1107 O  O   . ALA A 1 145 ? 8.897   4.945   0.861   1.00 5.17  ? 134 ALA A O   1 
ATOM   1108 C  CB  . ALA A 1 145 ? 6.835   3.300   2.115   1.00 3.69  ? 134 ALA A CB  1 
ATOM   1109 N  N   . LEU A 1 146 ? 7.420   6.657   1.287   1.00 5.11  ? 135 LEU A N   1 
ATOM   1110 C  CA  . LEU A 1 146 ? 8.412   7.753   1.278   1.00 5.97  ? 135 LEU A CA  1 
ATOM   1111 C  C   . LEU A 1 146 ? 8.846   8.113   2.691   1.00 6.44  ? 135 LEU A C   1 
ATOM   1112 O  O   . LEU A 1 146 ? 10.020  8.515   2.881   1.00 6.16  ? 135 LEU A O   1 
ATOM   1113 C  CB  . LEU A 1 146 ? 7.858   8.998   0.571   1.00 6.70  ? 135 LEU A CB  1 
ATOM   1114 C  CG  . LEU A 1 146 ? 7.487   8.801   -0.894  1.00 7.52  ? 135 LEU A CG  1 
ATOM   1115 C  CD1 . LEU A 1 146 ? 6.700   10.072  -1.347  1.00 8.85  ? 135 LEU A CD1 1 
ATOM   1116 C  CD2 . LEU A 1 146 ? 8.703   8.453   -1.714  1.00 7.96  ? 135 LEU A CD2 1 
ATOM   1117 N  N   . LYS A 1 147 ? 7.901   8.004   3.638   1.00 6.28  ? 136 LYS A N   1 
ATOM   1118 C  CA  . LYS A 1 147 ? 8.189   8.229   5.087   1.00 6.36  ? 136 LYS A CA  1 
ATOM   1119 C  C   . LYS A 1 147 ? 7.422   7.196   5.856   1.00 5.39  ? 136 LYS A C   1 
ATOM   1120 O  O   . LYS A 1 147 ? 6.283   6.870   5.465   1.00 5.56  ? 136 LYS A O   1 
ATOM   1121 C  CB  . LYS A 1 147 ? 7.777   9.610   5.553   1.00 7.73  ? 136 LYS A CB  1 
ATOM   1122 C  CG  . LYS A 1 147 ? 8.581   10.749  4.879   1.00 11.86 ? 136 LYS A CG  1 
ATOM   1123 C  CD  . LYS A 1 147 ? 8.143   12.086  5.500   1.00 18.46 ? 136 LYS A CD  1 
ATOM   1124 C  CE  . LYS A 1 147 ? 8.727   13.338  4.826   1.00 22.80 ? 136 LYS A CE  1 
ATOM   1125 N  NZ  . LYS A 1 147 ? 10.184  13.134  4.836   1.00 25.76 ? 136 LYS A NZ  1 
ATOM   1126 N  N   . THR A 1 148 ? 8.016   6.676   6.926   1.00 5.52  ? 137 THR A N   1 
ATOM   1127 C  CA  . THR A 1 148 ? 7.344   5.707   7.780   1.00 5.42  ? 137 THR A CA  1 
ATOM   1128 C  C   . THR A 1 148 ? 7.764   5.857   9.239   1.00 6.37  ? 137 THR A C   1 
ATOM   1129 O  O   . THR A 1 148 ? 8.773   6.503   9.603   1.00 6.60  ? 137 THR A O   1 
ATOM   1130 C  CB  . THR A 1 148 ? 7.765   4.226   7.417   1.00 4.83  ? 137 THR A CB  1 
ATOM   1131 O  OG1 . THR A 1 148 ? 9.213   4.121   7.572   1.00 4.55  ? 137 THR A OG1 1 
ATOM   1132 C  CG2 . THR A 1 148 ? 7.478   3.916   5.883   1.00 4.48  ? 137 THR A CG2 1 
ATOM   1133 N  N   . LEU A 1 149 ? 6.967   5.196   10.088  1.00 6.08  ? 138 LEU A N   1 
ATOM   1134 C  CA  . LEU A 1 149 ? 7.258   5.158   11.528  1.00 6.99  ? 138 LEU A CA  1 
ATOM   1135 C  C   . LEU A 1 149 ? 7.845   3.782   11.851  1.00 7.20  ? 138 LEU A C   1 
ATOM   1136 O  O   . LEU A 1 149 ? 7.647   2.740   11.136  1.00 8.03  ? 138 LEU A O   1 
ATOM   1137 C  CB  . LEU A 1 149 ? 5.932   5.338   12.296  1.00 7.38  ? 138 LEU A CB  1 
ATOM   1138 C  CG  . LEU A 1 149 ? 5.287   6.742   12.062  1.00 9.16  ? 138 LEU A CG  1 
ATOM   1139 C  CD1 . LEU A 1 149 ? 3.824   6.621   12.476  1.00 9.41  ? 138 LEU A CD1 1 
ATOM   1140 C  CD2 . LEU A 1 149 ? 6.022   7.932   12.688  1.00 8.95  ? 138 LEU A CD2 1 
ATOM   1141 N  N   . GLY A 1 150 ? 8.611   3.778   12.935  1.00 5.88  ? 139 GLY A N   1 
ATOM   1142 C  CA  . GLY A 1 150 ? 9.042   2.469   13.481  1.00 6.23  ? 139 GLY A CA  1 
ATOM   1143 C  C   . GLY A 1 150 ? 9.999   2.763   14.632  1.00 6.12  ? 139 GLY A C   1 
ATOM   1144 O  O   . GLY A 1 150 ? 10.331  3.909   14.914  1.00 7.26  ? 139 GLY A O   1 
ATOM   1145 N  N   . ASP A 1 151 ? 10.367  1.680   15.252  1.00 6.14  ? 140 ASP A N   1 
ATOM   1146 C  CA  . ASP A 1 151 ? 11.429  1.787   16.347  1.00 6.24  ? 140 ASP A CA  1 
ATOM   1147 C  C   . ASP A 1 151 ? 12.676  2.445   15.777  1.00 6.25  ? 140 ASP A C   1 
ATOM   1148 O  O   . ASP A 1 151 ? 13.384  3.152   16.504  1.00 6.85  ? 140 ASP A O   1 
ATOM   1149 C  CB  . ASP A 1 151 ? 11.715  0.406   16.907  1.00 7.22  ? 140 ASP A CB  1 
ATOM   1150 C  CG  . ASP A 1 151 ? 10.529  -0.093  17.822  1.00 7.45  ? 140 ASP A CG  1 
ATOM   1151 O  OD1 . ASP A 1 151 ? 9.675   0.741   18.074  1.00 9.84  ? 140 ASP A OD1 1 
ATOM   1152 O  OD2 . ASP A 1 151 ? 10.474  -1.273  18.019  1.00 9.60  ? 140 ASP A OD2 1 
ATOM   1153 N  N   . THR A 1 152 ? 12.958  2.244   14.449  1.00 5.79  ? 141 THR A N   1 
ATOM   1154 C  CA  . THR A 1 152 ? 13.743  3.214   13.670  1.00 5.97  ? 141 THR A CA  1 
ATOM   1155 C  C   . THR A 1 152 ? 12.736  3.773   12.642  1.00 5.79  ? 141 THR A C   1 
ATOM   1156 O  O   . THR A 1 152 ? 12.059  2.990   11.989  1.00 5.69  ? 141 THR A O   1 
ATOM   1157 C  CB  . THR A 1 152 ? 14.861  2.499   12.905  1.00 6.09  ? 141 THR A CB  1 
ATOM   1158 O  OG1 . THR A 1 152 ? 15.746  1.897   13.872  1.00 6.03  ? 141 THR A OG1 1 
ATOM   1159 C  CG2 . THR A 1 152 ? 15.651  3.458   12.016  1.00 5.99  ? 141 THR A CG2 1 
ATOM   1160 N  N   . ASN A 1 153 ? 12.591  5.077   12.614  1.00 6.24  ? 142 ASN A N   1 
ATOM   1161 C  CA  . ASN A 1 153 ? 11.692  5.746   11.609  1.00 6.49  ? 142 ASN A CA  1 
ATOM   1162 C  C   . ASN A 1 153 ? 12.390  5.852   10.283  1.00 6.25  ? 142 ASN A C   1 
ATOM   1163 O  O   . ASN A 1 153 ? 13.601  5.794   10.142  1.00 7.33  ? 142 ASN A O   1 
ATOM   1164 C  CB  . ASN A 1 153 ? 11.313  7.126   12.076  1.00 6.46  ? 142 ASN A CB  1 
ATOM   1165 C  CG  . ASN A 1 153 ? 10.598  7.071   13.403  1.00 8.36  ? 142 ASN A CG  1 
ATOM   1166 O  OD1 . ASN A 1 153 ? 9.482   6.652   13.498  1.00 7.65  ? 142 ASN A OD1 1 
ATOM   1167 N  ND2 . ASN A 1 153 ? 11.362  7.286   14.507  1.00 9.73  ? 142 ASN A ND2 1 
ATOM   1168 N  N   . ASN A 1 154 ? 11.545  5.931   9.250   1.00 6.50  ? 143 ASN A N   1 
ATOM   1169 C  CA  . ASN A 1 154 ? 11.979  6.187   7.869   1.00 6.76  ? 143 ASN A CA  1 
ATOM   1170 C  C   . ASN A 1 154 ? 13.037  5.232   7.401   1.00 7.02  ? 143 ASN A C   1 
ATOM   1171 O  O   . ASN A 1 154 ? 14.029  5.612   6.785   1.00 8.25  ? 143 ASN A O   1 
ATOM   1172 C  CB  . ASN A 1 154 ? 12.445  7.664   7.716   1.00 7.64  ? 143 ASN A CB  1 
ATOM   1173 C  CG  . ASN A 1 154 ? 11.326  8.631   7.971   1.00 7.87  ? 143 ASN A CG  1 
ATOM   1174 O  OD1 . ASN A 1 154 ? 10.231  8.447   7.489   1.00 7.67  ? 143 ASN A OD1 1 
ATOM   1175 N  ND2 . ASN A 1 154 ? 11.531  9.594   8.862   1.00 10.79 ? 143 ASN A ND2 1 
ATOM   1176 N  N   . LYS A 1 155 ? 12.820  3.935   7.661   1.00 6.20  ? 144 LYS A N   1 
ATOM   1177 C  CA  . LYS A 1 155 ? 13.758  2.883   7.267   1.00 6.15  ? 144 LYS A CA  1 
ATOM   1178 C  C   . LYS A 1 155 ? 13.079  1.704   6.582   1.00 6.19  ? 144 LYS A C   1 
ATOM   1179 O  O   . LYS A 1 155 ? 13.566  1.190   5.556   1.00 5.95  ? 144 LYS A O   1 
ATOM   1180 C  CB  . LYS A 1 155 ? 14.518  2.336   8.514   1.00 7.27  ? 144 LYS A CB  1 
ATOM   1181 C  CG  . LYS A 1 155 ? 15.564  1.332   8.130   1.00 8.00  ? 144 LYS A CG  1 
ATOM   1182 C  CD  . LYS A 1 155 ? 16.428  0.927   9.362   1.00 9.74  ? 144 LYS A CD  1 
ATOM   1183 C  CE  . LYS A 1 155 ? 17.440  -0.105  8.911   1.00 12.09 ? 144 LYS A CE  1 
ATOM   1184 N  NZ  . LYS A 1 155 ? 18.587  0.504   8.159   1.00 14.43 ? 144 LYS A NZ  1 
ATOM   1185 N  N   . TYR A 1 156 ? 11.925  1.340   7.129   1.00 5.47  ? 145 TYR A N   1 
ATOM   1186 C  CA  . TYR A 1 156 ? 11.216  0.194   6.566   1.00 4.96  ? 145 TYR A CA  1 
ATOM   1187 C  C   . TYR A 1 156 ? 9.738   0.514   6.542   1.00 4.53  ? 145 TYR A C   1 
ATOM   1188 O  O   . TYR A 1 156 ? 9.199   1.353   7.280   1.00 4.57  ? 145 TYR A O   1 
ATOM   1189 C  CB  . TYR A 1 156 ? 11.476  -1.127  7.392   1.00 4.75  ? 145 TYR A CB  1 
ATOM   1190 C  CG  . TYR A 1 156 ? 11.505  -0.926  8.864   1.00 4.60  ? 145 TYR A CG  1 
ATOM   1191 C  CD1 . TYR A 1 156 ? 10.290  -0.740  9.573   1.00 4.55  ? 145 TYR A CD1 1 
ATOM   1192 C  CD2 . TYR A 1 156 ? 12.709  -0.832  9.567   1.00 4.70  ? 145 TYR A CD2 1 
ATOM   1193 C  CE1 . TYR A 1 156 ? 10.293  -0.523  10.953  1.00 4.68  ? 145 TYR A CE1 1 
ATOM   1194 C  CE2 . TYR A 1 156 ? 12.697  -0.647  10.960  1.00 4.73  ? 145 TYR A CE2 1 
ATOM   1195 C  CZ  . TYR A 1 156 ? 11.495  -0.451  11.625  1.00 5.34  ? 145 TYR A CZ  1 
ATOM   1196 O  OH  . TYR A 1 156 ? 11.564  -0.272  13.028  1.00 5.80  ? 145 TYR A OH  1 
ATOM   1197 N  N   . ALA A 1 157 ? 9.034   -0.209  5.675   1.00 4.28  ? 146 ALA A N   1 
ATOM   1198 C  CA  . ALA A 1 157 ? 7.544   -0.071  5.537   1.00 3.82  ? 146 ALA A CA  1 
ATOM   1199 C  C   . ALA A 1 157 ? 6.888   -1.407  5.747   1.00 3.77  ? 146 ALA A C   1 
ATOM   1200 O  O   . ALA A 1 157 ? 7.436   -2.480  5.449   1.00 3.72  ? 146 ALA A O   1 
ATOM   1201 C  CB  . ALA A 1 157 ? 7.199   0.486   4.154   1.00 4.38  ? 146 ALA A CB  1 
ATOM   1202 N  N   . SER A 1 158 ? 5.641   -1.323  6.178   1.00 3.50  ? 147 SER A N   1 
ATOM   1203 C  CA  . SER A 1 158 ? 4.785   -2.507  6.249   1.00 3.73  ? 147 SER A CA  1 
ATOM   1204 C  C   . SER A 1 158 ? 3.427   -2.141  5.751   1.00 3.78  ? 147 SER A C   1 
ATOM   1205 O  O   . SER A 1 158 ? 3.093   -0.945  5.670   1.00 4.64  ? 147 SER A O   1 
ATOM   1206 C  CB  . SER A 1 158 ? 4.737   -3.151  7.697   1.00 3.64  ? 147 SER A CB  1 
ATOM   1207 O  OG  . SER A 1 158 ? 4.227   -2.156  8.634   1.00 3.80  ? 147 SER A OG  1 
ATOM   1208 N  N   . ALA A 1 159 ? 2.626   -3.193  5.432   1.00 3.83  ? 148 ALA A N   1 
ATOM   1209 C  CA  . ALA A 1 159 ? 1.214   -2.958  5.074   1.00 3.48  ? 148 ALA A CA  1 
ATOM   1210 C  C   . ALA A 1 159 ? 0.489   -4.250  5.417   1.00 3.61  ? 148 ALA A C   1 
ATOM   1211 O  O   . ALA A 1 159 ? 0.903   -5.307  4.908   1.00 3.94  ? 148 ALA A O   1 
ATOM   1212 C  CB  . ALA A 1 159 ? 1.050   -2.663  3.565   1.00 3.58  ? 148 ALA A CB  1 
ATOM   1213 N  N   . ALA A 1 160 ? -0.651  -4.136  6.129   1.00 3.83  ? 149 ALA A N   1 
ATOM   1214 C  CA  . ALA A 1 160 ? -1.444  -5.337  6.395   1.00 3.87  ? 149 ALA A CA  1 
ATOM   1215 C  C   . ALA A 1 160 ? -2.335  -5.658  5.187   1.00 3.84  ? 149 ALA A C   1 
ATOM   1216 O  O   . ALA A 1 160 ? -2.476  -6.806  4.837   1.00 4.03  ? 149 ALA A O   1 
ATOM   1217 C  CB  . ALA A 1 160 ? -2.283  -5.172  7.669   1.00 4.22  ? 149 ALA A CB  1 
ATOM   1218 N  N   . GLU A 1 161 ? -2.924  -4.630  4.566   1.00 4.28  ? 150 GLU A N   1 
ATOM   1219 C  CA  . GLU A 1 161 ? -3.725  -4.797  3.359   1.00 4.62  ? 150 GLU A CA  1 
ATOM   1220 C  C   . GLU A 1 161 ? -3.687  -3.537  2.550   1.00 4.66  ? 150 GLU A C   1 
ATOM   1221 O  O   . GLU A 1 161 ? -3.656  -2.424  3.090   1.00 5.12  ? 150 GLU A O   1 
ATOM   1222 C  CB  . GLU A 1 161 ? -5.222  -5.037  3.763   1.00 5.37  ? 150 GLU A CB  1 
ATOM   1223 C  CG  . GLU A 1 161 ? -5.466  -6.520  4.156   1.00 5.87  ? 150 GLU A CG  1 
ATOM   1224 C  CD  . GLU A 1 161 ? -5.111  -7.525  3.034   1.00 6.74  ? 150 GLU A CD  1 
ATOM   1225 O  OE1 . GLU A 1 161 ? -5.714  -7.442  1.913   1.00 8.47  ? 150 GLU A OE1 1 
ATOM   1226 O  OE2 . GLU A 1 161 ? -4.266  -8.414  3.167   1.00 6.38  ? 150 GLU A OE2 1 
ATOM   1227 N  N   . LEU A 1 162 ? -3.841  -3.730  1.240   1.00 4.99  ? 151 LEU A N   1 
ATOM   1228 C  CA  . LEU A 1 162 ? -4.115  -2.652  0.277   1.00 4.91  ? 151 LEU A CA  1 
ATOM   1229 C  C   . LEU A 1 162 ? -5.403  -3.065  -0.397  1.00 5.05  ? 151 LEU A C   1 
ATOM   1230 O  O   . LEU A 1 162 ? -5.458  -4.081  -1.094  1.00 5.96  ? 151 LEU A O   1 
ATOM   1231 C  CB  . LEU A 1 162 ? -2.978  -2.462  -0.752  1.00 4.98  ? 151 LEU A CB  1 
ATOM   1232 C  CG  . LEU A 1 162 ? -1.610  -2.184  -0.180  1.00 4.88  ? 151 LEU A CG  1 
ATOM   1233 C  CD1 . LEU A 1 162 ? -0.640  -2.146  -1.348  1.00 5.68  ? 151 LEU A CD1 1 
ATOM   1234 C  CD2 . LEU A 1 162 ? -1.602  -0.852  0.562   1.00 5.49  ? 151 LEU A CD2 1 
ATOM   1235 N  N   . VAL A 1 163 ? -6.465  -2.304  -0.126  1.00 5.18  ? 152 VAL A N   1 
ATOM   1236 C  CA  . VAL A 1 163 ? -7.807  -2.678  -0.743  1.00 5.57  ? 152 VAL A CA  1 
ATOM   1237 C  C   . VAL A 1 163 ? -8.023  -1.780  -1.942  1.00 5.25  ? 152 VAL A C   1 
ATOM   1238 O  O   . VAL A 1 163 ? -7.795  -0.573  -1.844  1.00 5.57  ? 152 VAL A O   1 
ATOM   1239 C  CB  . VAL A 1 163 ? -8.911  -2.365  0.286   1.00 6.66  ? 152 VAL A CB  1 
ATOM   1240 C  CG1 . VAL A 1 163 ? -10.321 -2.687  -0.299  1.00 7.08  ? 152 VAL A CG1 1 
ATOM   1241 C  CG2 . VAL A 1 163 ? -8.736  -3.241  1.539   1.00 8.20  ? 152 VAL A CG2 1 
ATOM   1242 N  N   . PHE A 1 164 ? -8.413  -2.351  -3.055  1.00 5.07  ? 153 PHE A N   1 
ATOM   1243 C  CA  . PHE A 1 164 ? -8.510  -1.550  -4.308  1.00 5.29  ? 153 PHE A CA  1 
ATOM   1244 C  C   . PHE A 1 164 ? -9.976  -1.392  -4.689  1.00 5.57  ? 153 PHE A C   1 
ATOM   1245 O  O   . PHE A 1 164 ? -10.809 -2.320  -4.466  1.00 6.14  ? 153 PHE A O   1 
ATOM   1246 C  CB  . PHE A 1 164 ? -7.899  -2.369  -5.448  1.00 5.31  ? 153 PHE A CB  1 
ATOM   1247 C  CG  . PHE A 1 164 ? -6.362  -2.242  -5.503  1.00 4.89  ? 153 PHE A CG  1 
ATOM   1248 C  CD1 . PHE A 1 164 ? -5.560  -2.712  -4.437  1.00 5.86  ? 153 PHE A CD1 1 
ATOM   1249 C  CD2 . PHE A 1 164 ? -5.749  -1.756  -6.688  1.00 5.47  ? 153 PHE A CD2 1 
ATOM   1250 C  CE1 . PHE A 1 164 ? -4.156  -2.578  -4.494  1.00 5.52  ? 153 PHE A CE1 1 
ATOM   1251 C  CE2 . PHE A 1 164 ? -4.344  -1.626  -6.716  1.00 5.48  ? 153 PHE A CE2 1 
ATOM   1252 C  CZ  . PHE A 1 164 ? -3.529  -2.082  -5.657  1.00 5.71  ? 153 PHE A CZ  1 
ATOM   1253 N  N   . TYR A 1 165 ? -10.295 -0.208  -5.227  1.00 5.63  ? 154 TYR A N   1 
ATOM   1254 C  CA  . TYR A 1 165 ? -11.694 0.097   -5.671  1.00 6.36  ? 154 TYR A CA  1 
ATOM   1255 C  C   . TYR A 1 165 ? -11.608 0.461   -7.146  1.00 6.62  ? 154 TYR A C   1 
ATOM   1256 O  O   . TYR A 1 165 ? -10.926 1.418   -7.531  1.00 5.99  ? 154 TYR A O   1 
ATOM   1257 C  CB  . TYR A 1 165 ? -12.257 1.300   -4.882  1.00 6.55  ? 154 TYR A CB  1 
ATOM   1258 C  CG  . TYR A 1 165 ? -12.422 1.005   -3.407  1.00 7.70  ? 154 TYR A CG  1 
ATOM   1259 C  CD1 . TYR A 1 165 ? -11.296 1.155   -2.561  1.00 7.03  ? 154 TYR A CD1 1 
ATOM   1260 C  CD2 . TYR A 1 165 ? -13.629 0.600   -2.892  1.00 9.17  ? 154 TYR A CD2 1 
ATOM   1261 C  CE1 . TYR A 1 165 ? -11.395 0.875   -1.225  1.00 8.97  ? 154 TYR A CE1 1 
ATOM   1262 C  CE2 . TYR A 1 165 ? -13.729 0.333   -1.527  1.00 10.52 ? 154 TYR A CE2 1 
ATOM   1263 C  CZ  . TYR A 1 165 ? -12.619 0.472   -0.752  1.00 9.47  ? 154 TYR A CZ  1 
ATOM   1264 O  OH  . TYR A 1 165 ? -12.787 0.255   0.625   1.00 13.31 ? 154 TYR A OH  1 
ATOM   1265 N  N   . GLY A 1 166 ? -12.383 -0.250  -7.932  1.00 7.10  ? 155 GLY A N   1 
ATOM   1266 C  CA  . GLY A 1 166 ? -12.493 0.221   -9.372  1.00 9.07  ? 155 GLY A CA  1 
ATOM   1267 C  C   . GLY A 1 166 ? -13.627 -0.537  -10.013 1.00 10.13 ? 155 GLY A C   1 
ATOM   1268 O  O   . GLY A 1 166 ? -14.340 -1.363  -9.395  1.00 10.84 ? 155 GLY A O   1 
ATOM   1269 N  N   . LYS A 1 167 ? -13.777 -0.184  -11.275 1.00 9.60  ? 156 LYS A N   1 
ATOM   1270 C  CA  . LYS A 1 167 ? -14.917 -0.684  -12.064 1.00 13.04 ? 156 LYS A CA  1 
ATOM   1271 C  C   . LYS A 1 167 ? -14.378 -1.219  -13.381 1.00 14.37 ? 156 LYS A C   1 
ATOM   1272 O  O   . LYS A 1 167 ? -13.340 -0.772  -13.889 1.00 10.10 ? 156 LYS A O   1 
ATOM   1273 C  CB  . LYS A 1 167 ? -15.827 0.493   -12.410 1.00 17.07 ? 156 LYS A CB  1 
ATOM   1274 C  CG  . LYS A 1 167 ? -16.374 1.319   -11.261 1.00 24.04 ? 156 LYS A CG  1 
ATOM   1275 C  CD  . LYS A 1 167 ? -17.737 1.914   -11.649 1.00 31.66 ? 156 LYS A CD  1 
ATOM   1276 C  CE  . LYS A 1 167 ? -17.864 3.310   -11.030 1.00 34.15 ? 156 LYS A CE  1 
ATOM   1277 N  NZ  . LYS A 1 167 ? -16.910 3.393   -9.887  1.00 36.42 ? 156 LYS A NZ  1 
HETATM 1278 CA CA  . CA  B 2 .   ? -2.581  -9.180  4.615   1.00 4.31  ? 201 CA  A CA  1 
HETATM 1279 CA CA  . CA  C 2 .   ? -4.107  -11.433 -3.582  1.00 14.05 ? 202 CA  A CA  1 
HETATM 1280 O  O   . HOH D 3 .   ? 15.055  -10.620 4.368   1.00 10.94 ? 301 HOH A O   1 
HETATM 1281 O  O   . HOH D 3 .   ? 7.335   -3.376  -12.160 1.00 13.67 ? 302 HOH A O   1 
HETATM 1282 O  O   . HOH D 3 .   ? -7.738  -14.406 -1.584  1.00 28.69 ? 303 HOH A O   1 
HETATM 1283 O  O   . HOH D 3 .   ? 4.799   -1.162  18.142  1.00 17.03 ? 304 HOH A O   1 
HETATM 1284 O  O   . HOH D 3 .   ? 4.729   4.737   -6.321  1.00 5.88  ? 305 HOH A O   1 
HETATM 1285 O  O   . HOH D 3 .   ? 16.151  8.076   6.526   1.00 16.06 ? 306 HOH A O   1 
HETATM 1286 O  O   . HOH D 3 .   ? -9.015  -5.120  -2.846  1.00 9.16  ? 307 HOH A O   1 
HETATM 1287 O  O   . HOH D 3 .   ? 0.754   2.589   -18.704 1.00 8.74  ? 308 HOH A O   1 
HETATM 1288 O  O   . HOH D 3 .   ? -1.918  -12.037 -2.379  1.00 5.08  ? 309 HOH A O   1 
HETATM 1289 O  O   . HOH D 3 .   ? -3.502  -15.106 9.349   1.00 10.74 ? 310 HOH A O   1 
HETATM 1290 O  O   . HOH D 3 .   ? 5.883   7.951   -11.916 1.00 19.50 ? 311 HOH A O   1 
HETATM 1291 O  O   . HOH D 3 .   ? 1.832   -0.913  8.512   1.00 6.81  ? 312 HOH A O   1 
HETATM 1292 O  O   . HOH D 3 .   ? 13.346  -1.256  4.141   1.00 6.58  ? 313 HOH A O   1 
HETATM 1293 O  O   . HOH D 3 .   ? 2.715   -11.501 7.925   1.00 9.74  ? 314 HOH A O   1 
HETATM 1294 O  O   . HOH D 3 .   ? 10.946  2.627   9.559   1.00 4.99  ? 315 HOH A O   1 
HETATM 1295 O  O   . HOH D 3 .   ? 7.463   5.429   -16.892 1.00 12.53 ? 316 HOH A O   1 
HETATM 1296 O  O   . HOH D 3 .   ? 3.414   14.749  0.390   1.00 34.25 ? 317 HOH A O   1 
HETATM 1297 O  O   . HOH D 3 .   ? 1.616   -10.051 11.151  1.00 22.06 ? 318 HOH A O   1 
HETATM 1298 O  O   . HOH D 3 .   ? -8.727  -10.771 7.574   1.00 7.35  ? 319 HOH A O   1 
HETATM 1299 O  O   . HOH D 3 .   ? 9.956   2.409   -18.719 1.00 8.93  ? 320 HOH A O   1 
HETATM 1300 O  O   . HOH D 3 .   ? -5.058  4.998   -18.416 1.00 10.12 ? 321 HOH A O   1 
HETATM 1301 O  O   . HOH D 3 .   ? 12.236  -17.090 5.739   1.00 6.35  ? 322 HOH A O   1 
HETATM 1302 O  O   . HOH D 3 .   ? 7.142   -13.095 9.571   1.00 11.59 ? 323 HOH A O   1 
HETATM 1303 O  O   . HOH D 3 .   ? -1.819  -6.453  10.945  1.00 10.76 ? 324 HOH A O   1 
HETATM 1304 O  O   . HOH D 3 .   ? 13.503  -14.503 9.691   1.00 8.47  ? 325 HOH A O   1 
HETATM 1305 O  O   . HOH D 3 .   ? 12.577  -0.690  -5.647  1.00 12.55 ? 326 HOH A O   1 
HETATM 1306 O  O   . HOH D 3 .   ? -3.509  10.941  1.990   1.00 15.61 ? 327 HOH A O   1 
HETATM 1307 O  O   . HOH D 3 .   ? 9.273   -8.328  9.688   1.00 11.14 ? 328 HOH A O   1 
HETATM 1308 O  O   . HOH D 3 .   ? 15.555  -7.649  7.508   1.00 9.78  ? 329 HOH A O   1 
HETATM 1309 O  O   . HOH D 3 .   ? 18.307  -6.887  3.935   1.00 13.11 ? 330 HOH A O   1 
HETATM 1310 O  O   . HOH D 3 .   ? 3.560   -15.410 5.784   1.00 13.09 ? 331 HOH A O   1 
HETATM 1311 O  O   . HOH D 3 .   ? 3.905   -12.704 -7.622  1.00 19.49 ? 332 HOH A O   1 
HETATM 1312 O  O   . HOH D 3 .   ? -12.560 10.614  -10.316 1.00 12.95 ? 333 HOH A O   1 
HETATM 1313 O  O   . HOH D 3 .   ? -0.857  4.732   -17.481 1.00 13.28 ? 334 HOH A O   1 
HETATM 1314 O  O   . HOH D 3 .   ? -3.767  -13.434 -4.931  1.00 13.56 ? 335 HOH A O   1 
HETATM 1315 O  O   . HOH D 3 .   ? -11.811 8.697   -5.607  1.00 27.21 ? 336 HOH A O   1 
HETATM 1316 O  O   . HOH D 3 .   ? -3.836  7.833   10.002  1.00 14.50 ? 337 HOH A O   1 
HETATM 1317 O  O   . HOH D 3 .   ? -4.526  -15.958 5.182   1.00 19.82 ? 338 HOH A O   1 
HETATM 1318 O  O   . HOH D 3 .   ? 14.499  -8.725  0.537   1.00 11.98 ? 339 HOH A O   1 
HETATM 1319 O  O   . HOH D 3 .   ? 12.200  9.184   4.478   1.00 17.04 ? 340 HOH A O   1 
HETATM 1320 O  O   . HOH D 3 .   ? -0.485  14.396  -5.504  1.00 12.67 ? 341 HOH A O   1 
HETATM 1321 O  O   . HOH D 3 .   ? -7.181  -13.252 -10.244 1.00 26.25 ? 342 HOH A O   1 
HETATM 1322 O  O   . HOH D 3 .   ? -7.547  -1.065  -20.618 1.00 12.24 ? 343 HOH A O   1 
HETATM 1323 O  O   . HOH D 3 .   ? 2.430   -0.629  -23.784 1.00 17.68 ? 344 HOH A O   1 
HETATM 1324 O  O   . HOH D 3 .   ? 0.048   -11.773 -4.407  1.00 7.96  ? 345 HOH A O   1 
HETATM 1325 O  O   . HOH D 3 .   ? -14.373 2.764   -7.760  1.00 18.87 ? 346 HOH A O   1 
HETATM 1326 O  O   . HOH D 3 .   ? -7.400  6.577   -17.704 1.00 10.48 ? 347 HOH A O   1 
HETATM 1327 O  O   . HOH D 3 .   ? 1.452   4.580   14.409  1.00 10.60 ? 348 HOH A O   1 
HETATM 1328 O  O   . HOH D 3 .   ? -7.514  -6.672  12.256  1.00 10.77 ? 349 HOH A O   1 
HETATM 1329 O  O   . HOH D 3 .   ? -11.343 -10.261 -0.767  1.00 32.69 ? 350 HOH A O   1 
HETATM 1330 O  O   . HOH D 3 .   ? 11.959  8.290   0.898   1.00 13.64 ? 351 HOH A O   1 
HETATM 1331 O  O   . HOH D 3 .   ? -6.246  -6.711  -0.537  1.00 13.72 ? 352 HOH A O   1 
HETATM 1332 O  O   . HOH D 3 .   ? 9.237   -4.646  12.454  1.00 13.38 ? 353 HOH A O   1 
HETATM 1333 O  O   . HOH D 3 .   ? 9.212   5.292   -14.861 1.00 22.50 ? 354 HOH A O   1 
HETATM 1334 O  O   . HOH D 3 .   ? -3.188  13.676  18.455  1.00 21.32 ? 355 HOH A O   1 
HETATM 1335 O  O   . HOH D 3 .   ? 5.796   -3.929  -20.866 1.00 17.32 ? 356 HOH A O   1 
HETATM 1336 O  O   . HOH D 3 .   ? -4.944  9.278   6.884   1.00 16.71 ? 357 HOH A O   1 
HETATM 1337 O  O   . HOH D 3 .   ? 17.023  -8.894  5.406   1.00 12.77 ? 358 HOH A O   1 
HETATM 1338 O  O   . HOH D 3 .   ? -2.241  13.978  1.447   1.00 17.23 ? 359 HOH A O   1 
HETATM 1339 O  O   . HOH D 3 .   ? 4.031   5.008   15.916  1.00 13.14 ? 360 HOH A O   1 
HETATM 1340 O  O   . HOH D 3 .   ? -5.377  -8.054  12.973  1.00 12.00 ? 361 HOH A O   1 
HETATM 1341 O  O   . HOH D 3 .   ? -11.239 1.229   9.351   1.00 14.12 ? 362 HOH A O   1 
HETATM 1342 O  O   . HOH D 3 .   ? 8.183   -1.358  -14.183 1.00 10.06 ? 363 HOH A O   1 
HETATM 1343 O  O   . HOH D 3 .   ? -1.830  5.260   16.879  1.00 22.22 ? 364 HOH A O   1 
HETATM 1344 O  O   . HOH D 3 .   ? -5.639  3.226   20.223  1.00 11.46 ? 365 HOH A O   1 
HETATM 1345 O  O   . HOH D 3 .   ? 1.811   12.648  7.704   1.00 19.34 ? 366 HOH A O   1 
HETATM 1346 O  O   . HOH D 3 .   ? -12.554 3.101   3.388   1.00 20.59 ? 367 HOH A O   1 
HETATM 1347 O  O   . HOH D 3 .   ? -2.495  3.442   -15.657 1.00 7.75  ? 368 HOH A O   1 
HETATM 1348 O  O   . HOH D 3 .   ? -7.874  10.575  -0.194  1.00 14.27 ? 369 HOH A O   1 
HETATM 1349 O  O   . HOH D 3 .   ? -10.029 -8.354  0.562   1.00 16.62 ? 370 HOH A O   1 
HETATM 1350 O  O   . HOH D 3 .   ? 0.507   -14.309 -5.473  1.00 15.92 ? 371 HOH A O   1 
HETATM 1351 O  O   . HOH D 3 .   ? 14.791  -10.139 8.792   1.00 10.91 ? 372 HOH A O   1 
HETATM 1352 O  O   . HOH D 3 .   ? 9.173   -10.238 -7.929  1.00 15.57 ? 373 HOH A O   1 
HETATM 1353 O  O   . HOH D 3 .   ? 5.597   -7.361  -16.946 1.00 20.04 ? 374 HOH A O   1 
HETATM 1354 O  O   . HOH D 3 .   ? 3.532   10.661  -14.561 1.00 21.41 ? 375 HOH A O   1 
HETATM 1355 O  O   . HOH D 3 .   ? 1.249   13.335  -7.940  1.00 24.31 ? 376 HOH A O   1 
HETATM 1356 O  O   . HOH D 3 .   ? 9.421   -9.661  -2.605  1.00 30.54 ? 377 HOH A O   1 
HETATM 1357 O  O   . HOH D 3 .   ? -14.311 -8.788  -17.151 1.00 25.21 ? 378 HOH A O   1 
HETATM 1358 O  O   . HOH D 3 .   ? -11.060 -13.900 -10.481 1.00 18.00 ? 379 HOH A O   1 
HETATM 1359 O  O   . HOH D 3 .   ? 3.997   -6.274  -19.018 1.00 14.92 ? 380 HOH A O   1 
HETATM 1360 O  O   . HOH D 3 .   ? -0.308  3.265   15.842  1.00 20.65 ? 381 HOH A O   1 
HETATM 1361 O  O   . HOH D 3 .   ? 12.204  9.281   -1.833  1.00 21.05 ? 382 HOH A O   1 
HETATM 1362 O  O   . HOH D 3 .   ? -10.866 3.979   10.328  1.00 19.40 ? 383 HOH A O   1 
HETATM 1363 O  O   . HOH D 3 .   ? 10.773  5.716   16.956  1.00 17.20 ? 384 HOH A O   1 
HETATM 1364 O  O   . HOH D 3 .   ? -0.121  -14.339 1.107   1.00 19.00 ? 385 HOH A O   1 
HETATM 1365 O  O   . HOH D 3 .   ? 16.221  -1.852  11.800  1.00 19.41 ? 386 HOH A O   1 
HETATM 1366 O  O   . HOH D 3 .   ? -9.499  -14.611 -8.475  1.00 20.01 ? 387 HOH A O   1 
HETATM 1367 O  O   . HOH D 3 .   ? 8.730   4.989   -7.085  1.00 29.28 ? 388 HOH A O   1 
HETATM 1368 O  O   . HOH D 3 .   ? -0.294  -15.740 -7.845  1.00 29.39 ? 389 HOH A O   1 
HETATM 1369 O  O   . HOH D 3 .   ? -3.804  -11.019 14.493  1.00 21.54 ? 390 HOH A O   1 
HETATM 1370 O  O   . HOH D 3 .   ? 4.068   6.767   -18.853 1.00 31.54 ? 391 HOH A O   1 
HETATM 1371 O  O   . HOH D 3 .   ? 21.895  1.930   1.452   1.00 22.13 ? 392 HOH A O   1 
HETATM 1372 O  O   . HOH D 3 .   ? 8.573   4.829   -19.470 1.00 22.21 ? 393 HOH A O   1 
HETATM 1373 O  O   . HOH D 3 .   ? 4.692   12.087  6.616   1.00 21.00 ? 394 HOH A O   1 
HETATM 1374 O  O   . HOH D 3 .   ? 23.087  -4.123  5.287   1.00 21.03 ? 395 HOH A O   1 
HETATM 1375 O  O   . HOH D 3 .   ? -11.902 -6.823  -0.664  1.00 21.56 ? 396 HOH A O   1 
HETATM 1376 O  O   . HOH D 3 .   ? -8.109  8.241   7.211   1.00 19.98 ? 397 HOH A O   1 
HETATM 1377 O  O   . HOH D 3 .   ? 20.879  -7.648  3.818   1.00 25.03 ? 398 HOH A O   1 
HETATM 1378 O  O   . HOH D 3 .   ? 8.187   -6.216  -11.966 1.00 22.70 ? 399 HOH A O   1 
HETATM 1379 O  O   . HOH D 3 .   ? -13.827 5.207   -4.429  1.00 21.63 ? 400 HOH A O   1 
HETATM 1380 O  O   . HOH D 3 .   ? -1.003  -13.968 10.435  1.00 23.19 ? 401 HOH A O   1 
HETATM 1381 O  O   . HOH D 3 .   ? -4.612  -14.585 -7.009  1.00 27.36 ? 402 HOH A O   1 
HETATM 1382 O  O   . HOH D 3 .   ? -0.078  13.188  -10.632 1.00 21.19 ? 403 HOH A O   1 
HETATM 1383 O  O   . HOH D 3 .   ? -11.248 3.699   -19.054 1.00 26.83 ? 404 HOH A O   1 
HETATM 1384 O  O   . HOH D 3 .   ? 2.021   -12.329 -13.110 1.00 31.09 ? 405 HOH A O   1 
HETATM 1385 O  O   . HOH D 3 .   ? 11.258  5.444   -5.287  1.00 18.77 ? 406 HOH A O   1 
HETATM 1386 O  O   . HOH D 3 .   ? -4.203  -15.536 -1.090  1.00 26.29 ? 407 HOH A O   1 
HETATM 1387 O  O   . HOH D 3 .   ? -10.852 -4.179  -18.498 1.00 22.48 ? 408 HOH A O   1 
HETATM 1388 O  O   . HOH D 3 .   ? -2.528  5.646   -19.341 1.00 16.48 ? 409 HOH A O   1 
HETATM 1389 O  O   . HOH D 3 .   ? 19.743  -2.521  11.079  1.00 37.50 ? 410 HOH A O   1 
HETATM 1390 O  O   . HOH D 3 .   ? 25.622  -3.249  4.748   1.00 28.47 ? 411 HOH A O   1 
HETATM 1391 O  O   . HOH D 3 .   ? 17.555  0.147   12.640  1.00 24.03 ? 412 HOH A O   1 
HETATM 1392 O  O   . HOH D 3 .   ? 22.441  -5.392  9.445   1.00 27.40 ? 413 HOH A O   1 
HETATM 1393 O  O   . HOH D 3 .   ? 11.909  3.881   -17.407 1.00 12.38 ? 414 HOH A O   1 
HETATM 1394 O  O   . HOH D 3 .   ? 17.320  -11.258 9.843   1.00 20.41 ? 415 HOH A O   1 
HETATM 1395 O  O   . HOH D 3 .   ? -0.129  -15.813 -3.233  1.00 18.77 ? 416 HOH A O   1 
HETATM 1396 O  O   . HOH D 3 .   ? -13.092 -5.058  0.916   1.00 32.44 ? 417 HOH A O   1 
HETATM 1397 O  O   . HOH D 3 .   ? 11.041  2.879   -4.231  1.00 18.94 ? 418 HOH A O   1 
HETATM 1398 O  O   . HOH D 3 .   ? -10.882 8.421   7.096   1.00 23.95 ? 419 HOH A O   1 
HETATM 1399 O  O   . HOH D 3 .   ? 4.073   14.715  22.946  1.00 22.10 ? 420 HOH A O   1 
HETATM 1400 O  O   . HOH D 3 .   ? 22.341  -8.308  6.282   1.00 33.80 ? 421 HOH A O   1 
HETATM 1401 O  O   . HOH D 3 .   ? 14.501  -11.966 6.663   1.00 6.61  ? 422 HOH A O   1 
HETATM 1402 O  O   . HOH D 3 .   ? 7.322   -12.994 -2.046  1.00 12.86 ? 423 HOH A O   1 
HETATM 1403 O  O   . HOH D 3 .   ? -5.407  -13.038 -2.300  1.00 10.37 ? 424 HOH A O   1 
HETATM 1404 O  O   . HOH D 3 .   ? 6.952   9.602   -9.959  1.00 21.20 ? 425 HOH A O   1 
HETATM 1405 O  O   . HOH D 3 .   ? 10.342  -8.204  -6.016  1.00 19.90 ? 426 HOH A O   1 
HETATM 1406 O  O   . HOH D 3 .   ? -13.580 -7.816  -10.616 1.00 15.50 ? 427 HOH A O   1 
HETATM 1407 O  O   . HOH D 3 .   ? 10.407  -17.550 3.672   1.00 9.15  ? 428 HOH A O   1 
HETATM 1408 O  O   . HOH D 3 .   ? -10.070 -8.898  5.540   1.00 16.69 ? 429 HOH A O   1 
HETATM 1409 O  O   . HOH D 3 .   ? 3.121   -14.159 -5.958  1.00 30.73 ? 430 HOH A O   1 
HETATM 1410 O  O   . HOH D 3 .   ? -6.916  8.604   4.652   1.00 24.97 ? 431 HOH A O   1 
HETATM 1411 O  O   . HOH D 3 .   ? 0.866   16.298  11.132  1.00 29.72 ? 432 HOH A O   1 
HETATM 1412 O  O   . HOH D 3 .   ? 1.781   15.327  21.551  1.00 26.40 ? 433 HOH A O   1 
HETATM 1413 O  O   . HOH D 3 .   ? 0.776   2.733   -21.368 1.00 24.05 ? 434 HOH A O   1 
HETATM 1414 O  O   . HOH D 3 .   ? -1.746  -14.554 -1.376  1.00 15.56 ? 435 HOH A O   1 
HETATM 1415 O  O   . HOH D 3 .   ? -1.290  14.804  10.196  1.00 19.83 ? 436 HOH A O   1 
HETATM 1416 O  O   . HOH D 3 .   ? 7.237   -17.147 10.853  1.00 28.24 ? 437 HOH A O   1 
HETATM 1417 O  O   . HOH D 3 .   ? 20.204  -3.680  1.301   1.00 17.63 ? 438 HOH A O   1 
HETATM 1418 O  O   . HOH D 3 .   ? 23.549  -5.906  6.986   1.00 29.98 ? 439 HOH A O   1 
HETATM 1419 O  O   . HOH D 3 .   ? 7.792   -2.010  -9.858  1.00 8.91  ? 440 HOH A O   1 
HETATM 1420 O  O   . HOH D 3 .   ? -13.495 3.677   -10.086 1.00 25.28 ? 441 HOH A O   1 
HETATM 1421 O  O   . HOH D 3 .   ? -15.341 -6.989  -13.025 1.00 22.62 ? 442 HOH A O   1 
HETATM 1422 O  O   . HOH D 3 .   ? 2.094   -7.651  12.671  1.00 17.83 ? 443 HOH A O   1 
HETATM 1423 O  O   . HOH D 3 .   ? -12.711 -4.044  -15.709 1.00 29.89 ? 444 HOH A O   1 
HETATM 1424 O  O   . HOH D 3 .   ? 7.418   9.383   9.373   1.00 26.32 ? 445 HOH A O   1 
HETATM 1425 O  O   . HOH D 3 .   ? -9.664  -6.515  3.882   1.00 19.18 ? 446 HOH A O   1 
HETATM 1426 O  O   . HOH D 3 .   ? -4.216  11.933  16.518  1.00 21.13 ? 447 HOH A O   1 
HETATM 1427 O  O   . HOH D 3 .   ? 0.466   0.918   16.841  1.00 21.07 ? 448 HOH A O   1 
HETATM 1428 O  O   . HOH D 3 .   ? 8.469   -7.269  12.235  1.00 22.01 ? 449 HOH A O   1 
HETATM 1429 O  O   . HOH D 3 .   ? -11.090 -1.255  -18.443 1.00 20.30 ? 450 HOH A O   1 
HETATM 1430 O  O   . HOH D 3 .   ? -8.536  -6.777  1.978   1.00 20.39 ? 451 HOH A O   1 
HETATM 1431 O  O   . HOH D 3 .   ? 16.725  7.296   0.175   1.00 24.53 ? 452 HOH A O   1 
HETATM 1432 O  O   . HOH D 3 .   ? 10.022  -14.522 -0.390  1.00 23.39 ? 453 HOH A O   1 
HETATM 1433 O  O   . HOH D 3 .   ? 19.072  -10.473 5.846   1.00 24.46 ? 454 HOH A O   1 
HETATM 1434 O  O   . HOH D 3 .   ? -1.985  -15.500 3.365   1.00 23.65 ? 455 HOH A O   1 
HETATM 1435 O  O   . HOH D 3 .   ? -6.402  -14.766 0.284   1.00 23.12 ? 456 HOH A O   1 
HETATM 1436 O  O   . HOH D 3 .   ? 17.605  -4.751  0.902   1.00 25.80 ? 457 HOH A O   1 
HETATM 1437 O  O   . HOH D 3 .   ? 6.323   -10.168 11.596  1.00 27.00 ? 458 HOH A O   1 
HETATM 1438 O  O   . HOH D 3 .   ? -12.945 -1.465  -16.478 1.00 28.57 ? 459 HOH A O   1 
HETATM 1439 O  O   . HOH D 3 .   ? 2.675   -9.411  -15.711 1.00 23.94 ? 460 HOH A O   1 
HETATM 1440 O  O   . HOH D 3 .   ? -6.984  2.509   -20.913 1.00 25.51 ? 461 HOH A O   1 
HETATM 1441 O  O   . HOH D 3 .   ? 10.522  1.129   -6.807  1.00 22.23 ? 462 HOH A O   1 
HETATM 1442 O  O   . HOH D 3 .   ? 0.815   13.494  19.924  1.00 26.70 ? 463 HOH A O   1 
HETATM 1443 O  O   . HOH D 3 .   ? -15.919 -3.467  -9.096  1.00 29.54 ? 464 HOH A O   1 
HETATM 1444 O  O   . HOH D 3 .   ? -2.183  -11.941 -11.656 1.00 19.51 ? 465 HOH A O   1 
HETATM 1445 O  O   . HOH D 3 .   ? -1.716  -12.679 -14.344 1.00 26.19 ? 466 HOH A O   1 
HETATM 1446 O  O   . HOH D 3 .   ? -1.394  -7.790  12.882  1.00 36.68 ? 467 HOH A O   1 
HETATM 1447 O  O   . HOH D 3 .   ? -7.458  -16.717 -3.112  1.00 24.94 ? 468 HOH A O   1 
HETATM 1448 O  O   . HOH D 3 .   ? -20.068 -3.134  -7.736  1.00 36.06 ? 469 HOH A O   1 
HETATM 1449 O  O   . HOH D 3 .   ? -13.622 -12.471 -2.235  1.00 32.96 ? 470 HOH A O   1 
HETATM 1450 O  O   . HOH D 3 .   ? 11.422  -8.314  -2.290  1.00 25.03 ? 471 HOH A O   1 
HETATM 1451 O  O   . HOH D 3 .   ? 13.509  -11.048 -0.235  1.00 28.59 ? 472 HOH A O   1 
HETATM 1452 O  O   . HOH D 3 .   ? 8.123   -19.181 12.776  1.00 28.56 ? 473 HOH A O   1 
HETATM 1453 O  O   . HOH D 3 .   ? 17.933  -8.818  11.888  1.00 31.71 ? 474 HOH A O   1 
HETATM 1454 O  O   . HOH D 3 .   ? 18.036  7.353   3.360   1.00 31.95 ? 475 HOH A O   1 
HETATM 1455 O  O   . HOH D 3 .   ? -5.216  -12.331 -11.542 1.00 32.47 ? 476 HOH A O   1 
HETATM 1456 O  O   . HOH D 3 .   ? -9.809  -10.125 -18.247 1.00 24.71 ? 477 HOH A O   1 
HETATM 1457 O  O   . HOH D 3 .   ? 1.648   -6.738  20.100  1.00 31.99 ? 478 HOH A O   1 
HETATM 1458 O  O   . HOH D 3 .   ? 5.889   14.773  4.937   1.00 42.74 ? 479 HOH A O   1 
HETATM 1459 O  O   . HOH D 3 .   ? 8.275   8.134   15.352  1.00 24.12 ? 480 HOH A O   1 
HETATM 1460 O  O   . HOH D 3 .   ? -3.967  7.139   17.039  1.00 22.38 ? 481 HOH A O   1 
HETATM 1461 O  O   . HOH D 3 .   ? -10.064 7.930   11.946  1.00 31.76 ? 482 HOH A O   1 
HETATM 1462 O  O   . HOH D 3 .   ? -5.772  4.654   -20.905 1.00 28.27 ? 483 HOH A O   1 
HETATM 1463 O  O   . HOH D 3 .   ? -2.206  4.393   -21.823 1.00 29.37 ? 484 HOH A O   1 
HETATM 1464 O  O   . HOH D 3 .   ? -3.207  2.386   -23.604 1.00 23.71 ? 485 HOH A O   1 
HETATM 1465 O  O   . HOH D 3 .   ? -25.402 -1.871  6.527   1.00 34.24 ? 486 HOH A O   1 
HETATM 1466 O  O   . HOH D 3 .   ? -13.801 4.814   1.602   1.00 24.54 ? 487 HOH A O   1 
HETATM 1467 O  O   . HOH D 3 .   ? 0.186   -0.599  18.781  1.00 28.11 ? 488 HOH A O   1 
HETATM 1468 O  O   . HOH D 3 .   ? -3.888  -10.766 -10.609 1.00 17.72 ? 489 HOH A O   1 
HETATM 1469 O  O   . HOH D 3 .   ? -6.224  -13.810 -13.510 1.00 44.13 ? 490 HOH A O   1 
HETATM 1470 O  O   . HOH D 3 .   ? -3.647  -12.058 -16.158 1.00 24.76 ? 491 HOH A O   1 
HETATM 1471 O  O   . HOH D 3 .   ? -4.536  -15.092 -16.280 1.00 23.31 ? 492 HOH A O   1 
HETATM 1472 O  O   . HOH D 3 .   ? -3.611  -13.512 -17.310 1.00 25.76 ? 493 HOH A O   1 
# 
loop_
_pdbx_poly_seq_scheme.asym_id 
_pdbx_poly_seq_scheme.entity_id 
_pdbx_poly_seq_scheme.seq_id 
_pdbx_poly_seq_scheme.mon_id 
_pdbx_poly_seq_scheme.ndb_seq_num 
_pdbx_poly_seq_scheme.pdb_seq_num 
_pdbx_poly_seq_scheme.auth_seq_num 
_pdbx_poly_seq_scheme.pdb_mon_id 
_pdbx_poly_seq_scheme.auth_mon_id 
_pdbx_poly_seq_scheme.pdb_strand_id 
_pdbx_poly_seq_scheme.pdb_ins_code 
_pdbx_poly_seq_scheme.hetero 
A 1 1   MET 1   -10 ?   ?   ?   A . n 
A 1 2   HIS 2   -9  ?   ?   ?   A . n 
A 1 3   HIS 3   -8  ?   ?   ?   A . n 
A 1 4   HIS 4   -7  ?   ?   ?   A . n 
A 1 5   HIS 5   -6  ?   ?   ?   A . n 
A 1 6   HIS 6   -5  ?   ?   ?   A . n 
A 1 7   HIS 7   -4  ?   ?   ?   A . n 
A 1 8   ILE 8   -3  ?   ?   ?   A . n 
A 1 9   THR 9   -2  ?   ?   ?   A . n 
A 1 10  SER 10  -1  ?   ?   ?   A . n 
A 1 11  LEU 11  0   ?   ?   ?   A . n 
A 1 12  TYR 12  1   1   TYR TYR A . n 
A 1 13  LYS 13  2   2   LYS LYS A . n 
A 1 14  LYS 14  3   3   LYS LYS A . n 
A 1 15  ALA 15  4   4   ALA ALA A . n 
A 1 16  GLY 16  5   5   GLY GLY A . n 
A 1 17  SER 17  6   6   SER SER A . n 
A 1 18  GLU 18  7   7   GLU GLU A . n 
A 1 19  PHE 19  8   8   PHE PHE A . n 
A 1 20  ALA 20  9   9   ALA ALA A . n 
A 1 21  LEU 21  10  10  LEU LEU A . n 
A 1 22  ASP 22  11  11  ASP ASP A . n 
A 1 23  SER 23  12  12  SER SER A . n 
A 1 24  SER 24  13  13  SER SER A . n 
A 1 25  LYS 25  14  14  LYS LYS A . n 
A 1 26  LEU 26  15  15  LEU LEU A . n 
A 1 27  GLU 27  16  16  GLU GLU A . n 
A 1 28  ALA 28  17  17  ALA ALA A . n 
A 1 29  ILE 29  18  18  ILE ILE A . n 
A 1 30  TYR 30  19  19  TYR TYR A . n 
A 1 31  ALA 31  20  20  ALA ALA A . n 
A 1 32  THR 32  21  21  THR THR A . n 
A 1 33  SER 33  22  22  SER SER A . n 
A 1 34  GLU 34  23  23  GLU GLU A . n 
A 1 35  ALA 35  24  24  ALA ALA A . n 
A 1 36  ASP 36  25  25  ASP ASP A . n 
A 1 37  ARG 37  26  26  ARG ARG A . n 
A 1 38  ASP 38  27  27  ASP ASP A . n 
A 1 39  TYR 39  28  28  TYR TYR A . n 
A 1 40  LYS 40  29  29  LYS LYS A . n 
A 1 41  GLU 41  30  30  GLU GLU A . n 
A 1 42  ASN 42  31  31  ASN ASN A . n 
A 1 43  ALA 43  32  32  ALA ALA A . n 
A 1 44  VAL 44  33  33  VAL VAL A . n 
A 1 45  ASP 45  34  34  ASP ASP A . n 
A 1 46  GLY 46  35  35  GLY GLY A . n 
A 1 47  ASP 47  36  36  ASP ASP A . n 
A 1 48  GLU 48  37  37  GLU GLU A . n 
A 1 49  ASN 49  38  38  ASN ASN A . n 
A 1 50  THR 50  39  39  THR THR A . n 
A 1 51  ILE 51  40  40  ILE ILE A . n 
A 1 52  TRP 52  41  41  TRP TRP A . n 
A 1 53  HIS 53  42  42  HIS HIS A . n 
A 1 54  SER 54  43  43  SER SER A . n 
A 1 55  ALA 55  44  44  ALA ALA A . n 
A 1 56  TYR 56  45  45  TYR TYR A . n 
A 1 57  GLN 57  46  46  GLN GLN A . n 
A 1 58  ALA 58  47  47  ALA ALA A . n 
A 1 59  ALA 59  48  48  ALA ALA A . n 
A 1 60  ASP 60  49  49  ASP ASP A . n 
A 1 61  LYS 61  50  50  LYS LYS A . n 
A 1 62  LEU 62  51  51  LEU LEU A . n 
A 1 63  PRO 63  52  52  PRO PRO A . n 
A 1 64  VAL 64  53  53  VAL VAL A . n 
A 1 65  SER 65  54  54  SER SER A . n 
A 1 66  ILE 66  55  55  ILE ILE A . n 
A 1 67  THR 67  56  56  THR THR A . n 
A 1 68  ILE 68  57  57  ILE ILE A . n 
A 1 69  LYS 69  58  58  LYS LYS A . n 
A 1 70  LEU 70  59  59  LEU LEU A . n 
A 1 71  ASP 71  60  60  ASP ASP A . n 
A 1 72  LYS 72  61  61  LYS LYS A . n 
A 1 73  ALA 73  62  62  ALA ALA A . n 
A 1 74  TYR 74  63  63  TYR TYR A . n 
A 1 75  ASP 75  64  64  ASP ASP A . n 
A 1 76  LEU 76  65  65  LEU LEU A . n 
A 1 77  ASN 77  66  66  ASN ASN A . n 
A 1 78  GLN 78  67  67  GLN GLN A . n 
A 1 79  ILE 79  68  68  ILE ILE A . n 
A 1 80  ASP 80  69  69  ASP ASP A . n 
A 1 81  TYR 81  70  70  TYR TYR A . n 
A 1 82  LEU 82  71  71  LEU LEU A . n 
A 1 83  PRO 83  72  72  PRO PRO A . n 
A 1 84  ARG 84  73  73  ARG ARG A . n 
A 1 85  GLN 85  74  74  GLN GLN A . n 
A 1 86  ASN 86  75  75  ASN ASN A . n 
A 1 87  SER 87  76  76  SER SER A . n 
A 1 88  ARG 88  77  77  ARG ARG A . n 
A 1 89  ASN 89  78  78  ASN ASN A . n 
A 1 90  GLY 90  79  79  GLY GLY A . n 
A 1 91  HIS 91  80  80  HIS HIS A . n 
A 1 92  VAL 92  81  81  VAL VAL A . n 
A 1 93  THR 93  82  82  THR THR A . n 
A 1 94  GLU 94  83  83  GLU GLU A . n 
A 1 95  TYR 95  84  84  TYR TYR A . n 
A 1 96  LYS 96  85  85  LYS LYS A . n 
A 1 97  ILE 97  86  86  ILE ILE A . n 
A 1 98  GLU 98  87  87  GLU GLU A . n 
A 1 99  THR 99  88  88  THR THR A . n 
A 1 100 SER 100 89  89  SER SER A . n 
A 1 101 LEU 101 90  90  LEU LEU A . n 
A 1 102 ASP 102 91  91  ASP ASP A . n 
A 1 103 ASN 103 92  92  ASN ASN A . n 
A 1 104 GLU 104 93  93  GLU GLU A . n 
A 1 105 ASN 105 94  94  ASN ASN A . n 
A 1 106 TRP 106 95  95  TRP TRP A . n 
A 1 107 THR 107 96  96  THR THR A . n 
A 1 108 GLU 108 97  97  GLU GLU A . n 
A 1 109 VAL 109 98  98  VAL VAL A . n 
A 1 110 ARG 110 99  99  ARG ARG A . n 
A 1 111 THR 111 100 100 THR THR A . n 
A 1 112 GLY 112 101 101 GLY GLY A . n 
A 1 113 ASN 113 102 102 ASN ASN A . n 
A 1 114 LEU 114 103 103 LEU LEU A . n 
A 1 115 GLU 115 104 104 GLU GLU A . n 
A 1 116 VAL 116 105 105 VAL VAL A . n 
A 1 117 ASN 117 106 106 ASN ASN A . n 
A 1 118 GLU 118 107 107 GLU GLU A . n 
A 1 119 ALA 119 108 108 ALA ALA A . n 
A 1 120 GLY 120 109 109 GLY GLY A . n 
A 1 121 ASN 121 110 110 ASN ASN A . n 
A 1 122 ALA 122 111 111 ALA ALA A . n 
A 1 123 LEU 123 112 112 LEU LEU A . n 
A 1 124 ALA 124 113 113 ALA ALA A . n 
A 1 125 ASN 125 114 114 ASN ASN A . n 
A 1 126 ARG 126 115 115 ARG ARG A . n 
A 1 127 GLY 127 116 116 GLY GLY A . n 
A 1 128 TYR 128 117 117 TYR TYR A . n 
A 1 129 ASN 129 118 118 ASN ASN A . n 
A 1 130 PRO 130 119 119 PRO PRO A . n 
A 1 131 ILE 131 120 120 ILE ILE A . n 
A 1 132 ARG 132 121 121 ARG ARG A . n 
A 1 133 PHE 133 122 122 PHE PHE A . n 
A 1 134 ASN 134 123 123 ASN ASN A . n 
A 1 135 THR 135 124 124 THR THR A . n 
A 1 136 ILE 136 125 125 ILE ILE A . n 
A 1 137 ASN 137 126 126 ASN ASN A . n 
A 1 138 ALA 138 127 127 ALA ALA A . n 
A 1 139 GLN 139 128 128 GLN GLN A . n 
A 1 140 TYR 140 129 129 TYR TYR A . n 
A 1 141 LEU 141 130 130 LEU LEU A . n 
A 1 142 ARG 142 131 131 ARG ARG A . n 
A 1 143 PHE 143 132 132 PHE PHE A . n 
A 1 144 THR 144 133 133 THR THR A . n 
A 1 145 ALA 145 134 134 ALA ALA A . n 
A 1 146 LEU 146 135 135 LEU LEU A . n 
A 1 147 LYS 147 136 136 LYS LYS A . n 
A 1 148 THR 148 137 137 THR THR A . n 
A 1 149 LEU 149 138 138 LEU LEU A . n 
A 1 150 GLY 150 139 139 GLY GLY A . n 
A 1 151 ASP 151 140 140 ASP ASP A . n 
A 1 152 THR 152 141 141 THR THR A . n 
A 1 153 ASN 153 142 142 ASN ASN A . n 
A 1 154 ASN 154 143 143 ASN ASN A . n 
A 1 155 LYS 155 144 144 LYS LYS A . n 
A 1 156 TYR 156 145 145 TYR TYR A . n 
A 1 157 ALA 157 146 146 ALA ALA A . n 
A 1 158 SER 158 147 147 SER SER A . n 
A 1 159 ALA 159 148 148 ALA ALA A . n 
A 1 160 ALA 160 149 149 ALA ALA A . n 
A 1 161 GLU 161 150 150 GLU GLU A . n 
A 1 162 LEU 162 151 151 LEU LEU A . n 
A 1 163 VAL 163 152 152 VAL VAL A . n 
A 1 164 PHE 164 153 153 PHE PHE A . n 
A 1 165 TYR 165 154 154 TYR TYR A . n 
A 1 166 GLY 166 155 155 GLY GLY A . n 
A 1 167 LYS 167 156 156 LYS LYS A . n 
# 
loop_
_pdbx_nonpoly_scheme.asym_id 
_pdbx_nonpoly_scheme.entity_id 
_pdbx_nonpoly_scheme.mon_id 
_pdbx_nonpoly_scheme.ndb_seq_num 
_pdbx_nonpoly_scheme.pdb_seq_num 
_pdbx_nonpoly_scheme.auth_seq_num 
_pdbx_nonpoly_scheme.pdb_mon_id 
_pdbx_nonpoly_scheme.auth_mon_id 
_pdbx_nonpoly_scheme.pdb_strand_id 
_pdbx_nonpoly_scheme.pdb_ins_code 
B 2 CA  1   201 1   CA  CA  A . 
C 2 CA  1   202 2   CA  CA  A . 
D 3 HOH 1   301 1   HOH HOH A . 
D 3 HOH 2   302 2   HOH HOH A . 
D 3 HOH 3   303 3   HOH HOH A . 
D 3 HOH 4   304 4   HOH HOH A . 
D 3 HOH 5   305 5   HOH HOH A . 
D 3 HOH 6   306 6   HOH HOH A . 
D 3 HOH 7   307 7   HOH HOH A . 
D 3 HOH 8   308 8   HOH HOH A . 
D 3 HOH 9   309 9   HOH HOH A . 
D 3 HOH 10  310 10  HOH HOH A . 
D 3 HOH 11  311 11  HOH HOH A . 
D 3 HOH 12  312 12  HOH HOH A . 
D 3 HOH 13  313 13  HOH HOH A . 
D 3 HOH 14  314 14  HOH HOH A . 
D 3 HOH 15  315 15  HOH HOH A . 
D 3 HOH 16  316 16  HOH HOH A . 
D 3 HOH 17  317 17  HOH HOH A . 
D 3 HOH 18  318 18  HOH HOH A . 
D 3 HOH 19  319 19  HOH HOH A . 
D 3 HOH 20  320 20  HOH HOH A . 
D 3 HOH 21  321 21  HOH HOH A . 
D 3 HOH 22  322 22  HOH HOH A . 
D 3 HOH 23  323 23  HOH HOH A . 
D 3 HOH 24  324 24  HOH HOH A . 
D 3 HOH 25  325 25  HOH HOH A . 
D 3 HOH 26  326 26  HOH HOH A . 
D 3 HOH 27  327 27  HOH HOH A . 
D 3 HOH 28  328 28  HOH HOH A . 
D 3 HOH 29  329 29  HOH HOH A . 
D 3 HOH 30  330 30  HOH HOH A . 
D 3 HOH 31  331 31  HOH HOH A . 
D 3 HOH 32  332 32  HOH HOH A . 
D 3 HOH 33  333 33  HOH HOH A . 
D 3 HOH 34  334 34  HOH HOH A . 
D 3 HOH 35  335 35  HOH HOH A . 
D 3 HOH 36  336 36  HOH HOH A . 
D 3 HOH 37  337 37  HOH HOH A . 
D 3 HOH 38  338 38  HOH HOH A . 
D 3 HOH 39  339 39  HOH HOH A . 
D 3 HOH 40  340 40  HOH HOH A . 
D 3 HOH 41  341 41  HOH HOH A . 
D 3 HOH 42  342 42  HOH HOH A . 
D 3 HOH 43  343 43  HOH HOH A . 
D 3 HOH 44  344 44  HOH HOH A . 
D 3 HOH 45  345 45  HOH HOH A . 
D 3 HOH 46  346 46  HOH HOH A . 
D 3 HOH 47  347 47  HOH HOH A . 
D 3 HOH 48  348 48  HOH HOH A . 
D 3 HOH 49  349 49  HOH HOH A . 
D 3 HOH 50  350 50  HOH HOH A . 
D 3 HOH 51  351 51  HOH HOH A . 
D 3 HOH 52  352 52  HOH HOH A . 
D 3 HOH 53  353 53  HOH HOH A . 
D 3 HOH 54  354 54  HOH HOH A . 
D 3 HOH 55  355 55  HOH HOH A . 
D 3 HOH 56  356 56  HOH HOH A . 
D 3 HOH 57  357 57  HOH HOH A . 
D 3 HOH 58  358 58  HOH HOH A . 
D 3 HOH 59  359 59  HOH HOH A . 
D 3 HOH 60  360 60  HOH HOH A . 
D 3 HOH 61  361 61  HOH HOH A . 
D 3 HOH 62  362 62  HOH HOH A . 
D 3 HOH 63  363 63  HOH HOH A . 
D 3 HOH 64  364 64  HOH HOH A . 
D 3 HOH 65  365 65  HOH HOH A . 
D 3 HOH 66  366 66  HOH HOH A . 
D 3 HOH 67  367 67  HOH HOH A . 
D 3 HOH 68  368 68  HOH HOH A . 
D 3 HOH 69  369 69  HOH HOH A . 
D 3 HOH 70  370 70  HOH HOH A . 
D 3 HOH 71  371 71  HOH HOH A . 
D 3 HOH 72  372 72  HOH HOH A . 
D 3 HOH 73  373 73  HOH HOH A . 
D 3 HOH 74  374 74  HOH HOH A . 
D 3 HOH 75  375 75  HOH HOH A . 
D 3 HOH 76  376 76  HOH HOH A . 
D 3 HOH 77  377 77  HOH HOH A . 
D 3 HOH 78  378 78  HOH HOH A . 
D 3 HOH 79  379 79  HOH HOH A . 
D 3 HOH 80  380 80  HOH HOH A . 
D 3 HOH 81  381 81  HOH HOH A . 
D 3 HOH 82  382 82  HOH HOH A . 
D 3 HOH 83  383 83  HOH HOH A . 
D 3 HOH 84  384 84  HOH HOH A . 
D 3 HOH 85  385 85  HOH HOH A . 
D 3 HOH 86  386 86  HOH HOH A . 
D 3 HOH 87  387 87  HOH HOH A . 
D 3 HOH 88  388 88  HOH HOH A . 
D 3 HOH 89  389 89  HOH HOH A . 
D 3 HOH 90  390 90  HOH HOH A . 
D 3 HOH 91  391 91  HOH HOH A . 
D 3 HOH 92  392 92  HOH HOH A . 
D 3 HOH 93  393 93  HOH HOH A . 
D 3 HOH 94  394 94  HOH HOH A . 
D 3 HOH 95  395 95  HOH HOH A . 
D 3 HOH 96  396 96  HOH HOH A . 
D 3 HOH 97  397 97  HOH HOH A . 
D 3 HOH 98  398 98  HOH HOH A . 
D 3 HOH 99  399 99  HOH HOH A . 
D 3 HOH 100 400 100 HOH HOH A . 
D 3 HOH 101 401 101 HOH HOH A . 
D 3 HOH 102 402 102 HOH HOH A . 
D 3 HOH 103 403 103 HOH HOH A . 
D 3 HOH 104 404 104 HOH HOH A . 
D 3 HOH 105 405 105 HOH HOH A . 
D 3 HOH 106 406 106 HOH HOH A . 
D 3 HOH 107 407 107 HOH HOH A . 
D 3 HOH 108 408 108 HOH HOH A . 
D 3 HOH 109 409 109 HOH HOH A . 
D 3 HOH 110 410 110 HOH HOH A . 
D 3 HOH 111 411 111 HOH HOH A . 
D 3 HOH 112 412 112 HOH HOH A . 
D 3 HOH 113 413 113 HOH HOH A . 
D 3 HOH 114 414 114 HOH HOH A . 
D 3 HOH 115 415 115 HOH HOH A . 
D 3 HOH 116 416 116 HOH HOH A . 
D 3 HOH 117 417 117 HOH HOH A . 
D 3 HOH 118 418 118 HOH HOH A . 
D 3 HOH 119 419 119 HOH HOH A . 
D 3 HOH 120 420 120 HOH HOH A . 
D 3 HOH 121 421 121 HOH HOH A . 
D 3 HOH 122 422 122 HOH HOH A . 
D 3 HOH 123 423 123 HOH HOH A . 
D 3 HOH 124 424 124 HOH HOH A . 
D 3 HOH 125 425 125 HOH HOH A . 
D 3 HOH 126 426 126 HOH HOH A . 
D 3 HOH 127 427 127 HOH HOH A . 
D 3 HOH 128 428 128 HOH HOH A . 
D 3 HOH 129 429 129 HOH HOH A . 
D 3 HOH 130 430 130 HOH HOH A . 
D 3 HOH 131 431 131 HOH HOH A . 
D 3 HOH 132 432 132 HOH HOH A . 
D 3 HOH 133 433 133 HOH HOH A . 
D 3 HOH 134 434 134 HOH HOH A . 
D 3 HOH 135 435 135 HOH HOH A . 
D 3 HOH 136 436 136 HOH HOH A . 
D 3 HOH 137 437 137 HOH HOH A . 
D 3 HOH 138 438 138 HOH HOH A . 
D 3 HOH 139 439 139 HOH HOH A . 
D 3 HOH 140 440 140 HOH HOH A . 
D 3 HOH 141 441 141 HOH HOH A . 
D 3 HOH 142 442 142 HOH HOH A . 
D 3 HOH 143 443 143 HOH HOH A . 
D 3 HOH 144 444 144 HOH HOH A . 
D 3 HOH 145 445 145 HOH HOH A . 
D 3 HOH 146 446 146 HOH HOH A . 
D 3 HOH 147 447 147 HOH HOH A . 
D 3 HOH 148 448 148 HOH HOH A . 
D 3 HOH 149 449 149 HOH HOH A . 
D 3 HOH 150 450 150 HOH HOH A . 
D 3 HOH 151 451 151 HOH HOH A . 
D 3 HOH 152 452 152 HOH HOH A . 
D 3 HOH 153 453 153 HOH HOH A . 
D 3 HOH 154 454 154 HOH HOH A . 
D 3 HOH 155 455 155 HOH HOH A . 
D 3 HOH 156 456 156 HOH HOH A . 
D 3 HOH 157 457 157 HOH HOH A . 
D 3 HOH 158 458 158 HOH HOH A . 
D 3 HOH 159 459 159 HOH HOH A . 
D 3 HOH 160 460 160 HOH HOH A . 
D 3 HOH 161 461 161 HOH HOH A . 
D 3 HOH 162 462 162 HOH HOH A . 
D 3 HOH 163 463 163 HOH HOH A . 
D 3 HOH 164 464 164 HOH HOH A . 
D 3 HOH 165 465 165 HOH HOH A . 
D 3 HOH 166 466 166 HOH HOH A . 
D 3 HOH 167 467 167 HOH HOH A . 
D 3 HOH 168 468 168 HOH HOH A . 
D 3 HOH 169 469 169 HOH HOH A . 
D 3 HOH 170 470 170 HOH HOH A . 
D 3 HOH 171 471 171 HOH HOH A . 
D 3 HOH 172 472 172 HOH HOH A . 
D 3 HOH 173 473 173 HOH HOH A . 
D 3 HOH 174 474 174 HOH HOH A . 
D 3 HOH 175 475 175 HOH HOH A . 
D 3 HOH 176 476 176 HOH HOH A . 
D 3 HOH 177 477 177 HOH HOH A . 
D 3 HOH 178 478 178 HOH HOH A . 
D 3 HOH 179 479 179 HOH HOH A . 
D 3 HOH 180 480 180 HOH HOH A . 
D 3 HOH 181 481 181 HOH HOH A . 
D 3 HOH 182 482 182 HOH HOH A . 
D 3 HOH 183 483 183 HOH HOH A . 
D 3 HOH 184 484 184 HOH HOH A . 
D 3 HOH 185 485 185 HOH HOH A . 
D 3 HOH 186 486 186 HOH HOH A . 
D 3 HOH 187 487 187 HOH HOH A . 
D 3 HOH 188 488 188 HOH HOH A . 
D 3 HOH 189 489 189 HOH HOH A . 
D 3 HOH 190 490 190 HOH HOH A . 
D 3 HOH 191 491 191 HOH HOH A . 
D 3 HOH 192 492 192 HOH HOH A . 
D 3 HOH 193 493 193 HOH HOH A . 
# 
_pdbx_struct_assembly.id                   1 
_pdbx_struct_assembly.details              author_and_software_defined_assembly 
_pdbx_struct_assembly.method_details       PISA 
_pdbx_struct_assembly.oligomeric_details   monomeric 
_pdbx_struct_assembly.oligomeric_count     1 
# 
_pdbx_struct_assembly_gen.assembly_id       1 
_pdbx_struct_assembly_gen.oper_expression   1 
_pdbx_struct_assembly_gen.asym_id_list      A,B,C,D 
# 
_pdbx_struct_oper_list.id                   1 
_pdbx_struct_oper_list.type                 'identity operation' 
_pdbx_struct_oper_list.name                 1_555 
_pdbx_struct_oper_list.symmetry_operation   x,y,z 
_pdbx_struct_oper_list.matrix[1][1]         1.0000000000 
_pdbx_struct_oper_list.matrix[1][2]         0.0000000000 
_pdbx_struct_oper_list.matrix[1][3]         0.0000000000 
_pdbx_struct_oper_list.vector[1]            0.0000000000 
_pdbx_struct_oper_list.matrix[2][1]         0.0000000000 
_pdbx_struct_oper_list.matrix[2][2]         1.0000000000 
_pdbx_struct_oper_list.matrix[2][3]         0.0000000000 
_pdbx_struct_oper_list.vector[2]            0.0000000000 
_pdbx_struct_oper_list.matrix[3][1]         0.0000000000 
_pdbx_struct_oper_list.matrix[3][2]         0.0000000000 
_pdbx_struct_oper_list.matrix[3][3]         1.0000000000 
_pdbx_struct_oper_list.vector[3]            0.0000000000 
# 
loop_
_pdbx_struct_conn_angle.id 
_pdbx_struct_conn_angle.ptnr1_label_atom_id 
_pdbx_struct_conn_angle.ptnr1_label_alt_id 
_pdbx_struct_conn_angle.ptnr1_label_asym_id 
_pdbx_struct_conn_angle.ptnr1_label_comp_id 
_pdbx_struct_conn_angle.ptnr1_label_seq_id 
_pdbx_struct_conn_angle.ptnr1_auth_atom_id 
_pdbx_struct_conn_angle.ptnr1_auth_asym_id 
_pdbx_struct_conn_angle.ptnr1_auth_comp_id 
_pdbx_struct_conn_angle.ptnr1_auth_seq_id 
_pdbx_struct_conn_angle.ptnr1_PDB_ins_code 
_pdbx_struct_conn_angle.ptnr1_symmetry 
_pdbx_struct_conn_angle.ptnr2_label_atom_id 
_pdbx_struct_conn_angle.ptnr2_label_alt_id 
_pdbx_struct_conn_angle.ptnr2_label_asym_id 
_pdbx_struct_conn_angle.ptnr2_label_comp_id 
_pdbx_struct_conn_angle.ptnr2_label_seq_id 
_pdbx_struct_conn_angle.ptnr2_auth_atom_id 
_pdbx_struct_conn_angle.ptnr2_auth_asym_id 
_pdbx_struct_conn_angle.ptnr2_auth_comp_id 
_pdbx_struct_conn_angle.ptnr2_auth_seq_id 
_pdbx_struct_conn_angle.ptnr2_PDB_ins_code 
_pdbx_struct_conn_angle.ptnr2_symmetry 
_pdbx_struct_conn_angle.ptnr3_label_atom_id 
_pdbx_struct_conn_angle.ptnr3_label_alt_id 
_pdbx_struct_conn_angle.ptnr3_label_asym_id 
_pdbx_struct_conn_angle.ptnr3_label_comp_id 
_pdbx_struct_conn_angle.ptnr3_label_seq_id 
_pdbx_struct_conn_angle.ptnr3_auth_atom_id 
_pdbx_struct_conn_angle.ptnr3_auth_asym_id 
_pdbx_struct_conn_angle.ptnr3_auth_comp_id 
_pdbx_struct_conn_angle.ptnr3_auth_seq_id 
_pdbx_struct_conn_angle.ptnr3_PDB_ins_code 
_pdbx_struct_conn_angle.ptnr3_symmetry 
_pdbx_struct_conn_angle.value 
_pdbx_struct_conn_angle.value_esd 
1  O   ? A SER 23  ? A SER 12  ? 1_555 CA ? C CA . ? A CA 202 ? 1_555 O   ? A LEU 26  ? A LEU 15  ? 1_555 87.0  ? 
2  O   ? A SER 23  ? A SER 12  ? 1_555 CA ? C CA . ? A CA 202 ? 1_555 O   ? A VAL 44  ? A VAL 33  ? 1_555 87.5  ? 
3  O   ? A LEU 26  ? A LEU 15  ? 1_555 CA ? C CA . ? A CA 202 ? 1_555 O   ? A VAL 44  ? A VAL 33  ? 1_555 110.1 ? 
4  O   ? A SER 23  ? A SER 12  ? 1_555 CA ? C CA . ? A CA 202 ? 1_555 O   ? D HOH .   ? A HOH 309 ? 1_555 166.5 ? 
5  O   ? A LEU 26  ? A LEU 15  ? 1_555 CA ? C CA . ? A CA 202 ? 1_555 O   ? D HOH .   ? A HOH 309 ? 1_555 100.9 ? 
6  O   ? A VAL 44  ? A VAL 33  ? 1_555 CA ? C CA . ? A CA 202 ? 1_555 O   ? D HOH .   ? A HOH 309 ? 1_555 79.5  ? 
7  O   ? A SER 23  ? A SER 12  ? 1_555 CA ? C CA . ? A CA 202 ? 1_555 O   ? D HOH .   ? A HOH 335 ? 1_555 105.0 ? 
8  O   ? A LEU 26  ? A LEU 15  ? 1_555 CA ? C CA . ? A CA 202 ? 1_555 O   ? D HOH .   ? A HOH 335 ? 1_555 82.4  ? 
9  O   ? A VAL 44  ? A VAL 33  ? 1_555 CA ? C CA . ? A CA 202 ? 1_555 O   ? D HOH .   ? A HOH 335 ? 1_555 163.0 ? 
10 O   ? D HOH .   ? A HOH 309 ? 1_555 CA ? C CA . ? A CA 202 ? 1_555 O   ? D HOH .   ? A HOH 335 ? 1_555 87.0  ? 
11 O   ? A SER 23  ? A SER 12  ? 1_555 CA ? C CA . ? A CA 202 ? 1_555 O   ? D HOH .   ? A HOH 424 ? 1_555 83.3  ? 
12 O   ? A LEU 26  ? A LEU 15  ? 1_555 CA ? C CA . ? A CA 202 ? 1_555 O   ? D HOH .   ? A HOH 424 ? 1_555 156.8 ? 
13 O   ? A VAL 44  ? A VAL 33  ? 1_555 CA ? C CA . ? A CA 202 ? 1_555 O   ? D HOH .   ? A HOH 424 ? 1_555 90.5  ? 
14 O   ? D HOH .   ? A HOH 309 ? 1_555 CA ? C CA . ? A CA 202 ? 1_555 O   ? D HOH .   ? A HOH 424 ? 1_555 93.1  ? 
15 O   ? D HOH .   ? A HOH 335 ? 1_555 CA ? C CA . ? A CA 202 ? 1_555 O   ? D HOH .   ? A HOH 424 ? 1_555 79.9  ? 
16 O   ? A ASN 42  ? A ASN 31  ? 1_555 CA ? B CA . ? A CA 201 ? 1_555 OD1 ? A ASP 45  ? A ASP 34  ? 1_555 83.2  ? 
17 O   ? A ASN 42  ? A ASN 31  ? 1_555 CA ? B CA . ? A CA 201 ? 1_555 O   ? A ASP 47  ? A ASP 36  ? 1_555 171.8 ? 
18 OD1 ? A ASP 45  ? A ASP 34  ? 1_555 CA ? B CA . ? A CA 201 ? 1_555 O   ? A ASP 47  ? A ASP 36  ? 1_555 91.6  ? 
19 O   ? A ASN 42  ? A ASN 31  ? 1_555 CA ? B CA . ? A CA 201 ? 1_555 O   ? A THR 50  ? A THR 39  ? 1_555 93.4  ? 
20 OD1 ? A ASP 45  ? A ASP 34  ? 1_555 CA ? B CA . ? A CA 201 ? 1_555 O   ? A THR 50  ? A THR 39  ? 1_555 140.7 ? 
21 O   ? A ASP 47  ? A ASP 36  ? 1_555 CA ? B CA . ? A CA 201 ? 1_555 O   ? A THR 50  ? A THR 39  ? 1_555 86.6  ? 
22 O   ? A ASN 42  ? A ASN 31  ? 1_555 CA ? B CA . ? A CA 201 ? 1_555 OG1 ? A THR 50  ? A THR 39  ? 1_555 90.4  ? 
23 OD1 ? A ASP 45  ? A ASP 34  ? 1_555 CA ? B CA . ? A CA 201 ? 1_555 OG1 ? A THR 50  ? A THR 39  ? 1_555 70.6  ? 
24 O   ? A ASP 47  ? A ASP 36  ? 1_555 CA ? B CA . ? A CA 201 ? 1_555 OG1 ? A THR 50  ? A THR 39  ? 1_555 81.8  ? 
25 O   ? A THR 50  ? A THR 39  ? 1_555 CA ? B CA . ? A CA 201 ? 1_555 OG1 ? A THR 50  ? A THR 39  ? 1_555 70.2  ? 
26 O   ? A ASN 42  ? A ASN 31  ? 1_555 CA ? B CA . ? A CA 201 ? 1_555 O   ? A ALA 160 ? A ALA 149 ? 1_555 87.2  ? 
27 OD1 ? A ASP 45  ? A ASP 34  ? 1_555 CA ? B CA . ? A CA 201 ? 1_555 O   ? A ALA 160 ? A ALA 149 ? 1_555 142.6 ? 
28 O   ? A ASP 47  ? A ASP 36  ? 1_555 CA ? B CA . ? A CA 201 ? 1_555 O   ? A ALA 160 ? A ALA 149 ? 1_555 100.7 ? 
29 O   ? A THR 50  ? A THR 39  ? 1_555 CA ? B CA . ? A CA 201 ? 1_555 O   ? A ALA 160 ? A ALA 149 ? 1_555 75.8  ? 
30 OG1 ? A THR 50  ? A THR 39  ? 1_555 CA ? B CA . ? A CA 201 ? 1_555 O   ? A ALA 160 ? A ALA 149 ? 1_555 145.7 ? 
31 O   ? A ASN 42  ? A ASN 31  ? 1_555 CA ? B CA . ? A CA 201 ? 1_555 OE2 ? A GLU 161 ? A GLU 150 ? 1_555 95.9  ? 
32 OD1 ? A ASP 45  ? A ASP 34  ? 1_555 CA ? B CA . ? A CA 201 ? 1_555 OE2 ? A GLU 161 ? A GLU 150 ? 1_555 68.8  ? 
33 O   ? A ASP 47  ? A ASP 36  ? 1_555 CA ? B CA . ? A CA 201 ? 1_555 OE2 ? A GLU 161 ? A GLU 150 ? 1_555 88.1  ? 
34 O   ? A THR 50  ? A THR 39  ? 1_555 CA ? B CA . ? A CA 201 ? 1_555 OE2 ? A GLU 161 ? A GLU 150 ? 1_555 150.1 ? 
35 OG1 ? A THR 50  ? A THR 39  ? 1_555 CA ? B CA . ? A CA 201 ? 1_555 OE2 ? A GLU 161 ? A GLU 150 ? 1_555 137.8 ? 
36 O   ? A ALA 160 ? A ALA 149 ? 1_555 CA ? B CA . ? A CA 201 ? 1_555 OE2 ? A GLU 161 ? A GLU 150 ? 1_555 76.4  ? 
# 
loop_
_pdbx_audit_revision_history.ordinal 
_pdbx_audit_revision_history.data_content_type 
_pdbx_audit_revision_history.major_revision 
_pdbx_audit_revision_history.minor_revision 
_pdbx_audit_revision_history.revision_date 
1 'Structure model' 1 0 2014-07-23 
2 'Structure model' 1 1 2017-03-08 
3 'Structure model' 1 2 2023-09-20 
# 
_pdbx_audit_revision_details.ordinal             1 
_pdbx_audit_revision_details.revision_ordinal    1 
_pdbx_audit_revision_details.data_content_type   'Structure model' 
_pdbx_audit_revision_details.provider            repository 
_pdbx_audit_revision_details.type                'Initial release' 
_pdbx_audit_revision_details.description         ? 
_pdbx_audit_revision_details.details             ? 
# 
loop_
_pdbx_audit_revision_group.ordinal 
_pdbx_audit_revision_group.revision_ordinal 
_pdbx_audit_revision_group.data_content_type 
_pdbx_audit_revision_group.group 
1 2 'Structure model' 'Database references'    
2 3 'Structure model' 'Data collection'        
3 3 'Structure model' 'Database references'    
4 3 'Structure model' 'Derived calculations'   
5 3 'Structure model' 'Refinement description' 
# 
loop_
_pdbx_audit_revision_category.ordinal 
_pdbx_audit_revision_category.revision_ordinal 
_pdbx_audit_revision_category.data_content_type 
_pdbx_audit_revision_category.category 
1 3 'Structure model' chem_comp_atom                
2 3 'Structure model' chem_comp_bond                
3 3 'Structure model' database_2                    
4 3 'Structure model' pdbx_initial_refinement_model 
5 3 'Structure model' pdbx_struct_conn_angle        
6 3 'Structure model' struct_conn                   
7 3 'Structure model' struct_ref_seq_dif            
8 3 'Structure model' struct_site                   
# 
loop_
_pdbx_audit_revision_item.ordinal 
_pdbx_audit_revision_item.revision_ordinal 
_pdbx_audit_revision_item.data_content_type 
_pdbx_audit_revision_item.item 
1  3 'Structure model' '_database_2.pdbx_DOI'                        
2  3 'Structure model' '_database_2.pdbx_database_accession'         
3  3 'Structure model' '_pdbx_struct_conn_angle.ptnr1_auth_comp_id'  
4  3 'Structure model' '_pdbx_struct_conn_angle.ptnr1_auth_seq_id'   
5  3 'Structure model' '_pdbx_struct_conn_angle.ptnr1_label_asym_id' 
6  3 'Structure model' '_pdbx_struct_conn_angle.ptnr1_label_atom_id' 
7  3 'Structure model' '_pdbx_struct_conn_angle.ptnr1_label_comp_id' 
8  3 'Structure model' '_pdbx_struct_conn_angle.ptnr1_label_seq_id'  
9  3 'Structure model' '_pdbx_struct_conn_angle.ptnr2_auth_seq_id'   
10 3 'Structure model' '_pdbx_struct_conn_angle.ptnr2_label_asym_id' 
11 3 'Structure model' '_pdbx_struct_conn_angle.ptnr3_auth_comp_id'  
12 3 'Structure model' '_pdbx_struct_conn_angle.ptnr3_auth_seq_id'   
13 3 'Structure model' '_pdbx_struct_conn_angle.ptnr3_label_asym_id' 
14 3 'Structure model' '_pdbx_struct_conn_angle.ptnr3_label_atom_id' 
15 3 'Structure model' '_pdbx_struct_conn_angle.ptnr3_label_comp_id' 
16 3 'Structure model' '_pdbx_struct_conn_angle.ptnr3_label_seq_id'  
17 3 'Structure model' '_pdbx_struct_conn_angle.value'               
18 3 'Structure model' '_struct_conn.pdbx_dist_value'                
19 3 'Structure model' '_struct_conn.ptnr1_auth_comp_id'             
20 3 'Structure model' '_struct_conn.ptnr1_auth_seq_id'              
21 3 'Structure model' '_struct_conn.ptnr1_label_asym_id'            
22 3 'Structure model' '_struct_conn.ptnr1_label_atom_id'            
23 3 'Structure model' '_struct_conn.ptnr1_label_comp_id'            
24 3 'Structure model' '_struct_conn.ptnr1_label_seq_id'             
25 3 'Structure model' '_struct_conn.ptnr2_auth_comp_id'             
26 3 'Structure model' '_struct_conn.ptnr2_auth_seq_id'              
27 3 'Structure model' '_struct_conn.ptnr2_label_asym_id'            
28 3 'Structure model' '_struct_conn.ptnr2_label_atom_id'            
29 3 'Structure model' '_struct_conn.ptnr2_label_comp_id'            
30 3 'Structure model' '_struct_ref_seq_dif.details'                 
31 3 'Structure model' '_struct_site.pdbx_auth_asym_id'              
32 3 'Structure model' '_struct_site.pdbx_auth_comp_id'              
33 3 'Structure model' '_struct_site.pdbx_auth_seq_id'               
# 
loop_
_software.pdbx_ordinal 
_software.name 
_software.version 
_software.date 
_software.type 
_software.contact_author 
_software.contact_author_email 
_software.classification 
_software.location 
_software.language 
_software.citation_id 
1 REFMAC      5.7.0032 ?                program 'Garib N. Murshudov' garib@ysbl.york.ac.uk    refinement        
http://www.ccp4.ac.uk/dist/html/refmac5.html Fortran_77 ? 
2 PDB_EXTRACT 3.11     'April 22, 2011' package PDB                  deposit@deposit.rcsb.org 'data extraction' 
http://sw-tools.pdb.org/apps/PDB_EXTRACT/    C++        ? 
3 Blu-Ice     like     ?                ?       ?                    ?                        'data collection' ? ?          ? 
4 HKL-2000    .        ?                ?       ?                    ?                        'data reduction'  ? ?          ? 
5 HKL-2000    .        ?                ?       ?                    ?                        'data scaling'    ? ?          ? 
6 PHENIX      .        ?                ?       ?                    ?                        phasing           ? ?          ? 
# 
loop_
_pdbx_validate_close_contact.id 
_pdbx_validate_close_contact.PDB_model_num 
_pdbx_validate_close_contact.auth_atom_id_1 
_pdbx_validate_close_contact.auth_asym_id_1 
_pdbx_validate_close_contact.auth_comp_id_1 
_pdbx_validate_close_contact.auth_seq_id_1 
_pdbx_validate_close_contact.PDB_ins_code_1 
_pdbx_validate_close_contact.label_alt_id_1 
_pdbx_validate_close_contact.auth_atom_id_2 
_pdbx_validate_close_contact.auth_asym_id_2 
_pdbx_validate_close_contact.auth_comp_id_2 
_pdbx_validate_close_contact.auth_seq_id_2 
_pdbx_validate_close_contact.PDB_ins_code_2 
_pdbx_validate_close_contact.label_alt_id_2 
_pdbx_validate_close_contact.dist 
1 1 O   A HOH 491 ? ? O A HOH 493 ? ? 1.86 
2 1 OE1 A GLU 83  ? ? O A HOH 479 ? ? 2.10 
3 1 O   A HOH 492 ? ? O A HOH 493 ? ? 2.10 
# 
_pdbx_validate_symm_contact.id                1 
_pdbx_validate_symm_contact.PDB_model_num     1 
_pdbx_validate_symm_contact.auth_atom_id_1    O 
_pdbx_validate_symm_contact.auth_asym_id_1    A 
_pdbx_validate_symm_contact.auth_comp_id_1    HOH 
_pdbx_validate_symm_contact.auth_seq_id_1     344 
_pdbx_validate_symm_contact.PDB_ins_code_1    ? 
_pdbx_validate_symm_contact.label_alt_id_1    ? 
_pdbx_validate_symm_contact.site_symmetry_1   1_555 
_pdbx_validate_symm_contact.auth_atom_id_2    O 
_pdbx_validate_symm_contact.auth_asym_id_2    A 
_pdbx_validate_symm_contact.auth_comp_id_2    HOH 
_pdbx_validate_symm_contact.auth_seq_id_2     456 
_pdbx_validate_symm_contact.PDB_ins_code_2    ? 
_pdbx_validate_symm_contact.label_alt_id_2    ? 
_pdbx_validate_symm_contact.site_symmetry_2   3_545 
_pdbx_validate_symm_contact.dist              1.47 
# 
loop_
_pdbx_validate_rmsd_angle.id 
_pdbx_validate_rmsd_angle.PDB_model_num 
_pdbx_validate_rmsd_angle.auth_atom_id_1 
_pdbx_validate_rmsd_angle.auth_asym_id_1 
_pdbx_validate_rmsd_angle.auth_comp_id_1 
_pdbx_validate_rmsd_angle.auth_seq_id_1 
_pdbx_validate_rmsd_angle.PDB_ins_code_1 
_pdbx_validate_rmsd_angle.label_alt_id_1 
_pdbx_validate_rmsd_angle.auth_atom_id_2 
_pdbx_validate_rmsd_angle.auth_asym_id_2 
_pdbx_validate_rmsd_angle.auth_comp_id_2 
_pdbx_validate_rmsd_angle.auth_seq_id_2 
_pdbx_validate_rmsd_angle.PDB_ins_code_2 
_pdbx_validate_rmsd_angle.label_alt_id_2 
_pdbx_validate_rmsd_angle.auth_atom_id_3 
_pdbx_validate_rmsd_angle.auth_asym_id_3 
_pdbx_validate_rmsd_angle.auth_comp_id_3 
_pdbx_validate_rmsd_angle.auth_seq_id_3 
_pdbx_validate_rmsd_angle.PDB_ins_code_3 
_pdbx_validate_rmsd_angle.label_alt_id_3 
_pdbx_validate_rmsd_angle.angle_value 
_pdbx_validate_rmsd_angle.angle_target_value 
_pdbx_validate_rmsd_angle.angle_deviation 
_pdbx_validate_rmsd_angle.angle_standard_deviation 
_pdbx_validate_rmsd_angle.linker_flag 
1 1 NE A ARG 26  ? B CZ A ARG 26  ? B NH2 A ARG 26  ? B 116.73 120.30 -3.57 0.50 N 
2 1 CB A ASP 36  ? ? CG A ASP 36  ? ? OD2 A ASP 36  ? ? 112.01 118.30 -6.29 0.90 N 
3 1 CD A LYS 50  ? A CE A LYS 50  ? A NZ  A LYS 50  ? A 129.26 111.70 17.56 2.30 N 
4 1 NE A ARG 73  ? ? CZ A ARG 73  ? ? NH1 A ARG 73  ? ? 124.51 120.30 4.21  0.50 N 
5 1 NE A ARG 99  ? ? CZ A ARG 99  ? ? NH1 A ARG 99  ? ? 125.64 120.30 5.34  0.50 N 
6 1 NE A ARG 99  ? ? CZ A ARG 99  ? ? NH2 A ARG 99  ? ? 113.30 120.30 -7.00 0.50 N 
7 1 NE A ARG 115 ? ? CZ A ARG 115 ? ? NH1 A ARG 115 ? ? 116.88 120.30 -3.42 0.50 N 
8 1 NE A ARG 115 ? ? CZ A ARG 115 ? ? NH2 A ARG 115 ? ? 124.19 120.30 3.89  0.50 N 
9 1 NE A ARG 131 ? ? CZ A ARG 131 ? ? NH2 A ARG 131 ? ? 117.19 120.30 -3.11 0.50 N 
# 
loop_
_pdbx_validate_torsion.id 
_pdbx_validate_torsion.PDB_model_num 
_pdbx_validate_torsion.auth_comp_id 
_pdbx_validate_torsion.auth_asym_id 
_pdbx_validate_torsion.auth_seq_id 
_pdbx_validate_torsion.PDB_ins_code 
_pdbx_validate_torsion.label_alt_id 
_pdbx_validate_torsion.phi 
_pdbx_validate_torsion.psi 
1 1 ASP A 25  ? ? 53.65   -136.49 
2 1 ASN A 66  ? ? -141.10 10.11   
3 1 GLU A 93  ? ? -147.08 -46.57  
4 1 LYS A 144 ? ? -132.42 -40.82  
# 
loop_
_pdbx_unobs_or_zero_occ_atoms.id 
_pdbx_unobs_or_zero_occ_atoms.PDB_model_num 
_pdbx_unobs_or_zero_occ_atoms.polymer_flag 
_pdbx_unobs_or_zero_occ_atoms.occupancy_flag 
_pdbx_unobs_or_zero_occ_atoms.auth_asym_id 
_pdbx_unobs_or_zero_occ_atoms.auth_comp_id 
_pdbx_unobs_or_zero_occ_atoms.auth_seq_id 
_pdbx_unobs_or_zero_occ_atoms.PDB_ins_code 
_pdbx_unobs_or_zero_occ_atoms.auth_atom_id 
_pdbx_unobs_or_zero_occ_atoms.label_alt_id 
_pdbx_unobs_or_zero_occ_atoms.label_asym_id 
_pdbx_unobs_or_zero_occ_atoms.label_comp_id 
_pdbx_unobs_or_zero_occ_atoms.label_seq_id 
_pdbx_unobs_or_zero_occ_atoms.label_atom_id 
1 1 Y 1 A LYS 2 ? CG ? A LYS 13 CG 
2 1 Y 1 A LYS 2 ? CD ? A LYS 13 CD 
3 1 Y 1 A LYS 2 ? CE ? A LYS 13 CE 
4 1 Y 1 A LYS 2 ? NZ ? A LYS 13 NZ 
5 1 Y 1 A LYS 3 ? CE ? A LYS 14 CE 
6 1 Y 1 A LYS 3 ? NZ ? A LYS 14 NZ 
# 
loop_
_pdbx_unobs_or_zero_occ_residues.id 
_pdbx_unobs_or_zero_occ_residues.PDB_model_num 
_pdbx_unobs_or_zero_occ_residues.polymer_flag 
_pdbx_unobs_or_zero_occ_residues.occupancy_flag 
_pdbx_unobs_or_zero_occ_residues.auth_asym_id 
_pdbx_unobs_or_zero_occ_residues.auth_comp_id 
_pdbx_unobs_or_zero_occ_residues.auth_seq_id 
_pdbx_unobs_or_zero_occ_residues.PDB_ins_code 
_pdbx_unobs_or_zero_occ_residues.label_asym_id 
_pdbx_unobs_or_zero_occ_residues.label_comp_id 
_pdbx_unobs_or_zero_occ_residues.label_seq_id 
1  1 Y 1 A MET -10 ? A MET 1  
2  1 Y 1 A HIS -9  ? A HIS 2  
3  1 Y 1 A HIS -8  ? A HIS 3  
4  1 Y 1 A HIS -7  ? A HIS 4  
5  1 Y 1 A HIS -6  ? A HIS 5  
6  1 Y 1 A HIS -5  ? A HIS 6  
7  1 Y 1 A HIS -4  ? A HIS 7  
8  1 Y 1 A ILE -3  ? A ILE 8  
9  1 Y 1 A THR -2  ? A THR 9  
10 1 Y 1 A SER -1  ? A SER 10 
11 1 Y 1 A LEU 0   ? A LEU 11 
# 
loop_
_chem_comp_atom.comp_id 
_chem_comp_atom.atom_id 
_chem_comp_atom.type_symbol 
_chem_comp_atom.pdbx_aromatic_flag 
_chem_comp_atom.pdbx_stereo_config 
_chem_comp_atom.pdbx_ordinal 
ALA N    N  N N 1   
ALA CA   C  N S 2   
ALA C    C  N N 3   
ALA O    O  N N 4   
ALA CB   C  N N 5   
ALA OXT  O  N N 6   
ALA H    H  N N 7   
ALA H2   H  N N 8   
ALA HA   H  N N 9   
ALA HB1  H  N N 10  
ALA HB2  H  N N 11  
ALA HB3  H  N N 12  
ALA HXT  H  N N 13  
ARG N    N  N N 14  
ARG CA   C  N S 15  
ARG C    C  N N 16  
ARG O    O  N N 17  
ARG CB   C  N N 18  
ARG CG   C  N N 19  
ARG CD   C  N N 20  
ARG NE   N  N N 21  
ARG CZ   C  N N 22  
ARG NH1  N  N N 23  
ARG NH2  N  N N 24  
ARG OXT  O  N N 25  
ARG H    H  N N 26  
ARG H2   H  N N 27  
ARG HA   H  N N 28  
ARG HB2  H  N N 29  
ARG HB3  H  N N 30  
ARG HG2  H  N N 31  
ARG HG3  H  N N 32  
ARG HD2  H  N N 33  
ARG HD3  H  N N 34  
ARG HE   H  N N 35  
ARG HH11 H  N N 36  
ARG HH12 H  N N 37  
ARG HH21 H  N N 38  
ARG HH22 H  N N 39  
ARG HXT  H  N N 40  
ASN N    N  N N 41  
ASN CA   C  N S 42  
ASN C    C  N N 43  
ASN O    O  N N 44  
ASN CB   C  N N 45  
ASN CG   C  N N 46  
ASN OD1  O  N N 47  
ASN ND2  N  N N 48  
ASN OXT  O  N N 49  
ASN H    H  N N 50  
ASN H2   H  N N 51  
ASN HA   H  N N 52  
ASN HB2  H  N N 53  
ASN HB3  H  N N 54  
ASN HD21 H  N N 55  
ASN HD22 H  N N 56  
ASN HXT  H  N N 57  
ASP N    N  N N 58  
ASP CA   C  N S 59  
ASP C    C  N N 60  
ASP O    O  N N 61  
ASP CB   C  N N 62  
ASP CG   C  N N 63  
ASP OD1  O  N N 64  
ASP OD2  O  N N 65  
ASP OXT  O  N N 66  
ASP H    H  N N 67  
ASP H2   H  N N 68  
ASP HA   H  N N 69  
ASP HB2  H  N N 70  
ASP HB3  H  N N 71  
ASP HD2  H  N N 72  
ASP HXT  H  N N 73  
CA  CA   CA N N 74  
GLN N    N  N N 75  
GLN CA   C  N S 76  
GLN C    C  N N 77  
GLN O    O  N N 78  
GLN CB   C  N N 79  
GLN CG   C  N N 80  
GLN CD   C  N N 81  
GLN OE1  O  N N 82  
GLN NE2  N  N N 83  
GLN OXT  O  N N 84  
GLN H    H  N N 85  
GLN H2   H  N N 86  
GLN HA   H  N N 87  
GLN HB2  H  N N 88  
GLN HB3  H  N N 89  
GLN HG2  H  N N 90  
GLN HG3  H  N N 91  
GLN HE21 H  N N 92  
GLN HE22 H  N N 93  
GLN HXT  H  N N 94  
GLU N    N  N N 95  
GLU CA   C  N S 96  
GLU C    C  N N 97  
GLU O    O  N N 98  
GLU CB   C  N N 99  
GLU CG   C  N N 100 
GLU CD   C  N N 101 
GLU OE1  O  N N 102 
GLU OE2  O  N N 103 
GLU OXT  O  N N 104 
GLU H    H  N N 105 
GLU H2   H  N N 106 
GLU HA   H  N N 107 
GLU HB2  H  N N 108 
GLU HB3  H  N N 109 
GLU HG2  H  N N 110 
GLU HG3  H  N N 111 
GLU HE2  H  N N 112 
GLU HXT  H  N N 113 
GLY N    N  N N 114 
GLY CA   C  N N 115 
GLY C    C  N N 116 
GLY O    O  N N 117 
GLY OXT  O  N N 118 
GLY H    H  N N 119 
GLY H2   H  N N 120 
GLY HA2  H  N N 121 
GLY HA3  H  N N 122 
GLY HXT  H  N N 123 
HIS N    N  N N 124 
HIS CA   C  N S 125 
HIS C    C  N N 126 
HIS O    O  N N 127 
HIS CB   C  N N 128 
HIS CG   C  Y N 129 
HIS ND1  N  Y N 130 
HIS CD2  C  Y N 131 
HIS CE1  C  Y N 132 
HIS NE2  N  Y N 133 
HIS OXT  O  N N 134 
HIS H    H  N N 135 
HIS H2   H  N N 136 
HIS HA   H  N N 137 
HIS HB2  H  N N 138 
HIS HB3  H  N N 139 
HIS HD1  H  N N 140 
HIS HD2  H  N N 141 
HIS HE1  H  N N 142 
HIS HE2  H  N N 143 
HIS HXT  H  N N 144 
HOH O    O  N N 145 
HOH H1   H  N N 146 
HOH H2   H  N N 147 
ILE N    N  N N 148 
ILE CA   C  N S 149 
ILE C    C  N N 150 
ILE O    O  N N 151 
ILE CB   C  N S 152 
ILE CG1  C  N N 153 
ILE CG2  C  N N 154 
ILE CD1  C  N N 155 
ILE OXT  O  N N 156 
ILE H    H  N N 157 
ILE H2   H  N N 158 
ILE HA   H  N N 159 
ILE HB   H  N N 160 
ILE HG12 H  N N 161 
ILE HG13 H  N N 162 
ILE HG21 H  N N 163 
ILE HG22 H  N N 164 
ILE HG23 H  N N 165 
ILE HD11 H  N N 166 
ILE HD12 H  N N 167 
ILE HD13 H  N N 168 
ILE HXT  H  N N 169 
LEU N    N  N N 170 
LEU CA   C  N S 171 
LEU C    C  N N 172 
LEU O    O  N N 173 
LEU CB   C  N N 174 
LEU CG   C  N N 175 
LEU CD1  C  N N 176 
LEU CD2  C  N N 177 
LEU OXT  O  N N 178 
LEU H    H  N N 179 
LEU H2   H  N N 180 
LEU HA   H  N N 181 
LEU HB2  H  N N 182 
LEU HB3  H  N N 183 
LEU HG   H  N N 184 
LEU HD11 H  N N 185 
LEU HD12 H  N N 186 
LEU HD13 H  N N 187 
LEU HD21 H  N N 188 
LEU HD22 H  N N 189 
LEU HD23 H  N N 190 
LEU HXT  H  N N 191 
LYS N    N  N N 192 
LYS CA   C  N S 193 
LYS C    C  N N 194 
LYS O    O  N N 195 
LYS CB   C  N N 196 
LYS CG   C  N N 197 
LYS CD   C  N N 198 
LYS CE   C  N N 199 
LYS NZ   N  N N 200 
LYS OXT  O  N N 201 
LYS H    H  N N 202 
LYS H2   H  N N 203 
LYS HA   H  N N 204 
LYS HB2  H  N N 205 
LYS HB3  H  N N 206 
LYS HG2  H  N N 207 
LYS HG3  H  N N 208 
LYS HD2  H  N N 209 
LYS HD3  H  N N 210 
LYS HE2  H  N N 211 
LYS HE3  H  N N 212 
LYS HZ1  H  N N 213 
LYS HZ2  H  N N 214 
LYS HZ3  H  N N 215 
LYS HXT  H  N N 216 
MET N    N  N N 217 
MET CA   C  N S 218 
MET C    C  N N 219 
MET O    O  N N 220 
MET CB   C  N N 221 
MET CG   C  N N 222 
MET SD   S  N N 223 
MET CE   C  N N 224 
MET OXT  O  N N 225 
MET H    H  N N 226 
MET H2   H  N N 227 
MET HA   H  N N 228 
MET HB2  H  N N 229 
MET HB3  H  N N 230 
MET HG2  H  N N 231 
MET HG3  H  N N 232 
MET HE1  H  N N 233 
MET HE2  H  N N 234 
MET HE3  H  N N 235 
MET HXT  H  N N 236 
PHE N    N  N N 237 
PHE CA   C  N S 238 
PHE C    C  N N 239 
PHE O    O  N N 240 
PHE CB   C  N N 241 
PHE CG   C  Y N 242 
PHE CD1  C  Y N 243 
PHE CD2  C  Y N 244 
PHE CE1  C  Y N 245 
PHE CE2  C  Y N 246 
PHE CZ   C  Y N 247 
PHE OXT  O  N N 248 
PHE H    H  N N 249 
PHE H2   H  N N 250 
PHE HA   H  N N 251 
PHE HB2  H  N N 252 
PHE HB3  H  N N 253 
PHE HD1  H  N N 254 
PHE HD2  H  N N 255 
PHE HE1  H  N N 256 
PHE HE2  H  N N 257 
PHE HZ   H  N N 258 
PHE HXT  H  N N 259 
PRO N    N  N N 260 
PRO CA   C  N S 261 
PRO C    C  N N 262 
PRO O    O  N N 263 
PRO CB   C  N N 264 
PRO CG   C  N N 265 
PRO CD   C  N N 266 
PRO OXT  O  N N 267 
PRO H    H  N N 268 
PRO HA   H  N N 269 
PRO HB2  H  N N 270 
PRO HB3  H  N N 271 
PRO HG2  H  N N 272 
PRO HG3  H  N N 273 
PRO HD2  H  N N 274 
PRO HD3  H  N N 275 
PRO HXT  H  N N 276 
SER N    N  N N 277 
SER CA   C  N S 278 
SER C    C  N N 279 
SER O    O  N N 280 
SER CB   C  N N 281 
SER OG   O  N N 282 
SER OXT  O  N N 283 
SER H    H  N N 284 
SER H2   H  N N 285 
SER HA   H  N N 286 
SER HB2  H  N N 287 
SER HB3  H  N N 288 
SER HG   H  N N 289 
SER HXT  H  N N 290 
THR N    N  N N 291 
THR CA   C  N S 292 
THR C    C  N N 293 
THR O    O  N N 294 
THR CB   C  N R 295 
THR OG1  O  N N 296 
THR CG2  C  N N 297 
THR OXT  O  N N 298 
THR H    H  N N 299 
THR H2   H  N N 300 
THR HA   H  N N 301 
THR HB   H  N N 302 
THR HG1  H  N N 303 
THR HG21 H  N N 304 
THR HG22 H  N N 305 
THR HG23 H  N N 306 
THR HXT  H  N N 307 
TRP N    N  N N 308 
TRP CA   C  N S 309 
TRP C    C  N N 310 
TRP O    O  N N 311 
TRP CB   C  N N 312 
TRP CG   C  Y N 313 
TRP CD1  C  Y N 314 
TRP CD2  C  Y N 315 
TRP NE1  N  Y N 316 
TRP CE2  C  Y N 317 
TRP CE3  C  Y N 318 
TRP CZ2  C  Y N 319 
TRP CZ3  C  Y N 320 
TRP CH2  C  Y N 321 
TRP OXT  O  N N 322 
TRP H    H  N N 323 
TRP H2   H  N N 324 
TRP HA   H  N N 325 
TRP HB2  H  N N 326 
TRP HB3  H  N N 327 
TRP HD1  H  N N 328 
TRP HE1  H  N N 329 
TRP HE3  H  N N 330 
TRP HZ2  H  N N 331 
TRP HZ3  H  N N 332 
TRP HH2  H  N N 333 
TRP HXT  H  N N 334 
TYR N    N  N N 335 
TYR CA   C  N S 336 
TYR C    C  N N 337 
TYR O    O  N N 338 
TYR CB   C  N N 339 
TYR CG   C  Y N 340 
TYR CD1  C  Y N 341 
TYR CD2  C  Y N 342 
TYR CE1  C  Y N 343 
TYR CE2  C  Y N 344 
TYR CZ   C  Y N 345 
TYR OH   O  N N 346 
TYR OXT  O  N N 347 
TYR H    H  N N 348 
TYR H2   H  N N 349 
TYR HA   H  N N 350 
TYR HB2  H  N N 351 
TYR HB3  H  N N 352 
TYR HD1  H  N N 353 
TYR HD2  H  N N 354 
TYR HE1  H  N N 355 
TYR HE2  H  N N 356 
TYR HH   H  N N 357 
TYR HXT  H  N N 358 
VAL N    N  N N 359 
VAL CA   C  N S 360 
VAL C    C  N N 361 
VAL O    O  N N 362 
VAL CB   C  N N 363 
VAL CG1  C  N N 364 
VAL CG2  C  N N 365 
VAL OXT  O  N N 366 
VAL H    H  N N 367 
VAL H2   H  N N 368 
VAL HA   H  N N 369 
VAL HB   H  N N 370 
VAL HG11 H  N N 371 
VAL HG12 H  N N 372 
VAL HG13 H  N N 373 
VAL HG21 H  N N 374 
VAL HG22 H  N N 375 
VAL HG23 H  N N 376 
VAL HXT  H  N N 377 
# 
loop_
_chem_comp_bond.comp_id 
_chem_comp_bond.atom_id_1 
_chem_comp_bond.atom_id_2 
_chem_comp_bond.value_order 
_chem_comp_bond.pdbx_aromatic_flag 
_chem_comp_bond.pdbx_stereo_config 
_chem_comp_bond.pdbx_ordinal 
ALA N   CA   sing N N 1   
ALA N   H    sing N N 2   
ALA N   H2   sing N N 3   
ALA CA  C    sing N N 4   
ALA CA  CB   sing N N 5   
ALA CA  HA   sing N N 6   
ALA C   O    doub N N 7   
ALA C   OXT  sing N N 8   
ALA CB  HB1  sing N N 9   
ALA CB  HB2  sing N N 10  
ALA CB  HB3  sing N N 11  
ALA OXT HXT  sing N N 12  
ARG N   CA   sing N N 13  
ARG N   H    sing N N 14  
ARG N   H2   sing N N 15  
ARG CA  C    sing N N 16  
ARG CA  CB   sing N N 17  
ARG CA  HA   sing N N 18  
ARG C   O    doub N N 19  
ARG C   OXT  sing N N 20  
ARG CB  CG   sing N N 21  
ARG CB  HB2  sing N N 22  
ARG CB  HB3  sing N N 23  
ARG CG  CD   sing N N 24  
ARG CG  HG2  sing N N 25  
ARG CG  HG3  sing N N 26  
ARG CD  NE   sing N N 27  
ARG CD  HD2  sing N N 28  
ARG CD  HD3  sing N N 29  
ARG NE  CZ   sing N N 30  
ARG NE  HE   sing N N 31  
ARG CZ  NH1  sing N N 32  
ARG CZ  NH2  doub N N 33  
ARG NH1 HH11 sing N N 34  
ARG NH1 HH12 sing N N 35  
ARG NH2 HH21 sing N N 36  
ARG NH2 HH22 sing N N 37  
ARG OXT HXT  sing N N 38  
ASN N   CA   sing N N 39  
ASN N   H    sing N N 40  
ASN N   H2   sing N N 41  
ASN CA  C    sing N N 42  
ASN CA  CB   sing N N 43  
ASN CA  HA   sing N N 44  
ASN C   O    doub N N 45  
ASN C   OXT  sing N N 46  
ASN CB  CG   sing N N 47  
ASN CB  HB2  sing N N 48  
ASN CB  HB3  sing N N 49  
ASN CG  OD1  doub N N 50  
ASN CG  ND2  sing N N 51  
ASN ND2 HD21 sing N N 52  
ASN ND2 HD22 sing N N 53  
ASN OXT HXT  sing N N 54  
ASP N   CA   sing N N 55  
ASP N   H    sing N N 56  
ASP N   H2   sing N N 57  
ASP CA  C    sing N N 58  
ASP CA  CB   sing N N 59  
ASP CA  HA   sing N N 60  
ASP C   O    doub N N 61  
ASP C   OXT  sing N N 62  
ASP CB  CG   sing N N 63  
ASP CB  HB2  sing N N 64  
ASP CB  HB3  sing N N 65  
ASP CG  OD1  doub N N 66  
ASP CG  OD2  sing N N 67  
ASP OD2 HD2  sing N N 68  
ASP OXT HXT  sing N N 69  
GLN N   CA   sing N N 70  
GLN N   H    sing N N 71  
GLN N   H2   sing N N 72  
GLN CA  C    sing N N 73  
GLN CA  CB   sing N N 74  
GLN CA  HA   sing N N 75  
GLN C   O    doub N N 76  
GLN C   OXT  sing N N 77  
GLN CB  CG   sing N N 78  
GLN CB  HB2  sing N N 79  
GLN CB  HB3  sing N N 80  
GLN CG  CD   sing N N 81  
GLN CG  HG2  sing N N 82  
GLN CG  HG3  sing N N 83  
GLN CD  OE1  doub N N 84  
GLN CD  NE2  sing N N 85  
GLN NE2 HE21 sing N N 86  
GLN NE2 HE22 sing N N 87  
GLN OXT HXT  sing N N 88  
GLU N   CA   sing N N 89  
GLU N   H    sing N N 90  
GLU N   H2   sing N N 91  
GLU CA  C    sing N N 92  
GLU CA  CB   sing N N 93  
GLU CA  HA   sing N N 94  
GLU C   O    doub N N 95  
GLU C   OXT  sing N N 96  
GLU CB  CG   sing N N 97  
GLU CB  HB2  sing N N 98  
GLU CB  HB3  sing N N 99  
GLU CG  CD   sing N N 100 
GLU CG  HG2  sing N N 101 
GLU CG  HG3  sing N N 102 
GLU CD  OE1  doub N N 103 
GLU CD  OE2  sing N N 104 
GLU OE2 HE2  sing N N 105 
GLU OXT HXT  sing N N 106 
GLY N   CA   sing N N 107 
GLY N   H    sing N N 108 
GLY N   H2   sing N N 109 
GLY CA  C    sing N N 110 
GLY CA  HA2  sing N N 111 
GLY CA  HA3  sing N N 112 
GLY C   O    doub N N 113 
GLY C   OXT  sing N N 114 
GLY OXT HXT  sing N N 115 
HIS N   CA   sing N N 116 
HIS N   H    sing N N 117 
HIS N   H2   sing N N 118 
HIS CA  C    sing N N 119 
HIS CA  CB   sing N N 120 
HIS CA  HA   sing N N 121 
HIS C   O    doub N N 122 
HIS C   OXT  sing N N 123 
HIS CB  CG   sing N N 124 
HIS CB  HB2  sing N N 125 
HIS CB  HB3  sing N N 126 
HIS CG  ND1  sing Y N 127 
HIS CG  CD2  doub Y N 128 
HIS ND1 CE1  doub Y N 129 
HIS ND1 HD1  sing N N 130 
HIS CD2 NE2  sing Y N 131 
HIS CD2 HD2  sing N N 132 
HIS CE1 NE2  sing Y N 133 
HIS CE1 HE1  sing N N 134 
HIS NE2 HE2  sing N N 135 
HIS OXT HXT  sing N N 136 
HOH O   H1   sing N N 137 
HOH O   H2   sing N N 138 
ILE N   CA   sing N N 139 
ILE N   H    sing N N 140 
ILE N   H2   sing N N 141 
ILE CA  C    sing N N 142 
ILE CA  CB   sing N N 143 
ILE CA  HA   sing N N 144 
ILE C   O    doub N N 145 
ILE C   OXT  sing N N 146 
ILE CB  CG1  sing N N 147 
ILE CB  CG2  sing N N 148 
ILE CB  HB   sing N N 149 
ILE CG1 CD1  sing N N 150 
ILE CG1 HG12 sing N N 151 
ILE CG1 HG13 sing N N 152 
ILE CG2 HG21 sing N N 153 
ILE CG2 HG22 sing N N 154 
ILE CG2 HG23 sing N N 155 
ILE CD1 HD11 sing N N 156 
ILE CD1 HD12 sing N N 157 
ILE CD1 HD13 sing N N 158 
ILE OXT HXT  sing N N 159 
LEU N   CA   sing N N 160 
LEU N   H    sing N N 161 
LEU N   H2   sing N N 162 
LEU CA  C    sing N N 163 
LEU CA  CB   sing N N 164 
LEU CA  HA   sing N N 165 
LEU C   O    doub N N 166 
LEU C   OXT  sing N N 167 
LEU CB  CG   sing N N 168 
LEU CB  HB2  sing N N 169 
LEU CB  HB3  sing N N 170 
LEU CG  CD1  sing N N 171 
LEU CG  CD2  sing N N 172 
LEU CG  HG   sing N N 173 
LEU CD1 HD11 sing N N 174 
LEU CD1 HD12 sing N N 175 
LEU CD1 HD13 sing N N 176 
LEU CD2 HD21 sing N N 177 
LEU CD2 HD22 sing N N 178 
LEU CD2 HD23 sing N N 179 
LEU OXT HXT  sing N N 180 
LYS N   CA   sing N N 181 
LYS N   H    sing N N 182 
LYS N   H2   sing N N 183 
LYS CA  C    sing N N 184 
LYS CA  CB   sing N N 185 
LYS CA  HA   sing N N 186 
LYS C   O    doub N N 187 
LYS C   OXT  sing N N 188 
LYS CB  CG   sing N N 189 
LYS CB  HB2  sing N N 190 
LYS CB  HB3  sing N N 191 
LYS CG  CD   sing N N 192 
LYS CG  HG2  sing N N 193 
LYS CG  HG3  sing N N 194 
LYS CD  CE   sing N N 195 
LYS CD  HD2  sing N N 196 
LYS CD  HD3  sing N N 197 
LYS CE  NZ   sing N N 198 
LYS CE  HE2  sing N N 199 
LYS CE  HE3  sing N N 200 
LYS NZ  HZ1  sing N N 201 
LYS NZ  HZ2  sing N N 202 
LYS NZ  HZ3  sing N N 203 
LYS OXT HXT  sing N N 204 
MET N   CA   sing N N 205 
MET N   H    sing N N 206 
MET N   H2   sing N N 207 
MET CA  C    sing N N 208 
MET CA  CB   sing N N 209 
MET CA  HA   sing N N 210 
MET C   O    doub N N 211 
MET C   OXT  sing N N 212 
MET CB  CG   sing N N 213 
MET CB  HB2  sing N N 214 
MET CB  HB3  sing N N 215 
MET CG  SD   sing N N 216 
MET CG  HG2  sing N N 217 
MET CG  HG3  sing N N 218 
MET SD  CE   sing N N 219 
MET CE  HE1  sing N N 220 
MET CE  HE2  sing N N 221 
MET CE  HE3  sing N N 222 
MET OXT HXT  sing N N 223 
PHE N   CA   sing N N 224 
PHE N   H    sing N N 225 
PHE N   H2   sing N N 226 
PHE CA  C    sing N N 227 
PHE CA  CB   sing N N 228 
PHE CA  HA   sing N N 229 
PHE C   O    doub N N 230 
PHE C   OXT  sing N N 231 
PHE CB  CG   sing N N 232 
PHE CB  HB2  sing N N 233 
PHE CB  HB3  sing N N 234 
PHE CG  CD1  doub Y N 235 
PHE CG  CD2  sing Y N 236 
PHE CD1 CE1  sing Y N 237 
PHE CD1 HD1  sing N N 238 
PHE CD2 CE2  doub Y N 239 
PHE CD2 HD2  sing N N 240 
PHE CE1 CZ   doub Y N 241 
PHE CE1 HE1  sing N N 242 
PHE CE2 CZ   sing Y N 243 
PHE CE2 HE2  sing N N 244 
PHE CZ  HZ   sing N N 245 
PHE OXT HXT  sing N N 246 
PRO N   CA   sing N N 247 
PRO N   CD   sing N N 248 
PRO N   H    sing N N 249 
PRO CA  C    sing N N 250 
PRO CA  CB   sing N N 251 
PRO CA  HA   sing N N 252 
PRO C   O    doub N N 253 
PRO C   OXT  sing N N 254 
PRO CB  CG   sing N N 255 
PRO CB  HB2  sing N N 256 
PRO CB  HB3  sing N N 257 
PRO CG  CD   sing N N 258 
PRO CG  HG2  sing N N 259 
PRO CG  HG3  sing N N 260 
PRO CD  HD2  sing N N 261 
PRO CD  HD3  sing N N 262 
PRO OXT HXT  sing N N 263 
SER N   CA   sing N N 264 
SER N   H    sing N N 265 
SER N   H2   sing N N 266 
SER CA  C    sing N N 267 
SER CA  CB   sing N N 268 
SER CA  HA   sing N N 269 
SER C   O    doub N N 270 
SER C   OXT  sing N N 271 
SER CB  OG   sing N N 272 
SER CB  HB2  sing N N 273 
SER CB  HB3  sing N N 274 
SER OG  HG   sing N N 275 
SER OXT HXT  sing N N 276 
THR N   CA   sing N N 277 
THR N   H    sing N N 278 
THR N   H2   sing N N 279 
THR CA  C    sing N N 280 
THR CA  CB   sing N N 281 
THR CA  HA   sing N N 282 
THR C   O    doub N N 283 
THR C   OXT  sing N N 284 
THR CB  OG1  sing N N 285 
THR CB  CG2  sing N N 286 
THR CB  HB   sing N N 287 
THR OG1 HG1  sing N N 288 
THR CG2 HG21 sing N N 289 
THR CG2 HG22 sing N N 290 
THR CG2 HG23 sing N N 291 
THR OXT HXT  sing N N 292 
TRP N   CA   sing N N 293 
TRP N   H    sing N N 294 
TRP N   H2   sing N N 295 
TRP CA  C    sing N N 296 
TRP CA  CB   sing N N 297 
TRP CA  HA   sing N N 298 
TRP C   O    doub N N 299 
TRP C   OXT  sing N N 300 
TRP CB  CG   sing N N 301 
TRP CB  HB2  sing N N 302 
TRP CB  HB3  sing N N 303 
TRP CG  CD1  doub Y N 304 
TRP CG  CD2  sing Y N 305 
TRP CD1 NE1  sing Y N 306 
TRP CD1 HD1  sing N N 307 
TRP CD2 CE2  doub Y N 308 
TRP CD2 CE3  sing Y N 309 
TRP NE1 CE2  sing Y N 310 
TRP NE1 HE1  sing N N 311 
TRP CE2 CZ2  sing Y N 312 
TRP CE3 CZ3  doub Y N 313 
TRP CE3 HE3  sing N N 314 
TRP CZ2 CH2  doub Y N 315 
TRP CZ2 HZ2  sing N N 316 
TRP CZ3 CH2  sing Y N 317 
TRP CZ3 HZ3  sing N N 318 
TRP CH2 HH2  sing N N 319 
TRP OXT HXT  sing N N 320 
TYR N   CA   sing N N 321 
TYR N   H    sing N N 322 
TYR N   H2   sing N N 323 
TYR CA  C    sing N N 324 
TYR CA  CB   sing N N 325 
TYR CA  HA   sing N N 326 
TYR C   O    doub N N 327 
TYR C   OXT  sing N N 328 
TYR CB  CG   sing N N 329 
TYR CB  HB2  sing N N 330 
TYR CB  HB3  sing N N 331 
TYR CG  CD1  doub Y N 332 
TYR CG  CD2  sing Y N 333 
TYR CD1 CE1  sing Y N 334 
TYR CD1 HD1  sing N N 335 
TYR CD2 CE2  doub Y N 336 
TYR CD2 HD2  sing N N 337 
TYR CE1 CZ   doub Y N 338 
TYR CE1 HE1  sing N N 339 
TYR CE2 CZ   sing Y N 340 
TYR CE2 HE2  sing N N 341 
TYR CZ  OH   sing N N 342 
TYR OH  HH   sing N N 343 
TYR OXT HXT  sing N N 344 
VAL N   CA   sing N N 345 
VAL N   H    sing N N 346 
VAL N   H2   sing N N 347 
VAL CA  C    sing N N 348 
VAL CA  CB   sing N N 349 
VAL CA  HA   sing N N 350 
VAL C   O    doub N N 351 
VAL C   OXT  sing N N 352 
VAL CB  CG1  sing N N 353 
VAL CB  CG2  sing N N 354 
VAL CB  HB   sing N N 355 
VAL CG1 HG11 sing N N 356 
VAL CG1 HG12 sing N N 357 
VAL CG1 HG13 sing N N 358 
VAL CG2 HG21 sing N N 359 
VAL CG2 HG22 sing N N 360 
VAL CG2 HG23 sing N N 361 
VAL OXT HXT  sing N N 362 
# 
loop_
_pdbx_entity_nonpoly.entity_id 
_pdbx_entity_nonpoly.name 
_pdbx_entity_nonpoly.comp_id 
2 'CALCIUM ION' CA  
3 water         HOH 
# 
_pdbx_initial_refinement_model.id               1 
_pdbx_initial_refinement_model.entity_id_list   ? 
_pdbx_initial_refinement_model.type             'experimental model' 
_pdbx_initial_refinement_model.source_name      PDB 
_pdbx_initial_refinement_model.accession_code   2J1A 
_pdbx_initial_refinement_model.details          'PDB ENTRY 2J1A' 
# 
